data_4AOG
#
_entry.id   4AOG
#
_cell.length_a   1.000
_cell.length_b   1.000
_cell.length_c   1.000
_cell.angle_alpha   90.00
_cell.angle_beta   90.00
_cell.angle_gamma   90.00
#
_symmetry.space_group_name_H-M   'P 1'
#
_entity_poly.entity_id   1
_entity_poly.type   'polypeptide(L)'
_entity_poly.pdbx_seq_one_letter_code
;SPAAMERQVPYTPCSGLYGTAQCCATDVLGVADLDCANPPATLANATHFESTCAAIGQRARCCVLPILGQDILCQTPAGL
;
_entity_poly.pdbx_strand_id   A
#
# COMPACT_ATOMS: atom_id res chain seq x y z
N SER A 1 -13.33 35.55 -1.28
CA SER A 1 -13.17 34.13 -0.87
C SER A 1 -12.76 33.27 -2.07
N PRO A 2 -11.52 33.43 -2.55
CA PRO A 2 -11.00 32.66 -3.70
C PRO A 2 -11.05 31.15 -3.46
N ALA A 3 -11.73 30.44 -4.35
CA ALA A 3 -11.85 28.99 -4.24
C ALA A 3 -10.68 28.29 -4.95
N ALA A 4 -9.55 28.20 -4.26
CA ALA A 4 -8.36 27.58 -4.81
C ALA A 4 -7.94 26.37 -3.97
N MET A 5 -8.55 26.22 -2.81
CA MET A 5 -8.24 25.12 -1.90
C MET A 5 -9.44 24.19 -1.80
N GLU A 6 -10.60 24.76 -2.09
CA GLU A 6 -11.86 24.03 -2.05
C GLU A 6 -11.78 22.79 -2.95
N ARG A 7 -10.93 22.87 -3.96
CA ARG A 7 -10.75 21.78 -4.91
C ARG A 7 -9.45 21.07 -4.65
N GLN A 8 -9.51 20.18 -3.69
CA GLN A 8 -8.37 19.37 -3.30
C GLN A 8 -7.79 18.61 -4.49
N VAL A 9 -6.49 18.35 -4.45
CA VAL A 9 -5.81 17.64 -5.53
C VAL A 9 -5.74 16.15 -5.23
N PRO A 10 -5.66 15.31 -6.28
CA PRO A 10 -5.59 13.85 -6.14
C PRO A 10 -4.63 13.41 -5.05
N TYR A 11 -5.10 12.55 -4.15
CA TYR A 11 -4.29 12.05 -3.05
C TYR A 11 -3.01 11.40 -3.57
N THR A 12 -1.96 11.44 -2.76
CA THR A 12 -0.68 10.86 -3.13
C THR A 12 -0.35 9.64 -2.29
N PRO A 13 -0.62 8.42 -2.80
CA PRO A 13 -0.34 7.17 -2.08
C PRO A 13 1.11 7.07 -1.62
N CYS A 14 1.39 5.98 -0.91
CA CYS A 14 2.72 5.70 -0.38
C CYS A 14 3.82 6.35 -1.22
N SER A 15 4.47 7.38 -0.66
CA SER A 15 5.55 8.06 -1.38
C SER A 15 6.87 7.46 -0.94
N GLY A 16 7.56 6.84 -1.88
CA GLY A 16 8.81 6.19 -1.58
C GLY A 16 9.34 5.37 -2.74
N LEU A 17 10.14 4.36 -2.42
CA LEU A 17 10.70 3.45 -3.39
C LEU A 17 9.60 2.62 -4.07
N TYR A 18 8.63 2.19 -3.27
CA TYR A 18 7.52 1.36 -3.77
C TYR A 18 6.50 2.20 -4.54
N GLY A 19 6.29 3.40 -4.03
CA GLY A 19 5.39 4.36 -4.65
C GLY A 19 3.95 3.88 -4.81
N THR A 20 3.68 2.60 -4.53
CA THR A 20 2.34 2.07 -4.68
C THR A 20 1.72 1.69 -3.34
N ALA A 21 0.39 1.70 -3.27
CA ALA A 21 -0.34 1.37 -2.06
C ALA A 21 -1.27 0.19 -2.31
N GLN A 22 -0.93 -0.98 -1.76
CA GLN A 22 -1.74 -2.17 -1.96
C GLN A 22 -1.89 -2.98 -0.69
N CYS A 23 -2.45 -4.19 -0.84
CA CYS A 23 -2.68 -5.08 0.28
C CYS A 23 -2.22 -6.50 -0.06
N CYS A 24 -1.27 -7.03 0.70
CA CYS A 24 -0.77 -8.37 0.46
C CYS A 24 -0.80 -9.20 1.74
N ALA A 25 -0.36 -10.46 1.64
CA ALA A 25 -0.34 -11.36 2.77
C ALA A 25 1.09 -11.74 3.15
N THR A 26 1.26 -12.30 4.35
CA THR A 26 2.57 -12.69 4.82
C THR A 26 2.58 -14.12 5.35
N ASP A 27 3.75 -14.73 5.37
CA ASP A 27 3.90 -16.11 5.84
C ASP A 27 3.94 -16.18 7.37
N VAL A 28 4.25 -17.36 7.88
CA VAL A 28 4.32 -17.60 9.31
C VAL A 28 5.38 -16.75 10.00
N LEU A 29 6.59 -16.72 9.42
CA LEU A 29 7.70 -15.96 10.01
C LEU A 29 7.54 -14.46 9.76
N GLY A 30 6.73 -14.10 8.76
CA GLY A 30 6.52 -12.69 8.46
C GLY A 30 7.15 -12.25 7.16
N VAL A 31 8.04 -13.08 6.60
CA VAL A 31 8.70 -12.75 5.34
C VAL A 31 8.05 -13.47 4.18
N ALA A 32 7.32 -12.72 3.35
CA ALA A 32 6.65 -13.29 2.20
C ALA A 32 5.74 -12.27 1.52
N ASP A 33 5.39 -12.56 0.27
CA ASP A 33 4.51 -11.69 -0.51
C ASP A 33 3.39 -12.51 -1.14
N LEU A 34 2.56 -13.11 -0.29
CA LEU A 34 1.46 -13.94 -0.75
C LEU A 34 0.24 -13.13 -1.13
N ASP A 35 -0.35 -13.47 -2.27
CA ASP A 35 -1.54 -12.77 -2.77
C ASP A 35 -1.34 -11.27 -2.78
N CYS A 36 -0.69 -10.76 -3.83
CA CYS A 36 -0.45 -9.33 -3.97
C CYS A 36 -1.31 -8.76 -5.10
N ALA A 37 -2.01 -7.67 -4.82
CA ALA A 37 -2.87 -7.04 -5.80
C ALA A 37 -3.31 -5.65 -5.36
N ASN A 38 -3.96 -4.91 -6.25
CA ASN A 38 -4.44 -3.57 -5.93
C ASN A 38 -5.54 -3.63 -4.87
N PRO A 39 -5.58 -2.62 -3.96
CA PRO A 39 -6.58 -2.57 -2.90
C PRO A 39 -7.84 -1.82 -3.30
N PRO A 40 -9.02 -2.46 -3.24
CA PRO A 40 -10.27 -1.81 -3.60
C PRO A 40 -10.93 -1.15 -2.40
N ALA A 41 -10.98 0.18 -2.40
CA ALA A 41 -11.61 0.93 -1.32
C ALA A 41 -11.58 2.43 -1.62
N THR A 42 -12.04 3.23 -0.67
CA THR A 42 -12.02 4.67 -0.80
C THR A 42 -10.97 5.24 0.14
N LEU A 43 -9.74 5.35 -0.35
CA LEU A 43 -8.63 5.84 0.46
C LEU A 43 -8.84 7.30 0.87
N ALA A 44 -8.83 7.56 2.17
CA ALA A 44 -9.01 8.92 2.68
C ALA A 44 -7.81 9.40 3.50
N ASN A 45 -7.16 8.46 4.21
CA ASN A 45 -6.00 8.80 5.03
C ASN A 45 -5.21 7.55 5.40
N ALA A 46 -4.13 7.73 6.16
CA ALA A 46 -3.28 6.60 6.58
C ALA A 46 -4.09 5.48 7.21
N THR A 47 -4.80 5.80 8.28
CA THR A 47 -5.61 4.82 8.98
C THR A 47 -6.67 4.23 8.07
N HIS A 48 -7.20 5.07 7.18
CA HIS A 48 -8.22 4.63 6.24
C HIS A 48 -7.63 3.55 5.32
N PHE A 49 -6.35 3.69 5.00
CA PHE A 49 -5.66 2.72 4.15
C PHE A 49 -5.48 1.39 4.89
N GLU A 50 -5.24 1.47 6.19
CA GLU A 50 -5.05 0.28 7.01
C GLU A 50 -6.37 -0.49 7.10
N SER A 51 -7.47 0.24 7.04
CA SER A 51 -8.80 -0.38 7.11
C SER A 51 -9.16 -1.01 5.77
N THR A 52 -8.44 -0.62 4.72
CA THR A 52 -8.68 -1.15 3.40
C THR A 52 -8.17 -2.58 3.27
N CYS A 53 -6.99 -2.82 3.84
CA CYS A 53 -6.38 -4.15 3.78
C CYS A 53 -6.97 -5.06 4.86
N ALA A 54 -7.46 -4.47 5.94
CA ALA A 54 -8.03 -5.25 7.04
C ALA A 54 -9.44 -5.70 6.67
N ALA A 55 -10.01 -5.02 5.71
CA ALA A 55 -11.35 -5.33 5.22
C ALA A 55 -11.45 -6.73 4.65
N ILE A 56 -10.37 -7.17 3.98
CA ILE A 56 -10.35 -8.49 3.37
C ILE A 56 -9.43 -9.46 4.10
N GLY A 57 -8.97 -9.08 5.28
CA GLY A 57 -8.11 -9.97 6.06
C GLY A 57 -6.63 -9.86 5.67
N GLN A 58 -6.15 -8.65 5.44
CA GLN A 58 -4.76 -8.42 5.06
C GLN A 58 -4.21 -7.17 5.74
N ARG A 59 -2.93 -6.88 5.51
CA ARG A 59 -2.29 -5.72 6.12
C ARG A 59 -1.82 -4.73 5.05
N ALA A 60 -1.54 -3.49 5.46
CA ALA A 60 -1.10 -2.46 4.53
C ALA A 60 0.42 -2.50 4.32
N ARG A 61 0.84 -2.73 3.09
CA ARG A 61 2.25 -2.78 2.75
C ARG A 61 2.48 -2.27 1.32
N CYS A 62 3.36 -1.28 1.19
CA CYS A 62 3.66 -0.68 -0.10
C CYS A 62 4.75 -1.48 -0.81
N CYS A 63 4.37 -2.24 -1.85
CA CYS A 63 5.36 -3.04 -2.58
C CYS A 63 5.83 -2.34 -3.86
N VAL A 64 7.11 -2.51 -4.15
CA VAL A 64 7.73 -1.91 -5.33
C VAL A 64 7.71 -2.90 -6.50
N LEU A 65 7.52 -2.38 -7.70
CA LEU A 65 7.46 -3.20 -8.91
C LEU A 65 8.64 -4.17 -8.98
N PRO A 66 8.38 -5.44 -9.38
CA PRO A 66 9.43 -6.47 -9.48
C PRO A 66 10.50 -6.11 -10.50
N ILE A 67 11.75 -6.37 -10.14
CA ILE A 67 12.88 -6.08 -11.02
C ILE A 67 13.79 -7.30 -11.13
N LEU A 68 13.76 -7.96 -12.29
CA LEU A 68 14.58 -9.14 -12.53
C LEU A 68 16.04 -8.89 -12.16
N GLY A 69 16.49 -9.51 -11.06
CA GLY A 69 17.87 -9.35 -10.63
C GLY A 69 17.98 -8.99 -9.16
N GLN A 70 16.86 -8.60 -8.56
CA GLN A 70 16.85 -8.22 -7.15
C GLN A 70 15.66 -8.84 -6.43
N ASP A 71 15.70 -8.75 -5.11
CA ASP A 71 14.64 -9.29 -4.26
C ASP A 71 13.46 -8.31 -4.21
N ILE A 72 12.34 -8.78 -3.65
CA ILE A 72 11.16 -7.94 -3.53
C ILE A 72 11.22 -7.06 -2.28
N LEU A 73 10.93 -5.76 -2.44
CA LEU A 73 10.97 -4.83 -1.34
C LEU A 73 9.55 -4.38 -0.96
N CYS A 74 9.24 -4.41 0.33
CA CYS A 74 7.92 -3.99 0.82
C CYS A 74 7.96 -3.65 2.32
N GLN A 75 7.33 -2.53 2.69
CA GLN A 75 7.28 -2.09 4.08
C GLN A 75 6.03 -1.25 4.34
N THR A 76 5.69 -1.08 5.62
CA THR A 76 4.54 -0.29 6.01
C THR A 76 4.93 1.13 6.37
N PRO A 77 4.14 2.15 5.96
CA PRO A 77 4.45 3.55 6.24
C PRO A 77 4.19 3.95 7.69
N ALA A 78 5.21 4.49 8.34
CA ALA A 78 5.11 4.94 9.73
C ALA A 78 4.67 3.81 10.66
N GLY A 79 4.92 2.57 10.24
CA GLY A 79 4.54 1.43 11.05
C GLY A 79 3.04 1.35 11.22
N LEU A 80 2.33 1.76 10.18
CA LEU A 80 0.88 1.76 10.19
C LEU A 80 0.32 0.35 10.38
N SER A 1 -3.45 27.69 -0.81
CA SER A 1 -4.90 27.79 -0.50
C SER A 1 -5.46 26.42 -0.10
N PRO A 2 -5.28 26.02 1.18
CA PRO A 2 -5.77 24.73 1.68
C PRO A 2 -7.27 24.56 1.48
N ALA A 3 -7.65 23.69 0.55
CA ALA A 3 -9.05 23.42 0.27
C ALA A 3 -9.46 22.06 0.81
N ALA A 4 -10.27 22.07 1.87
CA ALA A 4 -10.73 20.83 2.49
C ALA A 4 -12.12 20.44 2.00
N MET A 5 -13.06 21.39 2.05
CA MET A 5 -14.43 21.12 1.62
C MET A 5 -14.73 21.79 0.28
N GLU A 6 -13.75 22.52 -0.26
CA GLU A 6 -13.91 23.20 -1.54
C GLU A 6 -13.66 22.24 -2.70
N ARG A 7 -12.41 21.86 -2.90
CA ARG A 7 -12.04 20.94 -3.97
C ARG A 7 -10.90 20.02 -3.52
N GLN A 8 -11.18 18.72 -3.54
CA GLN A 8 -10.20 17.73 -3.15
C GLN A 8 -9.33 17.30 -4.33
N VAL A 9 -8.02 17.24 -4.11
CA VAL A 9 -7.08 16.85 -5.16
C VAL A 9 -6.82 15.34 -5.12
N PRO A 10 -6.43 14.74 -6.27
CA PRO A 10 -6.14 13.31 -6.38
C PRO A 10 -5.25 12.80 -5.24
N TYR A 11 -5.70 11.72 -4.59
CA TYR A 11 -4.96 11.13 -3.49
C TYR A 11 -3.53 10.79 -3.91
N THR A 12 -2.63 10.76 -2.91
CA THR A 12 -1.23 10.44 -3.16
C THR A 12 -0.80 9.21 -2.37
N PRO A 13 -0.91 8.01 -2.97
CA PRO A 13 -0.53 6.75 -2.31
C PRO A 13 0.88 6.78 -1.74
N CYS A 14 1.27 5.69 -1.05
CA CYS A 14 2.60 5.58 -0.45
C CYS A 14 3.67 6.15 -1.38
N SER A 15 4.40 7.15 -0.89
CA SER A 15 5.45 7.78 -1.67
C SER A 15 6.80 7.20 -1.28
N GLY A 16 7.44 6.55 -2.24
CA GLY A 16 8.70 5.91 -1.98
C GLY A 16 9.21 5.12 -3.16
N LEU A 17 10.05 4.13 -2.86
CA LEU A 17 10.60 3.24 -3.86
C LEU A 17 9.51 2.35 -4.47
N TYR A 18 8.57 1.92 -3.64
CA TYR A 18 7.49 1.05 -4.09
C TYR A 18 6.39 1.82 -4.81
N GLY A 19 6.11 3.00 -4.27
CA GLY A 19 5.12 3.90 -4.86
C GLY A 19 3.73 3.31 -5.04
N THR A 20 3.56 1.99 -4.89
CA THR A 20 2.25 1.37 -5.08
C THR A 20 1.60 0.97 -3.76
N ALA A 21 0.34 1.35 -3.62
CA ALA A 21 -0.43 1.03 -2.41
C ALA A 21 -1.35 -0.15 -2.66
N GLN A 22 -0.93 -1.34 -2.22
CA GLN A 22 -1.72 -2.54 -2.42
C GLN A 22 -1.94 -3.27 -1.09
N CYS A 23 -2.55 -4.45 -1.17
CA CYS A 23 -2.82 -5.25 0.01
C CYS A 23 -2.47 -6.71 -0.25
N CYS A 24 -1.39 -7.18 0.35
CA CYS A 24 -0.95 -8.57 0.17
C CYS A 24 -0.58 -9.20 1.52
N ALA A 25 -0.74 -10.52 1.59
CA ALA A 25 -0.45 -11.29 2.80
C ALA A 25 1.05 -11.41 3.04
N THR A 26 1.39 -11.90 4.22
CA THR A 26 2.79 -12.08 4.59
C THR A 26 3.08 -13.51 5.06
N ASP A 27 4.34 -13.91 4.98
CA ASP A 27 4.75 -15.25 5.37
C ASP A 27 4.81 -15.39 6.90
N VAL A 28 5.38 -16.51 7.34
CA VAL A 28 5.50 -16.79 8.77
C VAL A 28 6.43 -15.82 9.48
N LEU A 29 7.60 -15.57 8.90
CA LEU A 29 8.58 -14.68 9.50
C LEU A 29 8.18 -13.21 9.37
N GLY A 30 7.29 -12.92 8.42
CA GLY A 30 6.83 -11.55 8.23
C GLY A 30 7.32 -10.92 6.94
N VAL A 31 8.37 -11.47 6.34
CA VAL A 31 8.91 -10.93 5.10
C VAL A 31 8.45 -11.75 3.90
N ALA A 32 7.55 -11.18 3.10
CA ALA A 32 7.02 -11.85 1.92
C ALA A 32 5.92 -11.02 1.25
N ASP A 33 5.49 -11.47 0.08
CA ASP A 33 4.44 -10.79 -0.66
C ASP A 33 3.51 -11.81 -1.31
N LEU A 34 2.54 -12.29 -0.55
CA LEU A 34 1.60 -13.29 -1.04
C LEU A 34 0.24 -12.68 -1.36
N ASP A 35 -0.31 -13.06 -2.51
CA ASP A 35 -1.62 -12.56 -2.93
C ASP A 35 -1.72 -11.04 -2.85
N CYS A 36 -1.26 -10.37 -3.91
CA CYS A 36 -1.33 -8.90 -3.95
C CYS A 36 -2.10 -8.42 -5.17
N ALA A 37 -2.94 -7.41 -4.98
CA ALA A 37 -3.75 -6.86 -6.06
C ALA A 37 -4.22 -5.45 -5.71
N ASN A 38 -5.00 -4.86 -6.62
CA ASN A 38 -5.53 -3.52 -6.40
C ASN A 38 -6.51 -3.49 -5.23
N PRO A 39 -6.28 -2.63 -4.23
CA PRO A 39 -7.15 -2.53 -3.06
C PRO A 39 -8.31 -1.57 -3.31
N PRO A 40 -9.57 -2.05 -3.16
CA PRO A 40 -10.74 -1.22 -3.38
C PRO A 40 -11.22 -0.54 -2.11
N ALA A 41 -11.11 0.78 -2.07
CA ALA A 41 -11.56 1.55 -0.91
C ALA A 41 -11.43 3.05 -1.19
N THR A 42 -11.82 3.85 -0.20
CA THR A 42 -11.71 5.29 -0.31
C THR A 42 -10.58 5.77 0.60
N LEU A 43 -9.36 5.78 0.06
CA LEU A 43 -8.18 6.18 0.82
C LEU A 43 -8.28 7.64 1.28
N ALA A 44 -8.24 7.85 2.59
CA ALA A 44 -8.32 9.19 3.14
C ALA A 44 -7.08 9.54 3.97
N ASN A 45 -6.52 8.54 4.65
CA ASN A 45 -5.33 8.75 5.47
C ASN A 45 -4.64 7.42 5.79
N ALA A 46 -3.55 7.51 6.56
CA ALA A 46 -2.78 6.32 6.93
C ALA A 46 -3.66 5.22 7.51
N THR A 47 -4.35 5.54 8.61
CA THR A 47 -5.22 4.58 9.26
C THR A 47 -6.33 4.12 8.32
N HIS A 48 -6.80 5.05 7.49
CA HIS A 48 -7.86 4.73 6.54
C HIS A 48 -7.36 3.68 5.55
N PHE A 49 -6.06 3.74 5.25
CA PHE A 49 -5.45 2.79 4.33
C PHE A 49 -5.37 1.40 4.98
N GLU A 50 -5.06 1.39 6.29
CA GLU A 50 -4.98 0.13 7.02
C GLU A 50 -6.33 -0.57 7.05
N SER A 51 -7.39 0.24 7.04
CA SER A 51 -8.75 -0.28 7.05
C SER A 51 -9.15 -0.83 5.68
N THR A 52 -8.35 -0.50 4.67
CA THR A 52 -8.61 -0.96 3.31
C THR A 52 -8.19 -2.42 3.13
N CYS A 53 -7.02 -2.75 3.64
CA CYS A 53 -6.50 -4.10 3.53
C CYS A 53 -7.08 -5.00 4.62
N ALA A 54 -7.46 -4.40 5.75
CA ALA A 54 -8.01 -5.15 6.86
C ALA A 54 -9.44 -5.55 6.56
N ALA A 55 -10.04 -4.84 5.62
CA ALA A 55 -11.40 -5.07 5.19
C ALA A 55 -11.57 -6.44 4.55
N ILE A 56 -10.57 -6.87 3.77
CA ILE A 56 -10.62 -8.14 3.09
C ILE A 56 -9.73 -9.21 3.72
N GLY A 57 -9.22 -8.93 4.92
CA GLY A 57 -8.40 -9.91 5.62
C GLY A 57 -6.91 -9.82 5.30
N GLN A 58 -6.39 -8.60 5.19
CA GLN A 58 -4.96 -8.40 4.90
C GLN A 58 -4.44 -7.12 5.56
N ARG A 59 -3.17 -6.82 5.33
CA ARG A 59 -2.55 -5.62 5.91
C ARG A 59 -1.97 -4.71 4.82
N ALA A 60 -1.86 -3.42 5.14
CA ALA A 60 -1.34 -2.44 4.19
C ALA A 60 0.16 -2.63 3.95
N ARG A 61 0.52 -2.88 2.70
CA ARG A 61 1.92 -3.08 2.33
C ARG A 61 2.23 -2.40 0.99
N CYS A 62 3.24 -1.54 0.99
CA CYS A 62 3.64 -0.84 -0.22
C CYS A 62 4.83 -1.57 -0.81
N CYS A 63 4.57 -2.41 -1.83
CA CYS A 63 5.64 -3.20 -2.44
C CYS A 63 5.98 -2.71 -3.85
N VAL A 64 7.27 -2.74 -4.16
CA VAL A 64 7.78 -2.32 -5.47
C VAL A 64 7.76 -3.48 -6.46
N LEU A 65 7.46 -3.17 -7.72
CA LEU A 65 7.39 -4.18 -8.77
C LEU A 65 8.62 -5.08 -8.77
N PRO A 66 8.44 -6.41 -8.91
CA PRO A 66 9.55 -7.36 -8.91
C PRO A 66 10.53 -7.11 -10.05
N ILE A 67 11.82 -7.13 -9.72
CA ILE A 67 12.87 -6.91 -10.72
C ILE A 67 13.91 -8.03 -10.66
N LEU A 68 13.86 -8.91 -11.66
CA LEU A 68 14.79 -10.04 -11.73
C LEU A 68 16.23 -9.57 -11.51
N GLY A 69 16.80 -9.98 -10.37
CA GLY A 69 18.17 -9.60 -10.05
C GLY A 69 18.30 -8.99 -8.66
N GLN A 70 17.17 -8.64 -8.07
CA GLN A 70 17.15 -8.06 -6.73
C GLN A 70 16.02 -8.63 -5.89
N ASP A 71 16.09 -8.36 -4.60
CA ASP A 71 15.08 -8.83 -3.66
C ASP A 71 13.85 -7.92 -3.70
N ILE A 72 12.74 -8.40 -3.14
CA ILE A 72 11.51 -7.61 -3.13
C ILE A 72 11.51 -6.62 -1.95
N LEU A 73 11.30 -5.34 -2.27
CA LEU A 73 11.29 -4.30 -1.26
C LEU A 73 9.86 -3.91 -0.90
N CYS A 74 9.45 -4.14 0.34
CA CYS A 74 8.10 -3.79 0.77
C CYS A 74 7.99 -3.72 2.28
N GLN A 75 7.25 -2.74 2.79
CA GLN A 75 7.08 -2.55 4.23
C GLN A 75 5.85 -1.70 4.54
N THR A 76 5.46 -1.69 5.82
CA THR A 76 4.30 -0.92 6.27
C THR A 76 4.73 0.40 6.92
N PRO A 77 4.21 1.55 6.43
CA PRO A 77 4.56 2.87 6.99
C PRO A 77 3.98 3.09 8.39
N ALA A 78 4.76 3.73 9.25
CA ALA A 78 4.34 4.03 10.62
C ALA A 78 4.11 2.76 11.43
N GLY A 79 4.29 1.61 10.81
CA GLY A 79 4.09 0.35 11.51
C GLY A 79 2.64 0.07 11.80
N LEU A 80 1.77 0.45 10.87
CA LEU A 80 0.33 0.24 11.02
C LEU A 80 0.01 -1.19 11.44
N SER A 1 2.35 27.37 -7.63
CA SER A 1 1.08 27.80 -6.97
C SER A 1 0.03 26.69 -7.04
N PRO A 2 0.23 25.59 -6.28
CA PRO A 2 -0.70 24.46 -6.25
C PRO A 2 -2.10 24.88 -5.83
N ALA A 3 -3.06 24.72 -6.73
CA ALA A 3 -4.45 25.09 -6.46
C ALA A 3 -5.10 24.05 -5.54
N ALA A 4 -5.96 24.54 -4.64
CA ALA A 4 -6.66 23.66 -3.70
C ALA A 4 -8.15 23.57 -4.01
N MET A 5 -8.72 24.69 -4.44
CA MET A 5 -10.15 24.74 -4.77
C MET A 5 -10.36 24.81 -6.27
N GLU A 6 -9.47 25.53 -6.94
CA GLU A 6 -9.55 25.71 -8.38
C GLU A 6 -9.54 24.35 -9.10
N ARG A 7 -8.38 23.69 -9.08
CA ARG A 7 -8.25 22.38 -9.70
C ARG A 7 -7.28 21.51 -8.92
N GLN A 8 -7.80 20.40 -8.40
CA GLN A 8 -6.99 19.47 -7.62
C GLN A 8 -6.09 18.66 -8.55
N VAL A 9 -4.90 18.30 -8.04
CA VAL A 9 -3.95 17.53 -8.82
C VAL A 9 -4.16 16.03 -8.62
N PRO A 10 -3.79 15.20 -9.61
CA PRO A 10 -3.93 13.75 -9.55
C PRO A 10 -3.52 13.18 -8.19
N TYR A 11 -4.35 12.30 -7.64
CA TYR A 11 -4.08 11.67 -6.35
C TYR A 11 -2.72 10.99 -6.36
N THR A 12 -2.12 10.85 -5.18
CA THR A 12 -0.82 10.21 -5.05
C THR A 12 -0.79 9.24 -3.87
N PRO A 13 -1.13 7.96 -4.11
CA PRO A 13 -1.12 6.93 -3.06
C PRO A 13 0.29 6.49 -2.70
N CYS A 14 0.40 5.78 -1.58
CA CYS A 14 1.71 5.30 -1.12
C CYS A 14 2.72 6.44 -1.07
N SER A 15 3.97 6.08 -0.84
CA SER A 15 5.04 7.04 -0.76
C SER A 15 6.27 6.60 -1.56
N GLY A 16 7.41 7.15 -1.16
CA GLY A 16 8.73 6.90 -1.75
C GLY A 16 8.91 5.64 -2.61
N LEU A 17 10.14 5.12 -2.54
CA LEU A 17 10.60 3.95 -3.30
C LEU A 17 9.49 3.00 -3.78
N TYR A 18 8.50 2.72 -2.94
CA TYR A 18 7.45 1.76 -3.34
C TYR A 18 6.56 2.33 -4.44
N GLY A 19 6.28 3.62 -4.38
CA GLY A 19 5.47 4.28 -5.42
C GLY A 19 4.07 3.71 -5.63
N THR A 20 3.78 2.51 -5.10
CA THR A 20 2.47 1.90 -5.31
C THR A 20 1.84 1.43 -4.01
N ALA A 21 0.51 1.38 -3.99
CA ALA A 21 -0.23 0.94 -2.81
C ALA A 21 -0.97 -0.35 -3.11
N GLN A 22 -0.60 -1.43 -2.42
CA GLN A 22 -1.22 -2.73 -2.66
C GLN A 22 -1.60 -3.41 -1.35
N CYS A 23 -1.98 -4.69 -1.45
CA CYS A 23 -2.37 -5.47 -0.29
C CYS A 23 -1.98 -6.93 -0.48
N CYS A 24 -1.33 -7.51 0.52
CA CYS A 24 -0.89 -8.89 0.44
C CYS A 24 -0.93 -9.58 1.81
N ALA A 25 -0.83 -10.90 1.79
CA ALA A 25 -0.84 -11.70 3.01
C ALA A 25 0.59 -11.95 3.48
N THR A 26 0.72 -12.47 4.70
CA THR A 26 2.04 -12.74 5.26
C THR A 26 2.18 -14.20 5.68
N ASP A 27 3.42 -14.68 5.74
CA ASP A 27 3.71 -16.05 6.12
C ASP A 27 3.75 -16.23 7.63
N VAL A 28 4.22 -17.39 8.07
CA VAL A 28 4.31 -17.70 9.48
C VAL A 28 5.25 -16.75 10.23
N LEU A 29 6.43 -16.49 9.67
CA LEU A 29 7.40 -15.61 10.31
C LEU A 29 7.07 -14.15 10.07
N GLY A 30 6.27 -13.87 9.04
CA GLY A 30 5.89 -12.50 8.74
C GLY A 30 6.53 -11.95 7.48
N VAL A 31 7.58 -12.61 6.99
CA VAL A 31 8.26 -12.16 5.79
C VAL A 31 7.85 -13.00 4.57
N ALA A 32 7.07 -12.40 3.68
CA ALA A 32 6.61 -13.09 2.47
C ALA A 32 5.70 -12.20 1.64
N ASP A 33 5.45 -12.62 0.41
CA ASP A 33 4.58 -11.88 -0.51
C ASP A 33 3.54 -12.83 -1.11
N LEU A 34 2.53 -13.15 -0.31
CA LEU A 34 1.47 -14.06 -0.74
C LEU A 34 0.19 -13.32 -1.10
N ASP A 35 -0.51 -13.81 -2.13
CA ASP A 35 -1.78 -13.23 -2.56
C ASP A 35 -1.70 -11.71 -2.65
N CYS A 36 -1.19 -11.21 -3.77
CA CYS A 36 -1.08 -9.77 -3.98
C CYS A 36 -2.07 -9.29 -5.03
N ALA A 37 -2.83 -8.23 -4.71
CA ALA A 37 -3.81 -7.67 -5.62
C ALA A 37 -4.12 -6.22 -5.29
N ASN A 38 -5.06 -5.63 -6.01
CA ASN A 38 -5.45 -4.24 -5.79
C ASN A 38 -6.39 -4.13 -4.58
N PRO A 39 -6.12 -3.17 -3.67
CA PRO A 39 -6.95 -2.95 -2.48
C PRO A 39 -8.10 -1.99 -2.76
N PRO A 40 -9.36 -2.44 -2.58
CA PRO A 40 -10.53 -1.59 -2.82
C PRO A 40 -10.99 -0.84 -1.59
N ALA A 41 -10.89 0.49 -1.63
CA ALA A 41 -11.31 1.33 -0.52
C ALA A 41 -11.18 2.80 -0.87
N THR A 42 -11.55 3.66 0.07
CA THR A 42 -11.43 5.10 -0.12
C THR A 42 -10.27 5.61 0.73
N LEU A 43 -9.07 5.60 0.16
CA LEU A 43 -7.87 6.02 0.87
C LEU A 43 -7.96 7.50 1.26
N ALA A 44 -7.87 7.76 2.57
CA ALA A 44 -7.94 9.13 3.08
C ALA A 44 -6.67 9.52 3.82
N ASN A 45 -6.08 8.55 4.53
CA ASN A 45 -4.86 8.80 5.29
C ASN A 45 -4.15 7.49 5.65
N ALA A 46 -3.06 7.60 6.38
CA ALA A 46 -2.27 6.42 6.78
C ALA A 46 -3.14 5.34 7.42
N THR A 47 -3.78 5.68 8.53
CA THR A 47 -4.64 4.75 9.23
C THR A 47 -5.77 4.27 8.34
N HIS A 48 -6.27 5.17 7.50
CA HIS A 48 -7.35 4.82 6.58
C HIS A 48 -6.88 3.75 5.60
N PHE A 49 -5.60 3.83 5.26
CA PHE A 49 -4.99 2.86 4.36
C PHE A 49 -4.93 1.50 5.02
N GLU A 50 -4.71 1.49 6.33
CA GLU A 50 -4.67 0.25 7.11
C GLU A 50 -6.05 -0.40 7.13
N SER A 51 -7.08 0.43 7.34
CA SER A 51 -8.44 -0.01 7.39
C SER A 51 -8.88 -0.62 6.06
N THR A 52 -8.13 -0.31 5.00
CA THR A 52 -8.44 -0.82 3.67
C THR A 52 -8.17 -2.32 3.56
N CYS A 53 -7.06 -2.76 4.15
CA CYS A 53 -6.69 -4.16 4.11
C CYS A 53 -7.34 -4.96 5.23
N ALA A 54 -7.56 -4.32 6.37
CA ALA A 54 -8.17 -4.98 7.51
C ALA A 54 -9.62 -5.28 7.20
N ALA A 55 -10.13 -4.56 6.21
CA ALA A 55 -11.51 -4.70 5.78
C ALA A 55 -11.77 -6.05 5.12
N ILE A 56 -10.81 -6.54 4.34
CA ILE A 56 -10.95 -7.82 3.66
C ILE A 56 -10.19 -8.95 4.35
N GLY A 57 -9.54 -8.64 5.47
CA GLY A 57 -8.80 -9.67 6.20
C GLY A 57 -7.35 -9.78 5.77
N GLN A 58 -6.70 -8.64 5.53
CA GLN A 58 -5.30 -8.62 5.13
C GLN A 58 -4.56 -7.44 5.75
N ARG A 59 -3.32 -7.22 5.34
CA ARG A 59 -2.51 -6.12 5.88
C ARG A 59 -2.10 -5.14 4.78
N ALA A 60 -1.89 -3.88 5.16
CA ALA A 60 -1.50 -2.85 4.21
C ALA A 60 0.00 -2.88 3.96
N ARG A 61 0.40 -3.04 2.70
CA ARG A 61 1.81 -3.09 2.35
C ARG A 61 2.08 -2.33 1.05
N CYS A 62 3.20 -1.61 1.00
CA CYS A 62 3.55 -0.84 -0.19
C CYS A 62 4.71 -1.52 -0.92
N CYS A 63 4.47 -1.92 -2.18
CA CYS A 63 5.49 -2.60 -2.96
C CYS A 63 6.02 -1.73 -4.10
N VAL A 64 7.29 -1.95 -4.43
CA VAL A 64 7.96 -1.22 -5.50
C VAL A 64 8.03 -2.07 -6.76
N LEU A 65 8.02 -1.40 -7.91
CA LEU A 65 8.07 -2.08 -9.21
C LEU A 65 9.21 -3.11 -9.25
N PRO A 66 8.95 -4.30 -9.83
CA PRO A 66 9.96 -5.37 -9.92
C PRO A 66 11.18 -4.95 -10.74
N ILE A 67 12.36 -5.27 -10.21
CA ILE A 67 13.61 -4.94 -10.89
C ILE A 67 14.53 -6.16 -10.95
N LEU A 68 14.64 -6.75 -12.13
CA LEU A 68 15.47 -7.93 -12.33
C LEU A 68 16.88 -7.71 -11.79
N GLY A 69 17.27 -8.53 -10.83
CA GLY A 69 18.59 -8.42 -10.23
C GLY A 69 18.55 -8.12 -8.75
N GLN A 70 17.35 -7.84 -8.23
CA GLN A 70 17.18 -7.53 -6.82
C GLN A 70 15.93 -8.20 -6.26
N ASP A 71 15.83 -8.16 -4.94
CA ASP A 71 14.69 -8.74 -4.25
C ASP A 71 13.52 -7.76 -4.22
N ILE A 72 12.34 -8.23 -3.82
CA ILE A 72 11.17 -7.39 -3.75
C ILE A 72 11.12 -6.60 -2.45
N LEU A 73 11.02 -5.27 -2.56
CA LEU A 73 10.98 -4.41 -1.39
C LEU A 73 9.54 -4.06 -1.01
N CYS A 74 9.07 -4.62 0.10
CA CYS A 74 7.71 -4.36 0.56
C CYS A 74 7.63 -4.33 2.08
N GLN A 75 6.98 -3.29 2.62
CA GLN A 75 6.86 -3.15 4.07
C GLN A 75 5.70 -2.21 4.43
N THR A 76 5.31 -2.21 5.70
CA THR A 76 4.23 -1.37 6.17
C THR A 76 4.72 0.05 6.46
N PRO A 77 3.94 1.08 6.06
CA PRO A 77 4.33 2.47 6.28
C PRO A 77 3.96 2.97 7.67
N ALA A 78 4.89 3.69 8.30
CA ALA A 78 4.67 4.24 9.64
C ALA A 78 4.51 3.14 10.69
N GLY A 79 4.65 1.89 10.26
CA GLY A 79 4.51 0.78 11.17
C GLY A 79 3.08 0.55 11.59
N LEU A 80 2.16 0.68 10.64
CA LEU A 80 0.74 0.48 10.91
C LEU A 80 0.48 -0.91 11.47
N SER A 1 1.68 23.61 -14.92
CA SER A 1 1.58 22.18 -14.55
C SER A 1 0.55 21.95 -13.43
N PRO A 2 0.67 22.65 -12.27
CA PRO A 2 -0.28 22.49 -11.15
C PRO A 2 -1.71 22.78 -11.57
N ALA A 3 -2.58 21.78 -11.43
CA ALA A 3 -3.99 21.93 -11.79
C ALA A 3 -4.89 21.45 -10.65
N ALA A 4 -5.26 22.37 -9.77
CA ALA A 4 -6.11 22.04 -8.64
C ALA A 4 -7.58 22.32 -8.96
N MET A 5 -7.83 23.16 -9.96
CA MET A 5 -9.18 23.49 -10.37
C MET A 5 -9.49 22.89 -11.74
N GLU A 6 -8.47 22.86 -12.59
CA GLU A 6 -8.60 22.32 -13.94
C GLU A 6 -8.65 20.79 -13.90
N ARG A 7 -8.45 20.17 -15.07
CA ARG A 7 -8.46 18.72 -15.17
C ARG A 7 -7.56 18.07 -14.12
N GLN A 8 -8.16 17.25 -13.26
CA GLN A 8 -7.43 16.57 -12.21
C GLN A 8 -6.29 15.73 -12.79
N VAL A 9 -5.22 15.57 -12.02
CA VAL A 9 -4.07 14.80 -12.45
C VAL A 9 -4.06 13.41 -11.83
N PRO A 10 -3.41 12.43 -12.49
CA PRO A 10 -3.32 11.06 -12.01
C PRO A 10 -2.93 10.98 -10.53
N TYR A 11 -3.70 10.21 -9.76
CA TYR A 11 -3.45 10.05 -8.34
C TYR A 11 -2.10 9.37 -8.09
N THR A 12 -1.56 9.57 -6.88
CA THR A 12 -0.28 8.98 -6.51
C THR A 12 -0.34 8.42 -5.09
N PRO A 13 -0.67 7.12 -4.95
CA PRO A 13 -0.76 6.47 -3.64
C PRO A 13 0.61 6.23 -3.02
N CYS A 14 0.62 5.90 -1.74
CA CYS A 14 1.87 5.65 -1.01
C CYS A 14 2.89 6.74 -1.26
N SER A 15 4.14 6.43 -0.95
CA SER A 15 5.23 7.37 -1.11
C SER A 15 6.40 6.77 -1.89
N GLY A 16 7.58 7.35 -1.64
CA GLY A 16 8.87 7.01 -2.25
C GLY A 16 9.01 5.65 -2.95
N LEU A 17 10.22 5.12 -2.85
CA LEU A 17 10.65 3.86 -3.48
C LEU A 17 9.51 2.88 -3.82
N TYR A 18 8.59 2.65 -2.91
CA TYR A 18 7.52 1.68 -3.17
C TYR A 18 6.55 2.18 -4.26
N GLY A 19 6.27 3.47 -4.25
CA GLY A 19 5.42 4.09 -5.27
C GLY A 19 4.02 3.50 -5.43
N THR A 20 3.72 2.34 -4.84
CA THR A 20 2.40 1.73 -5.02
C THR A 20 1.83 1.16 -3.72
N ALA A 21 0.53 1.39 -3.50
CA ALA A 21 -0.15 0.91 -2.30
C ALA A 21 -1.05 -0.28 -2.65
N GLN A 22 -0.87 -1.40 -1.95
CA GLN A 22 -1.67 -2.60 -2.21
C GLN A 22 -1.91 -3.40 -0.93
N CYS A 23 -2.70 -4.47 -1.06
CA CYS A 23 -3.00 -5.33 0.08
C CYS A 23 -2.59 -6.77 -0.23
N CYS A 24 -1.63 -7.28 0.54
CA CYS A 24 -1.14 -8.64 0.33
C CYS A 24 -1.06 -9.41 1.65
N ALA A 25 -1.03 -10.74 1.53
CA ALA A 25 -0.95 -11.61 2.69
C ALA A 25 0.48 -11.77 3.17
N THR A 26 0.65 -12.33 4.36
CA THR A 26 1.98 -12.53 4.92
C THR A 26 2.23 -13.99 5.29
N ASP A 27 3.50 -14.39 5.34
CA ASP A 27 3.88 -15.75 5.66
C ASP A 27 4.00 -15.96 7.16
N VAL A 28 4.51 -17.12 7.55
CA VAL A 28 4.69 -17.47 8.94
C VAL A 28 5.61 -16.49 9.68
N LEU A 29 6.74 -16.14 9.06
CA LEU A 29 7.69 -15.23 9.68
C LEU A 29 7.25 -13.77 9.52
N GLY A 30 6.39 -13.53 8.54
CA GLY A 30 5.89 -12.18 8.30
C GLY A 30 6.44 -11.53 7.05
N VAL A 31 7.55 -12.05 6.52
CA VAL A 31 8.14 -11.50 5.31
C VAL A 31 7.81 -12.35 4.09
N ALA A 32 6.95 -11.83 3.22
CA ALA A 32 6.54 -12.54 2.01
C ALA A 32 5.56 -11.71 1.19
N ASP A 33 5.32 -12.16 -0.04
CA ASP A 33 4.39 -11.49 -0.94
C ASP A 33 3.40 -12.49 -1.51
N LEU A 34 2.36 -12.79 -0.73
CA LEU A 34 1.34 -13.76 -1.13
C LEU A 34 0.01 -13.09 -1.45
N ASP A 35 -0.63 -13.55 -2.53
CA ASP A 35 -1.94 -13.03 -2.93
C ASP A 35 -1.96 -11.50 -2.94
N CYS A 36 -1.52 -10.92 -4.04
CA CYS A 36 -1.51 -9.46 -4.17
C CYS A 36 -2.56 -9.01 -5.18
N ALA A 37 -3.39 -8.04 -4.79
CA ALA A 37 -4.44 -7.53 -5.66
C ALA A 37 -4.77 -6.07 -5.35
N ASN A 38 -5.45 -5.41 -6.28
CA ASN A 38 -5.83 -4.02 -6.11
C ASN A 38 -6.67 -3.84 -4.84
N PRO A 39 -6.35 -2.82 -4.01
CA PRO A 39 -7.07 -2.55 -2.78
C PRO A 39 -8.22 -1.59 -2.97
N PRO A 40 -9.48 -2.05 -2.80
CA PRO A 40 -10.64 -1.19 -2.98
C PRO A 40 -11.06 -0.50 -1.68
N ALA A 41 -10.91 0.83 -1.65
CA ALA A 41 -11.29 1.61 -0.49
C ALA A 41 -11.11 3.10 -0.77
N THR A 42 -11.40 3.93 0.23
CA THR A 42 -11.22 5.36 0.11
C THR A 42 -10.05 5.79 0.99
N LEU A 43 -8.86 5.76 0.42
CA LEU A 43 -7.65 6.11 1.17
C LEU A 43 -7.66 7.58 1.58
N ALA A 44 -7.62 7.83 2.89
CA ALA A 44 -7.62 9.17 3.42
C ALA A 44 -6.33 9.46 4.16
N ASN A 45 -5.85 8.48 4.93
CA ASN A 45 -4.62 8.62 5.68
C ASN A 45 -3.95 7.27 5.90
N ALA A 46 -2.95 7.23 6.77
CA ALA A 46 -2.24 5.99 7.07
C ALA A 46 -3.16 4.98 7.72
N THR A 47 -4.04 5.46 8.61
CA THR A 47 -4.98 4.59 9.30
C THR A 47 -6.05 4.09 8.35
N HIS A 48 -6.62 5.00 7.58
CA HIS A 48 -7.66 4.64 6.62
C HIS A 48 -7.12 3.58 5.66
N PHE A 49 -5.82 3.65 5.40
CA PHE A 49 -5.16 2.71 4.51
C PHE A 49 -5.08 1.34 5.17
N GLU A 50 -4.80 1.33 6.48
CA GLU A 50 -4.72 0.10 7.23
C GLU A 50 -6.08 -0.61 7.23
N SER A 51 -7.13 0.20 7.33
CA SER A 51 -8.48 -0.30 7.34
C SER A 51 -8.87 -0.88 5.97
N THR A 52 -8.08 -0.54 4.95
CA THR A 52 -8.35 -1.01 3.59
C THR A 52 -7.96 -2.48 3.43
N CYS A 53 -6.80 -2.84 3.96
CA CYS A 53 -6.30 -4.20 3.87
C CYS A 53 -6.86 -5.08 4.98
N ALA A 54 -7.26 -4.45 6.08
CA ALA A 54 -7.81 -5.19 7.22
C ALA A 54 -9.27 -5.52 6.99
N ALA A 55 -9.88 -4.79 6.07
CA ALA A 55 -11.27 -4.97 5.72
C ALA A 55 -11.53 -6.34 5.08
N ILE A 56 -10.61 -6.77 4.22
CA ILE A 56 -10.76 -8.04 3.52
C ILE A 56 -9.94 -9.17 4.16
N GLY A 57 -9.37 -8.91 5.33
CA GLY A 57 -8.60 -9.94 6.02
C GLY A 57 -7.13 -9.98 5.63
N GLN A 58 -6.49 -8.82 5.52
CA GLN A 58 -5.08 -8.75 5.16
C GLN A 58 -4.38 -7.58 5.86
N ARG A 59 -3.10 -7.39 5.57
CA ARG A 59 -2.33 -6.31 6.18
C ARG A 59 -1.84 -5.31 5.12
N ALA A 60 -1.67 -4.06 5.52
CA ALA A 60 -1.22 -3.01 4.62
C ALA A 60 0.30 -3.04 4.41
N ARG A 61 0.72 -3.19 3.16
CA ARG A 61 2.14 -3.21 2.84
C ARG A 61 2.39 -2.55 1.49
N CYS A 62 3.27 -1.57 1.46
CA CYS A 62 3.58 -0.86 0.23
C CYS A 62 4.77 -1.50 -0.49
N CYS A 63 4.49 -2.18 -1.60
CA CYS A 63 5.55 -2.84 -2.36
C CYS A 63 6.01 -2.00 -3.56
N VAL A 64 7.26 -2.18 -3.93
CA VAL A 64 7.86 -1.47 -5.05
C VAL A 64 7.86 -2.32 -6.30
N LEU A 65 7.79 -1.66 -7.46
CA LEU A 65 7.76 -2.34 -8.75
C LEU A 65 8.89 -3.37 -8.86
N PRO A 66 8.59 -4.56 -9.43
CA PRO A 66 9.59 -5.63 -9.58
C PRO A 66 10.75 -5.22 -10.48
N ILE A 67 11.97 -5.49 -10.02
CA ILE A 67 13.17 -5.16 -10.78
C ILE A 67 14.12 -6.36 -10.84
N LEU A 68 14.17 -7.01 -12.00
CA LEU A 68 15.03 -8.17 -12.19
C LEU A 68 16.46 -7.87 -11.75
N GLY A 69 16.95 -8.66 -10.79
CA GLY A 69 18.30 -8.47 -10.29
C GLY A 69 18.34 -8.12 -8.82
N GLN A 70 17.18 -7.81 -8.25
CA GLN A 70 17.09 -7.46 -6.83
C GLN A 70 15.93 -8.15 -6.16
N ASP A 71 15.94 -8.09 -4.84
CA ASP A 71 14.89 -8.70 -4.03
C ASP A 71 13.67 -7.78 -3.96
N ILE A 72 12.55 -8.31 -3.47
CA ILE A 72 11.32 -7.54 -3.34
C ILE A 72 11.31 -6.72 -2.05
N LEU A 73 11.13 -5.40 -2.19
CA LEU A 73 11.10 -4.51 -1.05
C LEU A 73 9.66 -4.15 -0.68
N CYS A 74 9.32 -4.33 0.57
CA CYS A 74 7.96 -4.02 1.05
C CYS A 74 7.93 -3.84 2.57
N GLN A 75 7.29 -2.76 3.03
CA GLN A 75 7.18 -2.49 4.46
C GLN A 75 5.91 -1.70 4.76
N THR A 76 5.55 -1.63 6.04
CA THR A 76 4.36 -0.91 6.48
C THR A 76 4.72 0.51 6.91
N PRO A 77 3.90 1.52 6.55
CA PRO A 77 4.17 2.91 6.90
C PRO A 77 3.72 3.26 8.31
N ALA A 78 4.56 4.01 9.02
CA ALA A 78 4.26 4.43 10.40
C ALA A 78 4.14 3.24 11.34
N GLY A 79 4.36 2.03 10.82
CA GLY A 79 4.28 0.84 11.65
C GLY A 79 2.86 0.51 12.02
N LEU A 80 1.94 0.70 11.07
CA LEU A 80 0.52 0.42 11.30
C LEU A 80 0.32 -0.98 11.84
N SER A 1 -3.04 30.80 1.07
CA SER A 1 -4.36 30.19 0.80
C SER A 1 -4.37 28.70 1.21
N PRO A 2 -4.38 28.43 2.53
CA PRO A 2 -4.39 27.06 3.06
C PRO A 2 -5.35 26.15 2.30
N ALA A 3 -4.83 24.99 1.90
CA ALA A 3 -5.63 24.02 1.16
C ALA A 3 -5.89 22.78 2.01
N ALA A 4 -6.90 22.86 2.87
CA ALA A 4 -7.25 21.75 3.75
C ALA A 4 -8.54 21.06 3.28
N MET A 5 -9.60 21.84 3.13
CA MET A 5 -10.89 21.31 2.69
C MET A 5 -11.20 21.84 1.30
N GLU A 6 -10.37 22.78 0.89
CA GLU A 6 -10.51 23.44 -0.40
C GLU A 6 -10.23 22.46 -1.54
N ARG A 7 -9.84 23.01 -2.70
CA ARG A 7 -9.55 22.19 -3.87
C ARG A 7 -8.65 21.01 -3.50
N GLN A 8 -9.13 19.80 -3.77
CA GLN A 8 -8.39 18.59 -3.46
C GLN A 8 -7.02 18.62 -4.12
N VAL A 9 -6.04 17.99 -3.48
CA VAL A 9 -4.68 17.95 -4.01
C VAL A 9 -4.44 16.68 -4.80
N PRO A 10 -3.50 16.72 -5.77
CA PRO A 10 -3.16 15.56 -6.61
C PRO A 10 -3.04 14.26 -5.81
N TYR A 11 -3.80 13.25 -6.22
CA TYR A 11 -3.78 11.95 -5.55
C TYR A 11 -2.38 11.37 -5.53
N THR A 12 -1.98 10.81 -4.39
CA THR A 12 -0.66 10.22 -4.24
C THR A 12 -0.62 9.24 -3.07
N PRO A 13 -0.76 7.92 -3.34
CA PRO A 13 -0.73 6.89 -2.30
C PRO A 13 0.69 6.53 -1.87
N CYS A 14 0.79 5.86 -0.72
CA CYS A 14 2.07 5.41 -0.14
C CYS A 14 3.28 6.07 -0.81
N SER A 15 3.93 6.97 -0.08
CA SER A 15 5.09 7.66 -0.63
C SER A 15 6.35 6.93 -0.19
N GLY A 16 7.08 6.41 -1.17
CA GLY A 16 8.26 5.65 -0.87
C GLY A 16 8.86 4.97 -2.09
N LEU A 17 9.78 4.06 -1.82
CA LEU A 17 10.44 3.28 -2.84
C LEU A 17 9.41 2.50 -3.66
N TYR A 18 8.38 2.02 -2.99
CA TYR A 18 7.35 1.21 -3.64
C TYR A 18 6.29 2.07 -4.33
N GLY A 19 5.98 3.19 -3.70
CA GLY A 19 5.03 4.14 -4.25
C GLY A 19 3.63 3.60 -4.54
N THR A 20 3.44 2.28 -4.53
CA THR A 20 2.12 1.70 -4.82
C THR A 20 1.45 1.14 -3.58
N ALA A 21 0.25 1.63 -3.31
CA ALA A 21 -0.51 1.19 -2.14
C ALA A 21 -1.38 -0.02 -2.47
N GLN A 22 -0.95 -1.19 -1.98
CA GLN A 22 -1.69 -2.43 -2.24
C GLN A 22 -1.91 -3.21 -0.94
N CYS A 23 -2.55 -4.36 -1.06
CA CYS A 23 -2.83 -5.22 0.09
C CYS A 23 -2.38 -6.65 -0.21
N CYS A 24 -1.42 -7.15 0.57
CA CYS A 24 -0.92 -8.50 0.36
C CYS A 24 -0.78 -9.25 1.69
N ALA A 25 -0.73 -10.57 1.60
CA ALA A 25 -0.59 -11.43 2.78
C ALA A 25 0.87 -11.58 3.16
N THR A 26 1.11 -12.10 4.36
CA THR A 26 2.47 -12.29 4.84
C THR A 26 2.68 -13.69 5.41
N ASP A 27 3.94 -14.13 5.44
CA ASP A 27 4.28 -15.45 5.96
C ASP A 27 4.32 -15.45 7.49
N VAL A 28 4.81 -16.55 8.05
CA VAL A 28 4.91 -16.69 9.50
C VAL A 28 5.85 -15.67 10.13
N LEU A 29 7.01 -15.47 9.52
CA LEU A 29 8.00 -14.53 10.05
C LEU A 29 7.65 -13.08 9.70
N GLY A 30 6.81 -12.89 8.68
CA GLY A 30 6.42 -11.56 8.29
C GLY A 30 7.01 -11.10 6.96
N VAL A 31 8.05 -11.77 6.50
CA VAL A 31 8.68 -11.40 5.23
C VAL A 31 8.24 -12.35 4.11
N ALA A 32 7.40 -11.85 3.21
CA ALA A 32 6.90 -12.64 2.08
C ALA A 32 5.91 -11.85 1.24
N ASP A 33 5.52 -12.41 0.10
CA ASP A 33 4.57 -11.78 -0.80
C ASP A 33 3.55 -12.81 -1.28
N LEU A 34 2.40 -12.87 -0.63
CA LEU A 34 1.36 -13.83 -0.97
C LEU A 34 0.03 -13.14 -1.27
N ASP A 35 -0.61 -13.56 -2.35
CA ASP A 35 -1.91 -12.99 -2.74
C ASP A 35 -1.86 -11.47 -2.80
N CYS A 36 -1.39 -10.94 -3.94
CA CYS A 36 -1.31 -9.50 -4.12
C CYS A 36 -2.36 -9.03 -5.13
N ALA A 37 -3.11 -8.00 -4.77
CA ALA A 37 -4.15 -7.48 -5.64
C ALA A 37 -4.43 -6.00 -5.35
N ASN A 38 -5.32 -5.41 -6.14
CA ASN A 38 -5.69 -4.00 -5.95
C ASN A 38 -6.59 -3.83 -4.73
N PRO A 39 -6.35 -2.79 -3.91
CA PRO A 39 -7.14 -2.52 -2.71
C PRO A 39 -8.33 -1.62 -3.00
N PRO A 40 -9.57 -2.14 -2.89
CA PRO A 40 -10.77 -1.36 -3.15
C PRO A 40 -11.30 -0.68 -1.89
N ALA A 41 -11.22 0.65 -1.87
CA ALA A 41 -11.70 1.42 -0.72
C ALA A 41 -11.61 2.92 -1.01
N THR A 42 -11.97 3.73 -0.03
CA THR A 42 -11.89 5.17 -0.16
C THR A 42 -10.74 5.67 0.72
N LEU A 43 -9.54 5.70 0.14
CA LEU A 43 -8.35 6.13 0.88
C LEU A 43 -8.43 7.60 1.28
N ALA A 44 -8.24 7.85 2.58
CA ALA A 44 -8.28 9.21 3.10
C ALA A 44 -6.96 9.58 3.76
N ASN A 45 -6.38 8.62 4.48
CA ASN A 45 -5.10 8.84 5.16
C ASN A 45 -4.31 7.54 5.28
N ALA A 46 -3.26 7.55 6.09
CA ALA A 46 -2.42 6.36 6.29
C ALA A 46 -3.18 5.28 7.05
N THR A 47 -3.92 5.70 8.08
CA THR A 47 -4.67 4.76 8.90
C THR A 47 -5.85 4.19 8.11
N HIS A 48 -6.49 5.04 7.31
CA HIS A 48 -7.62 4.62 6.51
C HIS A 48 -7.16 3.53 5.54
N PHE A 49 -5.92 3.63 5.08
CA PHE A 49 -5.35 2.65 4.17
C PHE A 49 -5.18 1.32 4.89
N GLU A 50 -4.77 1.39 6.15
CA GLU A 50 -4.60 0.19 6.95
C GLU A 50 -5.93 -0.53 7.07
N SER A 51 -7.00 0.23 7.21
CA SER A 51 -8.34 -0.29 7.31
C SER A 51 -8.80 -0.89 5.99
N THR A 52 -8.18 -0.45 4.89
CA THR A 52 -8.53 -0.94 3.56
C THR A 52 -8.15 -2.41 3.39
N CYS A 53 -6.95 -2.76 3.83
CA CYS A 53 -6.47 -4.13 3.72
C CYS A 53 -7.05 -5.02 4.82
N ALA A 54 -7.42 -4.41 5.94
CA ALA A 54 -7.99 -5.15 7.06
C ALA A 54 -9.43 -5.50 6.77
N ALA A 55 -10.01 -4.76 5.85
CA ALA A 55 -11.39 -4.94 5.45
C ALA A 55 -11.63 -6.30 4.80
N ILE A 56 -10.66 -6.75 4.01
CA ILE A 56 -10.78 -8.02 3.31
C ILE A 56 -9.97 -9.14 3.96
N GLY A 57 -9.31 -8.83 5.08
CA GLY A 57 -8.55 -9.85 5.79
C GLY A 57 -7.06 -9.85 5.44
N GLN A 58 -6.46 -8.66 5.33
CA GLN A 58 -5.04 -8.56 5.02
C GLN A 58 -4.42 -7.32 5.67
N ARG A 59 -3.14 -7.10 5.42
CA ARG A 59 -2.43 -5.94 5.99
C ARG A 59 -1.90 -5.03 4.88
N ALA A 60 -1.75 -3.74 5.20
CA ALA A 60 -1.26 -2.77 4.24
C ALA A 60 0.19 -3.04 3.85
N ARG A 61 0.41 -3.33 2.58
CA ARG A 61 1.75 -3.61 2.08
C ARG A 61 2.02 -2.86 0.78
N CYS A 62 2.95 -1.90 0.84
CA CYS A 62 3.32 -1.12 -0.33
C CYS A 62 4.48 -1.81 -1.04
N CYS A 63 4.20 -2.41 -2.20
CA CYS A 63 5.23 -3.13 -2.95
C CYS A 63 5.74 -2.36 -4.15
N VAL A 64 7.01 -2.59 -4.47
CA VAL A 64 7.69 -1.93 -5.59
C VAL A 64 7.82 -2.88 -6.77
N LEU A 65 7.72 -2.33 -7.98
CA LEU A 65 7.83 -3.13 -9.21
C LEU A 65 9.06 -4.02 -9.19
N PRO A 66 8.93 -5.29 -9.67
CA PRO A 66 10.04 -6.24 -9.69
C PRO A 66 11.19 -5.78 -10.58
N ILE A 67 12.42 -5.97 -10.11
CA ILE A 67 13.60 -5.58 -10.85
C ILE A 67 14.61 -6.72 -10.89
N LEU A 68 14.76 -7.33 -12.05
CA LEU A 68 15.70 -8.45 -12.22
C LEU A 68 17.07 -8.11 -11.65
N GLY A 69 17.50 -8.89 -10.68
CA GLY A 69 18.80 -8.67 -10.06
C GLY A 69 18.70 -8.34 -8.59
N GLN A 70 17.49 -8.05 -8.12
CA GLN A 70 17.28 -7.73 -6.71
C GLN A 70 16.07 -8.45 -6.15
N ASP A 71 15.97 -8.41 -4.83
CA ASP A 71 14.87 -9.05 -4.12
C ASP A 71 13.64 -8.15 -4.12
N ILE A 72 12.51 -8.69 -3.67
CA ILE A 72 11.26 -7.93 -3.63
C ILE A 72 11.20 -7.07 -2.37
N LEU A 73 10.94 -5.77 -2.54
CA LEU A 73 10.86 -4.85 -1.41
C LEU A 73 9.41 -4.54 -1.05
N CYS A 74 8.97 -4.99 0.12
CA CYS A 74 7.61 -4.75 0.59
C CYS A 74 7.57 -4.61 2.11
N GLN A 75 6.95 -3.54 2.59
CA GLN A 75 6.84 -3.29 4.04
C GLN A 75 5.70 -2.31 4.34
N THR A 76 5.37 -2.17 5.61
CA THR A 76 4.31 -1.27 6.04
C THR A 76 4.88 0.11 6.39
N PRO A 77 4.21 1.20 5.96
CA PRO A 77 4.68 2.57 6.21
C PRO A 77 4.23 3.10 7.57
N ALA A 78 5.13 3.84 8.22
CA ALA A 78 4.85 4.43 9.53
C ALA A 78 4.61 3.37 10.59
N GLY A 79 4.72 2.11 10.21
CA GLY A 79 4.49 1.02 11.15
C GLY A 79 3.04 0.88 11.53
N LEU A 80 2.16 1.08 10.55
CA LEU A 80 0.72 0.97 10.77
C LEU A 80 0.37 -0.35 11.46
N SER A 1 -5.18 30.10 1.34
CA SER A 1 -6.51 29.55 0.99
C SER A 1 -6.43 28.04 0.72
N PRO A 2 -6.31 27.23 1.78
CA PRO A 2 -6.23 25.77 1.67
C PRO A 2 -7.42 25.18 0.93
N ALA A 3 -7.23 24.85 -0.34
CA ALA A 3 -8.28 24.28 -1.15
C ALA A 3 -8.54 22.82 -0.77
N ALA A 4 -9.45 22.62 0.17
CA ALA A 4 -9.80 21.27 0.63
C ALA A 4 -11.14 20.83 0.07
N MET A 5 -12.00 21.79 -0.21
CA MET A 5 -13.32 21.49 -0.76
C MET A 5 -13.41 21.88 -2.24
N GLU A 6 -12.43 22.66 -2.69
CA GLU A 6 -12.39 23.10 -4.08
C GLU A 6 -11.70 22.06 -4.95
N ARG A 7 -11.22 22.48 -6.12
CA ARG A 7 -10.54 21.59 -7.04
C ARG A 7 -9.49 20.74 -6.33
N GLN A 8 -9.70 19.43 -6.32
CA GLN A 8 -8.78 18.51 -5.67
C GLN A 8 -7.76 17.95 -6.65
N VAL A 9 -6.58 17.62 -6.15
CA VAL A 9 -5.52 17.06 -6.98
C VAL A 9 -5.42 15.54 -6.80
N PRO A 10 -4.90 14.83 -7.83
CA PRO A 10 -4.74 13.38 -7.80
C PRO A 10 -4.17 12.87 -6.47
N TYR A 11 -4.82 11.87 -5.90
CA TYR A 11 -4.39 11.29 -4.63
C TYR A 11 -2.94 10.82 -4.72
N THR A 12 -2.28 10.75 -3.57
CA THR A 12 -0.89 10.32 -3.51
C THR A 12 -0.71 9.25 -2.44
N PRO A 13 -0.81 7.96 -2.81
CA PRO A 13 -0.63 6.84 -1.88
C PRO A 13 0.82 6.68 -1.44
N CYS A 14 1.04 5.71 -0.55
CA CYS A 14 2.38 5.42 0.00
C CYS A 14 3.49 6.06 -0.83
N SER A 15 4.18 7.03 -0.24
CA SER A 15 5.27 7.71 -0.92
C SER A 15 6.59 7.06 -0.55
N GLY A 16 7.27 6.51 -1.54
CA GLY A 16 8.51 5.81 -1.28
C GLY A 16 9.05 5.08 -2.49
N LEU A 17 10.01 4.23 -2.22
CA LEU A 17 10.64 3.40 -3.24
C LEU A 17 9.59 2.58 -3.99
N TYR A 18 8.59 2.11 -3.25
CA TYR A 18 7.54 1.27 -3.82
C TYR A 18 6.46 2.10 -4.51
N GLY A 19 6.13 3.21 -3.88
CA GLY A 19 5.17 4.16 -4.42
C GLY A 19 3.79 3.58 -4.73
N THR A 20 3.61 2.26 -4.68
CA THR A 20 2.34 1.64 -5.01
C THR A 20 1.63 1.07 -3.78
N ALA A 21 0.42 1.54 -3.54
CA ALA A 21 -0.38 1.08 -2.41
C ALA A 21 -1.18 -0.16 -2.78
N GLN A 22 -0.70 -1.32 -2.33
CA GLN A 22 -1.37 -2.59 -2.61
C GLN A 22 -1.68 -3.34 -1.32
N CYS A 23 -2.10 -4.59 -1.47
CA CYS A 23 -2.43 -5.43 -0.32
C CYS A 23 -2.03 -6.87 -0.56
N CYS A 24 -1.17 -7.40 0.30
CA CYS A 24 -0.71 -8.77 0.16
C CYS A 24 -0.63 -9.48 1.52
N ALA A 25 -0.63 -10.80 1.49
CA ALA A 25 -0.56 -11.61 2.71
C ALA A 25 0.88 -11.88 3.10
N THR A 26 1.08 -12.36 4.33
CA THR A 26 2.42 -12.65 4.83
C THR A 26 2.54 -14.10 5.31
N ASP A 27 3.77 -14.60 5.34
CA ASP A 27 4.03 -15.96 5.78
C ASP A 27 4.08 -16.06 7.30
N VAL A 28 4.52 -17.21 7.79
CA VAL A 28 4.61 -17.45 9.23
C VAL A 28 5.60 -16.52 9.91
N LEU A 29 6.79 -16.35 9.32
CA LEU A 29 7.81 -15.51 9.91
C LEU A 29 7.52 -14.02 9.68
N GLY A 30 6.69 -13.73 8.69
CA GLY A 30 6.33 -12.35 8.41
C GLY A 30 6.93 -11.81 7.11
N VAL A 31 7.95 -12.48 6.59
CA VAL A 31 8.60 -12.05 5.36
C VAL A 31 8.15 -12.91 4.18
N ALA A 32 7.33 -12.32 3.30
CA ALA A 32 6.83 -13.03 2.13
C ALA A 32 5.85 -12.16 1.34
N ASP A 33 5.46 -12.64 0.16
CA ASP A 33 4.52 -11.95 -0.70
C ASP A 33 3.51 -12.95 -1.26
N LEU A 34 2.44 -13.19 -0.50
CA LEU A 34 1.42 -14.16 -0.89
C LEU A 34 0.10 -13.47 -1.24
N ASP A 35 -0.52 -13.91 -2.33
CA ASP A 35 -1.80 -13.35 -2.77
C ASP A 35 -1.74 -11.83 -2.86
N CYS A 36 -1.29 -11.32 -4.01
CA CYS A 36 -1.19 -9.89 -4.22
C CYS A 36 -2.26 -9.41 -5.20
N ALA A 37 -2.93 -8.31 -4.85
CA ALA A 37 -3.98 -7.75 -5.70
C ALA A 37 -4.20 -6.28 -5.38
N ASN A 38 -5.16 -5.67 -6.08
CA ASN A 38 -5.46 -4.26 -5.87
C ASN A 38 -6.40 -4.07 -4.67
N PRO A 39 -6.15 -3.04 -3.84
CA PRO A 39 -6.98 -2.77 -2.67
C PRO A 39 -8.16 -1.84 -3.00
N PRO A 40 -9.40 -2.35 -2.92
CA PRO A 40 -10.58 -1.56 -3.23
C PRO A 40 -11.15 -0.84 -2.01
N ALA A 41 -11.09 0.47 -2.03
CA ALA A 41 -11.60 1.29 -0.93
C ALA A 41 -11.51 2.77 -1.26
N THR A 42 -11.91 3.61 -0.32
CA THR A 42 -11.83 5.04 -0.49
C THR A 42 -10.73 5.59 0.41
N LEU A 43 -9.51 5.62 -0.12
CA LEU A 43 -8.35 6.10 0.66
C LEU A 43 -8.50 7.57 1.03
N ALA A 44 -8.46 7.85 2.34
CA ALA A 44 -8.59 9.21 2.84
C ALA A 44 -7.36 9.66 3.62
N ASN A 45 -6.72 8.72 4.32
CA ASN A 45 -5.54 9.02 5.11
C ASN A 45 -4.79 7.74 5.48
N ALA A 46 -3.69 7.89 6.22
CA ALA A 46 -2.86 6.75 6.63
C ALA A 46 -3.69 5.65 7.28
N THR A 47 -4.38 5.98 8.37
CA THR A 47 -5.20 5.03 9.08
C THR A 47 -6.31 4.50 8.19
N HIS A 48 -6.86 5.38 7.35
CA HIS A 48 -7.92 4.99 6.44
C HIS A 48 -7.41 3.92 5.48
N PHE A 49 -6.13 3.98 5.16
CA PHE A 49 -5.51 3.01 4.26
C PHE A 49 -5.37 1.67 4.96
N GLU A 50 -4.99 1.70 6.24
CA GLU A 50 -4.84 0.48 7.03
C GLU A 50 -6.19 -0.23 7.13
N SER A 51 -7.27 0.54 7.04
CA SER A 51 -8.62 0.00 7.12
C SER A 51 -9.00 -0.66 5.80
N THR A 52 -8.34 -0.26 4.72
CA THR A 52 -8.61 -0.82 3.40
C THR A 52 -8.17 -2.28 3.34
N CYS A 53 -7.05 -2.58 3.98
CA CYS A 53 -6.51 -3.94 3.99
C CYS A 53 -7.15 -4.77 5.09
N ALA A 54 -7.52 -4.12 6.19
CA ALA A 54 -8.13 -4.82 7.32
C ALA A 54 -9.55 -5.21 6.97
N ALA A 55 -10.08 -4.55 5.95
CA ALA A 55 -11.42 -4.80 5.47
C ALA A 55 -11.57 -6.21 4.89
N ILE A 56 -10.54 -6.67 4.19
CA ILE A 56 -10.58 -7.99 3.57
C ILE A 56 -9.70 -9.01 4.28
N GLY A 57 -9.14 -8.62 5.43
CA GLY A 57 -8.31 -9.55 6.19
C GLY A 57 -6.85 -9.53 5.80
N GLN A 58 -6.27 -8.35 5.61
CA GLN A 58 -4.86 -8.23 5.24
C GLN A 58 -4.24 -6.97 5.83
N ARG A 59 -2.97 -6.73 5.52
CA ARG A 59 -2.25 -5.57 6.03
C ARG A 59 -1.81 -4.65 4.90
N ALA A 60 -1.61 -3.36 5.21
CA ALA A 60 -1.17 -2.38 4.23
C ALA A 60 0.29 -2.61 3.84
N ARG A 61 0.53 -2.88 2.56
CA ARG A 61 1.88 -3.13 2.08
C ARG A 61 2.14 -2.45 0.74
N CYS A 62 3.06 -1.48 0.75
CA CYS A 62 3.43 -0.76 -0.46
C CYS A 62 4.60 -1.50 -1.13
N CYS A 63 4.34 -2.11 -2.30
CA CYS A 63 5.38 -2.87 -2.99
C CYS A 63 5.89 -2.17 -4.24
N VAL A 64 7.16 -2.42 -4.55
CA VAL A 64 7.82 -1.85 -5.72
C VAL A 64 7.90 -2.87 -6.84
N LEU A 65 7.75 -2.39 -8.07
CA LEU A 65 7.79 -3.26 -9.26
C LEU A 65 9.04 -4.15 -9.24
N PRO A 66 8.88 -5.45 -9.59
CA PRO A 66 9.99 -6.39 -9.62
C PRO A 66 11.08 -5.99 -10.61
N ILE A 67 12.33 -6.13 -10.19
CA ILE A 67 13.46 -5.78 -11.04
C ILE A 67 14.50 -6.90 -11.02
N LEU A 68 14.63 -7.60 -12.14
CA LEU A 68 15.57 -8.70 -12.26
C LEU A 68 16.96 -8.29 -11.75
N GLY A 69 17.41 -8.97 -10.69
CA GLY A 69 18.70 -8.67 -10.11
C GLY A 69 18.60 -8.25 -8.66
N GLN A 70 17.38 -8.01 -8.20
CA GLN A 70 17.14 -7.59 -6.82
C GLN A 70 15.93 -8.28 -6.24
N ASP A 71 15.77 -8.15 -4.94
CA ASP A 71 14.66 -8.74 -4.22
C ASP A 71 13.47 -7.78 -4.20
N ILE A 72 12.31 -8.28 -3.78
CA ILE A 72 11.11 -7.45 -3.73
C ILE A 72 11.08 -6.64 -2.43
N LEU A 73 10.94 -5.32 -2.56
CA LEU A 73 10.92 -4.42 -1.41
C LEU A 73 9.48 -4.07 -1.02
N CYS A 74 9.04 -4.57 0.14
CA CYS A 74 7.70 -4.29 0.63
C CYS A 74 7.71 -4.03 2.14
N GLN A 75 7.09 -2.92 2.57
CA GLN A 75 7.05 -2.58 3.99
C GLN A 75 5.86 -1.67 4.30
N THR A 76 5.53 -1.53 5.58
CA THR A 76 4.42 -0.69 6.02
C THR A 76 4.93 0.66 6.53
N PRO A 77 4.49 1.79 5.93
CA PRO A 77 4.90 3.13 6.36
C PRO A 77 4.71 3.32 7.86
N ALA A 78 5.78 3.74 8.53
CA ALA A 78 5.75 3.98 9.98
C ALA A 78 5.46 2.68 10.73
N GLY A 79 4.31 2.63 11.41
CA GLY A 79 3.96 1.45 12.15
C GLY A 79 2.48 1.10 12.08
N LEU A 80 1.85 1.30 10.92
CA LEU A 80 0.43 0.98 10.77
C LEU A 80 0.15 -0.47 11.15
N SER A 1 -15.58 15.35 -7.74
CA SER A 1 -14.88 15.82 -6.52
C SER A 1 -13.77 16.81 -6.88
N PRO A 2 -14.13 18.07 -7.17
CA PRO A 2 -13.17 19.12 -7.53
C PRO A 2 -12.13 19.33 -6.43
N ALA A 3 -10.97 18.70 -6.59
CA ALA A 3 -9.90 18.81 -5.61
C ALA A 3 -9.17 20.14 -5.74
N ALA A 4 -9.72 21.17 -5.10
CA ALA A 4 -9.13 22.50 -5.13
C ALA A 4 -8.31 22.75 -3.88
N MET A 5 -8.83 22.31 -2.74
CA MET A 5 -8.15 22.48 -1.46
C MET A 5 -7.54 21.16 -1.01
N GLU A 6 -8.24 20.08 -1.32
CA GLU A 6 -7.78 18.73 -0.97
C GLU A 6 -6.35 18.49 -1.44
N ARG A 7 -6.19 18.27 -2.74
CA ARG A 7 -4.87 18.03 -3.31
C ARG A 7 -4.75 18.68 -4.68
N GLN A 8 -3.89 19.68 -4.77
CA GLN A 8 -3.66 20.40 -6.03
C GLN A 8 -2.65 19.65 -6.89
N VAL A 9 -1.73 18.93 -6.24
CA VAL A 9 -0.71 18.18 -6.94
C VAL A 9 -1.17 16.74 -7.17
N PRO A 10 -0.63 16.06 -8.21
CA PRO A 10 -0.98 14.68 -8.53
C PRO A 10 -1.00 13.77 -7.30
N TYR A 11 -2.08 13.01 -7.16
CA TYR A 11 -2.24 12.10 -6.03
C TYR A 11 -1.02 11.20 -5.88
N THR A 12 -0.64 10.92 -4.63
CA THR A 12 0.51 10.07 -4.35
C THR A 12 0.21 9.11 -3.18
N PRO A 13 -0.23 7.87 -3.49
CA PRO A 13 -0.54 6.87 -2.47
C PRO A 13 0.73 6.29 -1.85
N CYS A 14 0.57 5.58 -0.74
CA CYS A 14 1.71 4.98 -0.05
C CYS A 14 2.85 5.96 0.09
N SER A 15 4.04 5.44 0.33
CA SER A 15 5.21 6.27 0.50
C SER A 15 6.30 6.01 -0.54
N GLY A 16 7.52 6.42 -0.15
CA GLY A 16 8.75 6.30 -0.93
C GLY A 16 8.82 5.27 -2.06
N LEU A 17 10.05 4.78 -2.26
CA LEU A 17 10.44 3.81 -3.29
C LEU A 17 9.30 2.91 -3.80
N TYR A 18 8.40 2.49 -2.94
CA TYR A 18 7.33 1.59 -3.37
C TYR A 18 6.35 2.27 -4.32
N GLY A 19 6.08 3.55 -4.06
CA GLY A 19 5.20 4.33 -4.92
C GLY A 19 3.79 3.77 -5.11
N THR A 20 3.57 2.49 -4.80
CA THR A 20 2.26 1.87 -4.99
C THR A 20 1.65 1.41 -3.67
N ALA A 21 0.32 1.41 -3.62
CA ALA A 21 -0.41 0.98 -2.43
C ALA A 21 -1.24 -0.26 -2.72
N GLN A 22 -0.86 -1.39 -2.13
CA GLN A 22 -1.56 -2.65 -2.33
C GLN A 22 -1.77 -3.38 -1.00
N CYS A 23 -2.40 -4.54 -1.05
CA CYS A 23 -2.64 -5.34 0.15
C CYS A 23 -2.22 -6.78 -0.08
N CYS A 24 -1.11 -7.18 0.55
CA CYS A 24 -0.59 -8.53 0.39
C CYS A 24 -0.60 -9.29 1.72
N ALA A 25 -0.60 -10.63 1.64
CA ALA A 25 -0.60 -11.46 2.84
C ALA A 25 0.83 -11.70 3.29
N THR A 26 0.98 -12.18 4.53
CA THR A 26 2.30 -12.44 5.07
C THR A 26 2.42 -13.85 5.63
N ASP A 27 3.67 -14.35 5.72
CA ASP A 27 3.93 -15.68 6.22
C ASP A 27 4.06 -15.67 7.74
N VAL A 28 4.51 -16.79 8.29
CA VAL A 28 4.69 -16.94 9.73
C VAL A 28 5.70 -15.94 10.29
N LEU A 29 6.84 -15.80 9.61
CA LEU A 29 7.89 -14.90 10.07
C LEU A 29 7.57 -13.44 9.74
N GLY A 30 6.66 -13.23 8.78
CA GLY A 30 6.28 -11.87 8.41
C GLY A 30 6.79 -11.44 7.05
N VAL A 31 7.74 -12.19 6.48
CA VAL A 31 8.27 -11.86 5.17
C VAL A 31 7.68 -12.77 4.09
N ALA A 32 6.82 -12.19 3.26
CA ALA A 32 6.18 -12.94 2.17
C ALA A 32 5.21 -12.06 1.37
N ASP A 33 5.03 -12.41 0.11
CA ASP A 33 4.12 -11.68 -0.78
C ASP A 33 3.06 -12.64 -1.30
N LEU A 34 2.29 -13.20 -0.36
CA LEU A 34 1.24 -14.16 -0.69
C LEU A 34 -0.10 -13.50 -1.00
N ASP A 35 -0.78 -14.00 -2.02
CA ASP A 35 -2.09 -13.49 -2.41
C ASP A 35 -2.16 -11.97 -2.29
N CYS A 36 -1.65 -11.28 -3.30
CA CYS A 36 -1.67 -9.82 -3.29
C CYS A 36 -2.25 -9.27 -4.59
N ALA A 37 -2.84 -8.08 -4.49
CA ALA A 37 -3.46 -7.44 -5.64
C ALA A 37 -3.84 -5.99 -5.32
N ASN A 38 -4.54 -5.35 -6.25
CA ASN A 38 -4.98 -3.98 -6.07
C ASN A 38 -5.98 -3.87 -4.91
N PRO A 39 -5.83 -2.85 -4.04
CA PRO A 39 -6.71 -2.65 -2.90
C PRO A 39 -7.91 -1.77 -3.23
N PRO A 40 -9.14 -2.31 -3.19
CA PRO A 40 -10.33 -1.55 -3.50
C PRO A 40 -10.94 -0.91 -2.25
N ALA A 41 -10.92 0.42 -2.20
CA ALA A 41 -11.49 1.15 -1.06
C ALA A 41 -11.41 2.66 -1.31
N THR A 42 -11.82 3.42 -0.30
CA THR A 42 -11.76 4.87 -0.36
C THR A 42 -10.67 5.37 0.58
N LEU A 43 -9.45 5.46 0.07
CA LEU A 43 -8.31 5.91 0.87
C LEU A 43 -8.49 7.36 1.32
N ALA A 44 -8.45 7.58 2.64
CA ALA A 44 -8.62 8.93 3.19
C ALA A 44 -7.40 9.37 4.00
N ASN A 45 -6.72 8.42 4.63
CA ASN A 45 -5.55 8.72 5.44
C ASN A 45 -4.74 7.46 5.74
N ALA A 46 -3.67 7.62 6.52
CA ALA A 46 -2.80 6.50 6.88
C ALA A 46 -3.59 5.34 7.47
N THR A 47 -4.30 5.59 8.55
CA THR A 47 -5.09 4.58 9.23
C THR A 47 -6.19 4.05 8.30
N HIS A 48 -6.76 4.95 7.51
CA HIS A 48 -7.81 4.57 6.58
C HIS A 48 -7.27 3.56 5.57
N PHE A 49 -5.99 3.70 5.24
CA PHE A 49 -5.34 2.79 4.31
C PHE A 49 -5.16 1.42 4.95
N GLU A 50 -4.79 1.42 6.24
CA GLU A 50 -4.59 0.17 6.96
C GLU A 50 -5.91 -0.59 7.06
N SER A 51 -7.00 0.17 7.13
CA SER A 51 -8.32 -0.40 7.22
C SER A 51 -8.74 -1.04 5.89
N THR A 52 -8.14 -0.57 4.80
CA THR A 52 -8.46 -1.09 3.46
C THR A 52 -8.01 -2.54 3.31
N CYS A 53 -6.81 -2.82 3.80
CA CYS A 53 -6.26 -4.17 3.69
C CYS A 53 -6.83 -5.09 4.77
N ALA A 54 -7.26 -4.51 5.88
CA ALA A 54 -7.82 -5.28 6.98
C ALA A 54 -9.25 -5.69 6.67
N ALA A 55 -9.85 -4.96 5.74
CA ALA A 55 -11.20 -5.19 5.32
C ALA A 55 -11.39 -6.55 4.66
N ILE A 56 -10.39 -6.97 3.89
CA ILE A 56 -10.46 -8.25 3.19
C ILE A 56 -9.58 -9.33 3.83
N GLY A 57 -8.98 -9.01 4.98
CA GLY A 57 -8.16 -10.00 5.68
C GLY A 57 -6.67 -9.92 5.33
N GLN A 58 -6.13 -8.71 5.24
CA GLN A 58 -4.72 -8.53 4.93
C GLN A 58 -4.15 -7.27 5.59
N ARG A 59 -2.88 -7.00 5.34
CA ARG A 59 -2.22 -5.82 5.91
C ARG A 59 -1.74 -4.87 4.81
N ALA A 60 -1.46 -3.62 5.19
CA ALA A 60 -1.00 -2.62 4.24
C ALA A 60 0.47 -2.84 3.88
N ARG A 61 0.73 -3.06 2.59
CA ARG A 61 2.10 -3.29 2.13
C ARG A 61 2.36 -2.57 0.81
N CYS A 62 3.20 -1.53 0.87
CA CYS A 62 3.56 -0.76 -0.30
C CYS A 62 4.62 -1.51 -1.10
N CYS A 63 4.20 -2.20 -2.16
CA CYS A 63 5.15 -2.96 -2.98
C CYS A 63 5.59 -2.17 -4.21
N VAL A 64 6.88 -2.27 -4.50
CA VAL A 64 7.50 -1.61 -5.64
C VAL A 64 7.59 -2.54 -6.83
N LEU A 65 7.46 -1.98 -8.03
CA LEU A 65 7.52 -2.76 -9.26
C LEU A 65 8.75 -3.68 -9.28
N PRO A 66 8.58 -4.95 -9.71
CA PRO A 66 9.66 -5.92 -9.76
C PRO A 66 10.81 -5.49 -10.67
N ILE A 67 12.03 -5.69 -10.21
CA ILE A 67 13.22 -5.33 -10.98
C ILE A 67 14.19 -6.50 -11.04
N LEU A 68 14.25 -7.16 -12.19
CA LEU A 68 15.12 -8.31 -12.38
C LEU A 68 16.52 -8.04 -11.84
N GLY A 69 16.94 -8.85 -10.87
CA GLY A 69 18.25 -8.69 -10.28
C GLY A 69 18.19 -8.35 -8.81
N GLN A 70 16.99 -8.04 -8.31
CA GLN A 70 16.80 -7.70 -6.90
C GLN A 70 15.55 -8.35 -6.34
N ASP A 71 15.45 -8.28 -5.02
CA ASP A 71 14.32 -8.85 -4.30
C ASP A 71 13.16 -7.86 -4.28
N ILE A 72 11.99 -8.31 -3.83
CA ILE A 72 10.81 -7.46 -3.76
C ILE A 72 10.83 -6.63 -2.48
N LEU A 73 10.70 -5.31 -2.63
CA LEU A 73 10.69 -4.41 -1.48
C LEU A 73 9.27 -4.05 -1.06
N CYS A 74 8.86 -4.54 0.11
CA CYS A 74 7.53 -4.27 0.63
C CYS A 74 7.54 -4.17 2.16
N GLN A 75 6.93 -3.10 2.68
CA GLN A 75 6.86 -2.91 4.13
C GLN A 75 5.75 -1.93 4.51
N THR A 76 5.39 -1.90 5.78
CA THR A 76 4.35 -1.02 6.27
C THR A 76 4.88 0.41 6.48
N PRO A 77 4.12 1.44 6.06
CA PRO A 77 4.54 2.83 6.20
C PRO A 77 4.13 3.43 7.55
N ALA A 78 5.06 4.20 8.14
CA ALA A 78 4.82 4.84 9.42
C ALA A 78 4.56 3.83 10.55
N GLY A 79 4.65 2.54 10.21
CA GLY A 79 4.42 1.51 11.19
C GLY A 79 2.96 1.38 11.59
N LEU A 80 2.08 1.47 10.59
CA LEU A 80 0.64 1.37 10.83
C LEU A 80 0.30 0.13 11.65
N SER A 1 -13.79 31.40 0.13
CA SER A 1 -14.24 30.18 0.84
C SER A 1 -13.54 28.94 0.27
N PRO A 2 -12.28 28.68 0.69
CA PRO A 2 -11.51 27.53 0.23
C PRO A 2 -12.22 26.20 0.51
N ALA A 3 -12.26 25.34 -0.50
CA ALA A 3 -12.92 24.04 -0.36
C ALA A 3 -11.87 22.93 -0.33
N ALA A 4 -11.50 22.51 0.88
CA ALA A 4 -10.50 21.46 1.05
C ALA A 4 -11.16 20.12 1.37
N MET A 5 -12.34 20.17 1.99
CA MET A 5 -13.06 18.96 2.34
C MET A 5 -14.31 18.81 1.48
N GLU A 6 -14.88 19.94 1.11
CA GLU A 6 -16.08 19.97 0.29
C GLU A 6 -15.92 19.10 -0.97
N ARG A 7 -14.81 19.27 -1.68
CA ARG A 7 -14.54 18.49 -2.88
C ARG A 7 -13.11 17.97 -2.87
N GLN A 8 -12.84 17.22 -1.83
CA GLN A 8 -11.52 16.63 -1.63
C GLN A 8 -11.09 15.82 -2.86
N VAL A 9 -9.80 15.90 -3.20
CA VAL A 9 -9.27 15.19 -4.35
C VAL A 9 -8.67 13.84 -3.93
N PRO A 10 -8.64 12.87 -4.85
CA PRO A 10 -8.09 11.54 -4.59
C PRO A 10 -6.78 11.57 -3.83
N TYR A 11 -6.74 10.93 -2.68
CA TYR A 11 -5.55 10.88 -1.84
C TYR A 11 -4.35 10.36 -2.63
N THR A 12 -3.17 10.86 -2.28
CA THR A 12 -1.94 10.45 -2.95
C THR A 12 -1.36 9.19 -2.31
N PRO A 13 -1.34 8.06 -3.05
CA PRO A 13 -0.79 6.79 -2.56
C PRO A 13 0.62 6.92 -1.99
N CYS A 14 1.16 5.78 -1.53
CA CYS A 14 2.49 5.71 -0.94
C CYS A 14 3.51 6.62 -1.63
N SER A 15 4.66 6.72 -1.01
CA SER A 15 5.72 7.60 -1.48
C SER A 15 6.82 6.86 -2.25
N GLY A 16 8.01 7.48 -2.21
CA GLY A 16 9.23 7.01 -2.86
C GLY A 16 9.28 5.59 -3.41
N LEU A 17 10.47 5.00 -3.30
CA LEU A 17 10.79 3.65 -3.82
C LEU A 17 9.58 2.74 -4.07
N TYR A 18 8.66 2.63 -3.12
CA TYR A 18 7.52 1.73 -3.34
C TYR A 18 6.57 2.27 -4.41
N GLY A 19 6.38 3.58 -4.41
CA GLY A 19 5.58 4.25 -5.43
C GLY A 19 4.14 3.75 -5.58
N THR A 20 3.79 2.62 -4.98
CA THR A 20 2.44 2.09 -5.14
C THR A 20 1.84 1.60 -3.83
N ALA A 21 0.50 1.60 -3.78
CA ALA A 21 -0.25 1.15 -2.62
C ALA A 21 -1.07 -0.08 -2.95
N GLN A 22 -0.61 -1.25 -2.51
CA GLN A 22 -1.31 -2.50 -2.78
C GLN A 22 -1.61 -3.26 -1.50
N CYS A 23 -2.05 -4.51 -1.65
CA CYS A 23 -2.39 -5.35 -0.50
C CYS A 23 -1.96 -6.78 -0.76
N CYS A 24 -1.41 -7.42 0.26
CA CYS A 24 -0.95 -8.81 0.13
C CYS A 24 -0.93 -9.51 1.49
N ALA A 25 -0.71 -10.81 1.46
CA ALA A 25 -0.65 -11.63 2.67
C ALA A 25 0.80 -11.83 3.11
N THR A 26 0.97 -12.35 4.33
CA THR A 26 2.31 -12.59 4.86
C THR A 26 2.41 -13.97 5.50
N ASP A 27 3.64 -14.47 5.61
CA ASP A 27 3.89 -15.78 6.18
C ASP A 27 3.93 -15.72 7.71
N VAL A 28 4.37 -16.81 8.33
CA VAL A 28 4.44 -16.91 9.78
C VAL A 28 5.42 -15.90 10.38
N LEU A 29 6.60 -15.78 9.78
CA LEU A 29 7.62 -14.87 10.28
C LEU A 29 7.34 -13.43 9.89
N GLY A 30 6.52 -13.24 8.86
CA GLY A 30 6.16 -11.90 8.42
C GLY A 30 6.79 -11.52 7.08
N VAL A 31 7.80 -12.26 6.64
CA VAL A 31 8.46 -11.98 5.37
C VAL A 31 7.98 -12.93 4.29
N ALA A 32 7.17 -12.41 3.35
CA ALA A 32 6.63 -13.20 2.26
C ALA A 32 5.73 -12.37 1.36
N ASP A 33 5.42 -12.92 0.18
CA ASP A 33 4.55 -12.25 -0.77
C ASP A 33 3.52 -13.25 -1.30
N LEU A 34 2.39 -13.33 -0.61
CA LEU A 34 1.32 -14.27 -0.97
C LEU A 34 0.03 -13.54 -1.29
N ASP A 35 -0.64 -13.95 -2.36
CA ASP A 35 -1.90 -13.35 -2.78
C ASP A 35 -1.79 -11.83 -2.86
N CYS A 36 -1.30 -11.33 -3.99
CA CYS A 36 -1.15 -9.89 -4.19
C CYS A 36 -2.18 -9.38 -5.21
N ALA A 37 -2.84 -8.28 -4.86
CA ALA A 37 -3.85 -7.70 -5.74
C ALA A 37 -4.09 -6.23 -5.39
N ASN A 38 -5.01 -5.60 -6.12
CA ASN A 38 -5.34 -4.20 -5.89
C ASN A 38 -6.26 -4.04 -4.68
N PRO A 39 -6.03 -3.00 -3.86
CA PRO A 39 -6.84 -2.74 -2.67
C PRO A 39 -8.04 -1.83 -2.98
N PRO A 40 -9.28 -2.34 -2.87
CA PRO A 40 -10.46 -1.55 -3.15
C PRO A 40 -10.99 -0.82 -1.93
N ALA A 41 -10.92 0.52 -1.95
CA ALA A 41 -11.42 1.34 -0.86
C ALA A 41 -11.29 2.81 -1.19
N THR A 42 -11.66 3.66 -0.23
CA THR A 42 -11.55 5.10 -0.40
C THR A 42 -10.43 5.61 0.50
N LEU A 43 -9.21 5.61 -0.03
CA LEU A 43 -8.04 6.06 0.74
C LEU A 43 -8.14 7.53 1.12
N ALA A 44 -8.03 7.81 2.42
CA ALA A 44 -8.11 9.18 2.93
C ALA A 44 -6.84 9.58 3.67
N ASN A 45 -6.21 8.62 4.35
CA ASN A 45 -5.00 8.87 5.11
C ASN A 45 -4.27 7.57 5.45
N ALA A 46 -3.16 7.69 6.19
CA ALA A 46 -2.37 6.52 6.58
C ALA A 46 -3.22 5.44 7.22
N THR A 47 -3.88 5.78 8.32
CA THR A 47 -4.73 4.83 9.03
C THR A 47 -5.87 4.36 8.15
N HIS A 48 -6.42 5.27 7.36
CA HIS A 48 -7.51 4.93 6.46
C HIS A 48 -7.06 3.87 5.46
N PHE A 49 -5.78 3.92 5.12
CA PHE A 49 -5.20 2.96 4.18
C PHE A 49 -5.10 1.59 4.84
N GLU A 50 -4.79 1.58 6.14
CA GLU A 50 -4.70 0.33 6.89
C GLU A 50 -6.06 -0.33 7.00
N SER A 51 -7.11 0.50 7.07
CA SER A 51 -8.48 0.01 7.17
C SER A 51 -8.92 -0.64 5.86
N THR A 52 -8.23 -0.28 4.78
CA THR A 52 -8.53 -0.82 3.46
C THR A 52 -8.20 -2.30 3.38
N CYS A 53 -7.04 -2.67 3.90
CA CYS A 53 -6.59 -4.06 3.89
C CYS A 53 -7.23 -4.86 5.01
N ALA A 54 -7.57 -4.19 6.10
CA ALA A 54 -8.18 -4.86 7.24
C ALA A 54 -9.60 -5.26 6.89
N ALA A 55 -10.12 -4.62 5.87
CA ALA A 55 -11.47 -4.86 5.39
C ALA A 55 -11.63 -6.27 4.82
N ILE A 56 -10.61 -6.74 4.12
CA ILE A 56 -10.66 -8.06 3.50
C ILE A 56 -9.80 -9.10 4.25
N GLY A 57 -9.29 -8.71 5.41
CA GLY A 57 -8.48 -9.64 6.20
C GLY A 57 -7.02 -9.68 5.77
N GLN A 58 -6.46 -8.52 5.41
CA GLN A 58 -5.07 -8.44 4.98
C GLN A 58 -4.39 -7.20 5.57
N ARG A 59 -3.13 -6.98 5.19
CA ARG A 59 -2.38 -5.83 5.70
C ARG A 59 -1.93 -4.90 4.57
N ALA A 60 -1.72 -3.63 4.91
CA ALA A 60 -1.29 -2.61 3.95
C ALA A 60 0.22 -2.63 3.77
N ARG A 61 0.68 -2.78 2.53
CA ARG A 61 2.11 -2.80 2.25
C ARG A 61 2.41 -2.23 0.85
N CYS A 62 3.29 -1.24 0.80
CA CYS A 62 3.66 -0.59 -0.45
C CYS A 62 4.78 -1.37 -1.13
N CYS A 63 4.42 -2.18 -2.12
CA CYS A 63 5.41 -2.96 -2.86
C CYS A 63 5.92 -2.21 -4.08
N VAL A 64 7.21 -2.37 -4.34
CA VAL A 64 7.86 -1.72 -5.47
C VAL A 64 7.99 -2.69 -6.65
N LEU A 65 7.90 -2.15 -7.86
CA LEU A 65 8.00 -2.95 -9.08
C LEU A 65 9.22 -3.86 -9.05
N PRO A 66 9.05 -5.16 -9.41
CA PRO A 66 10.14 -6.13 -9.41
C PRO A 66 11.22 -5.79 -10.44
N ILE A 67 12.48 -5.98 -10.05
CA ILE A 67 13.61 -5.71 -10.93
C ILE A 67 14.55 -6.90 -10.97
N LEU A 68 14.57 -7.59 -12.11
CA LEU A 68 15.41 -8.77 -12.30
C LEU A 68 16.83 -8.51 -11.79
N GLY A 69 17.18 -9.13 -10.67
CA GLY A 69 18.50 -8.95 -10.10
C GLY A 69 18.46 -8.58 -8.63
N GLN A 70 17.28 -8.20 -8.14
CA GLN A 70 17.11 -7.82 -6.74
C GLN A 70 15.89 -8.49 -6.14
N ASP A 71 15.81 -8.41 -4.82
CA ASP A 71 14.70 -8.98 -4.08
C ASP A 71 13.50 -8.04 -4.07
N ILE A 72 12.36 -8.54 -3.60
CA ILE A 72 11.14 -7.73 -3.53
C ILE A 72 11.13 -6.88 -2.26
N LEU A 73 10.92 -5.58 -2.43
CA LEU A 73 10.90 -4.65 -1.30
C LEU A 73 9.47 -4.28 -0.93
N CYS A 74 9.03 -4.72 0.25
CA CYS A 74 7.68 -4.43 0.73
C CYS A 74 7.68 -4.23 2.25
N GLN A 75 7.00 -3.20 2.72
CA GLN A 75 6.93 -2.91 4.15
C GLN A 75 5.71 -2.05 4.49
N THR A 76 5.45 -1.89 5.78
CA THR A 76 4.31 -1.10 6.24
C THR A 76 4.77 0.31 6.66
N PRO A 77 4.02 1.35 6.27
CA PRO A 77 4.36 2.74 6.59
C PRO A 77 3.82 3.18 7.95
N ALA A 78 4.62 3.98 8.66
CA ALA A 78 4.23 4.50 9.97
C ALA A 78 4.03 3.37 10.98
N GLY A 79 4.35 2.14 10.58
CA GLY A 79 4.20 1.02 11.47
C GLY A 79 2.74 0.68 11.73
N LEU A 80 1.92 0.84 10.70
CA LEU A 80 0.49 0.56 10.81
C LEU A 80 0.26 -0.88 11.28
N SER A 1 -8.72 5.71 -11.34
CA SER A 1 -8.98 6.91 -10.49
C SER A 1 -8.56 8.20 -11.22
N PRO A 2 -9.33 8.61 -12.24
CA PRO A 2 -9.03 9.82 -13.01
C PRO A 2 -9.00 11.07 -12.13
N ALA A 3 -7.83 11.67 -12.00
CA ALA A 3 -7.67 12.86 -11.18
C ALA A 3 -8.04 14.12 -11.97
N ALA A 4 -9.33 14.45 -11.97
CA ALA A 4 -9.81 15.62 -12.68
C ALA A 4 -9.71 16.86 -11.81
N MET A 5 -9.73 16.67 -10.49
CA MET A 5 -9.63 17.78 -9.55
C MET A 5 -8.30 17.73 -8.81
N GLU A 6 -7.78 16.52 -8.62
CA GLU A 6 -6.52 16.32 -7.91
C GLU A 6 -5.34 16.54 -8.86
N ARG A 7 -4.15 16.10 -8.43
CA ARG A 7 -2.94 16.24 -9.24
C ARG A 7 -3.17 15.79 -10.67
N GLN A 8 -2.95 16.72 -11.60
CA GLN A 8 -3.12 16.45 -13.03
C GLN A 8 -2.40 15.16 -13.45
N VAL A 9 -1.14 15.04 -13.05
CA VAL A 9 -0.34 13.86 -13.38
C VAL A 9 -0.92 12.61 -12.71
N PRO A 10 -0.64 11.42 -13.30
CA PRO A 10 -1.14 10.14 -12.77
C PRO A 10 -0.99 10.04 -11.25
N TYR A 11 -2.05 9.60 -10.59
CA TYR A 11 -2.06 9.44 -9.14
C TYR A 11 -0.92 8.53 -8.69
N THR A 12 -0.38 8.83 -7.51
CA THR A 12 0.73 8.05 -6.95
C THR A 12 0.47 7.73 -5.48
N PRO A 13 -0.13 6.57 -5.18
CA PRO A 13 -0.41 6.17 -3.79
C PRO A 13 0.88 5.87 -3.02
N CYS A 14 0.75 5.69 -1.72
CA CYS A 14 1.91 5.43 -0.86
C CYS A 14 3.02 6.45 -1.13
N SER A 15 4.21 6.10 -0.72
CA SER A 15 5.36 6.98 -0.87
C SER A 15 6.46 6.34 -1.72
N GLY A 16 7.68 6.86 -1.48
CA GLY A 16 8.93 6.46 -2.15
C GLY A 16 8.96 5.12 -2.90
N LEU A 17 10.14 4.51 -2.85
CA LEU A 17 10.45 3.24 -3.53
C LEU A 17 9.24 2.36 -3.87
N TYR A 18 8.27 2.25 -2.97
CA TYR A 18 7.12 1.38 -3.24
C TYR A 18 6.23 1.94 -4.35
N GLY A 19 6.09 3.25 -4.38
CA GLY A 19 5.31 3.91 -5.42
C GLY A 19 3.85 3.48 -5.53
N THR A 20 3.47 2.35 -4.90
CA THR A 20 2.10 1.87 -5.00
C THR A 20 1.59 1.32 -3.68
N ALA A 21 0.29 1.54 -3.42
CA ALA A 21 -0.34 1.06 -2.19
C ALA A 21 -1.29 -0.10 -2.50
N GLN A 22 -0.93 -1.29 -2.01
CA GLN A 22 -1.75 -2.48 -2.23
C GLN A 22 -2.00 -3.23 -0.93
N CYS A 23 -2.65 -4.38 -1.04
CA CYS A 23 -2.95 -5.23 0.11
C CYS A 23 -2.47 -6.65 -0.14
N CYS A 24 -1.43 -7.06 0.57
CA CYS A 24 -0.87 -8.39 0.39
C CYS A 24 -0.74 -9.13 1.72
N ALA A 25 -0.73 -10.46 1.65
CA ALA A 25 -0.62 -11.29 2.83
C ALA A 25 0.85 -11.51 3.20
N THR A 26 1.09 -11.99 4.40
CA THR A 26 2.45 -12.24 4.86
C THR A 26 2.63 -13.66 5.36
N ASP A 27 3.88 -14.13 5.36
CA ASP A 27 4.19 -15.49 5.80
C ASP A 27 4.26 -15.57 7.32
N VAL A 28 4.73 -16.70 7.82
CA VAL A 28 4.86 -16.92 9.25
C VAL A 28 5.83 -15.95 9.92
N LEU A 29 7.00 -15.77 9.31
CA LEU A 29 8.01 -14.88 9.87
C LEU A 29 7.69 -13.41 9.61
N GLY A 30 6.84 -13.16 8.62
CA GLY A 30 6.45 -11.79 8.29
C GLY A 30 7.04 -11.28 6.99
N VAL A 31 8.05 -11.96 6.46
CA VAL A 31 8.67 -11.56 5.21
C VAL A 31 8.19 -12.42 4.05
N ALA A 32 7.36 -11.82 3.18
CA ALA A 32 6.83 -12.54 2.02
C ALA A 32 5.88 -11.65 1.21
N ASP A 33 5.56 -12.11 0.00
CA ASP A 33 4.65 -11.39 -0.88
C ASP A 33 3.62 -12.36 -1.45
N LEU A 34 2.54 -12.57 -0.71
CA LEU A 34 1.49 -13.50 -1.10
C LEU A 34 0.18 -12.79 -1.40
N ASP A 35 -0.53 -13.26 -2.42
CA ASP A 35 -1.83 -12.71 -2.79
C ASP A 35 -1.79 -11.18 -2.85
N CYS A 36 -1.32 -10.65 -3.97
CA CYS A 36 -1.24 -9.20 -4.15
C CYS A 36 -2.25 -8.73 -5.19
N ALA A 37 -3.04 -7.71 -4.83
CA ALA A 37 -4.04 -7.17 -5.73
C ALA A 37 -4.33 -5.71 -5.43
N ASN A 38 -5.27 -5.12 -6.16
CA ASN A 38 -5.63 -3.72 -5.96
C ASN A 38 -6.56 -3.58 -4.75
N PRO A 39 -6.29 -2.57 -3.88
CA PRO A 39 -7.09 -2.33 -2.69
C PRO A 39 -8.25 -1.37 -2.96
N PRO A 40 -9.50 -1.85 -2.86
CA PRO A 40 -10.67 -1.01 -3.11
C PRO A 40 -11.16 -0.32 -1.85
N ALA A 41 -11.02 1.00 -1.82
CA ALA A 41 -11.48 1.80 -0.68
C ALA A 41 -11.29 3.29 -0.96
N THR A 42 -11.60 4.11 0.04
CA THR A 42 -11.42 5.54 -0.06
C THR A 42 -10.29 5.97 0.87
N LEU A 43 -9.06 5.94 0.36
CA LEU A 43 -7.89 6.29 1.15
C LEU A 43 -7.96 7.73 1.65
N ALA A 44 -7.92 7.90 2.97
CA ALA A 44 -7.98 9.24 3.57
C ALA A 44 -6.73 9.55 4.40
N ASN A 45 -6.16 8.54 5.03
CA ASN A 45 -4.97 8.72 5.85
C ASN A 45 -4.30 7.38 6.17
N ALA A 46 -3.20 7.45 6.94
CA ALA A 46 -2.45 6.25 7.31
C ALA A 46 -3.35 5.16 7.87
N THR A 47 -4.04 5.46 8.96
CA THR A 47 -4.93 4.51 9.59
C THR A 47 -6.04 4.08 8.64
N HIS A 48 -6.52 5.02 7.83
CA HIS A 48 -7.57 4.74 6.87
C HIS A 48 -7.07 3.70 5.86
N PHE A 49 -5.77 3.75 5.58
CA PHE A 49 -5.16 2.82 4.66
C PHE A 49 -5.12 1.41 5.26
N GLU A 50 -4.86 1.35 6.57
CA GLU A 50 -4.81 0.08 7.28
C GLU A 50 -6.18 -0.58 7.28
N SER A 51 -7.23 0.24 7.35
CA SER A 51 -8.60 -0.25 7.37
C SER A 51 -9.01 -0.76 5.99
N THR A 52 -8.21 -0.44 4.98
CA THR A 52 -8.49 -0.86 3.61
C THR A 52 -8.07 -2.31 3.38
N CYS A 53 -6.91 -2.67 3.92
CA CYS A 53 -6.39 -4.03 3.77
C CYS A 53 -6.95 -4.96 4.84
N ALA A 54 -7.34 -4.39 5.97
CA ALA A 54 -7.89 -5.17 7.08
C ALA A 54 -9.33 -5.54 6.79
N ALA A 55 -9.93 -4.79 5.89
CA ALA A 55 -11.32 -4.99 5.50
C ALA A 55 -11.54 -6.34 4.82
N ILE A 56 -10.57 -6.76 4.01
CA ILE A 56 -10.69 -8.02 3.28
C ILE A 56 -9.84 -9.13 3.90
N GLY A 57 -9.26 -8.87 5.06
CA GLY A 57 -8.46 -9.89 5.73
C GLY A 57 -6.98 -9.87 5.38
N GLN A 58 -6.40 -8.67 5.27
CA GLN A 58 -4.99 -8.55 4.95
C GLN A 58 -4.37 -7.34 5.65
N ARG A 59 -3.07 -7.11 5.41
CA ARG A 59 -2.36 -5.99 6.02
C ARG A 59 -1.87 -5.01 4.96
N ALA A 60 -1.72 -3.75 5.35
CA ALA A 60 -1.26 -2.71 4.45
C ALA A 60 0.24 -2.78 4.21
N ARG A 61 0.64 -2.94 2.94
CA ARG A 61 2.05 -3.02 2.59
C ARG A 61 2.26 -2.61 1.13
N CYS A 62 2.98 -1.52 0.94
CA CYS A 62 3.24 -0.97 -0.39
C CYS A 62 4.36 -1.75 -1.07
N CYS A 63 4.01 -2.62 -2.01
CA CYS A 63 5.02 -3.41 -2.72
C CYS A 63 5.43 -2.75 -4.03
N VAL A 64 6.73 -2.50 -4.15
CA VAL A 64 7.31 -1.88 -5.33
C VAL A 64 7.31 -2.84 -6.51
N LEU A 65 7.17 -2.27 -7.72
CA LEU A 65 7.16 -3.06 -8.95
C LEU A 65 8.37 -3.99 -9.01
N PRO A 66 8.18 -5.25 -9.44
CA PRO A 66 9.27 -6.23 -9.54
C PRO A 66 10.36 -5.78 -10.50
N ILE A 67 11.59 -5.72 -10.00
CA ILE A 67 12.73 -5.31 -10.82
C ILE A 67 13.82 -6.39 -10.80
N LEU A 68 13.89 -7.17 -11.88
CA LEU A 68 14.88 -8.24 -11.98
C LEU A 68 16.27 -7.73 -11.61
N GLY A 69 16.86 -8.34 -10.60
CA GLY A 69 18.19 -7.94 -10.16
C GLY A 69 18.21 -7.45 -8.72
N GLN A 70 17.01 -7.21 -8.16
CA GLN A 70 16.90 -6.73 -6.80
C GLN A 70 15.81 -7.48 -6.05
N ASP A 71 15.80 -7.28 -4.73
CA ASP A 71 14.82 -7.91 -3.87
C ASP A 71 13.53 -7.11 -3.84
N ILE A 72 12.46 -7.70 -3.32
CA ILE A 72 11.17 -7.02 -3.24
C ILE A 72 11.11 -6.13 -2.00
N LEU A 73 10.78 -4.85 -2.19
CA LEU A 73 10.71 -3.91 -1.08
C LEU A 73 9.26 -3.70 -0.62
N CYS A 74 8.90 -4.33 0.49
CA CYS A 74 7.54 -4.21 1.05
C CYS A 74 7.59 -4.07 2.57
N GLN A 75 6.88 -3.07 3.10
CA GLN A 75 6.84 -2.86 4.55
C GLN A 75 5.63 -2.04 4.96
N THR A 76 5.30 -2.07 6.25
CA THR A 76 4.16 -1.33 6.77
C THR A 76 4.62 -0.01 7.43
N PRO A 77 4.18 1.15 6.90
CA PRO A 77 4.54 2.45 7.43
C PRO A 77 4.04 2.67 8.86
N ALA A 78 4.91 3.23 9.70
CA ALA A 78 4.57 3.50 11.10
C ALA A 78 4.26 2.23 11.87
N GLY A 79 4.36 1.08 11.21
CA GLY A 79 4.09 -0.18 11.86
C GLY A 79 2.61 -0.37 12.15
N LEU A 80 1.78 0.08 11.21
CA LEU A 80 0.33 -0.04 11.36
C LEU A 80 -0.07 -1.46 11.78
N SER A 1 6.21 18.26 -15.26
CA SER A 1 5.16 19.29 -15.40
C SER A 1 4.48 19.55 -14.05
N PRO A 2 5.15 20.26 -13.13
CA PRO A 2 4.60 20.57 -11.81
C PRO A 2 3.28 21.34 -11.89
N ALA A 3 2.17 20.61 -11.78
CA ALA A 3 0.84 21.21 -11.85
C ALA A 3 0.23 21.34 -10.46
N ALA A 4 0.60 22.41 -9.76
CA ALA A 4 0.08 22.66 -8.42
C ALA A 4 -1.15 23.55 -8.47
N MET A 5 -1.19 24.45 -9.45
CA MET A 5 -2.30 25.36 -9.62
C MET A 5 -3.15 24.94 -10.82
N GLU A 6 -2.48 24.38 -11.81
CA GLU A 6 -3.15 23.91 -13.03
C GLU A 6 -3.89 22.61 -12.76
N ARG A 7 -4.29 21.92 -13.84
CA ARG A 7 -4.98 20.65 -13.72
C ARG A 7 -4.18 19.66 -12.87
N GLN A 8 -4.78 19.23 -11.77
CA GLN A 8 -4.12 18.29 -10.87
C GLN A 8 -3.76 17.00 -11.61
N VAL A 9 -2.64 16.40 -11.20
CA VAL A 9 -2.17 15.16 -11.82
C VAL A 9 -2.69 13.95 -11.07
N PRO A 10 -2.83 12.80 -11.77
CA PRO A 10 -3.32 11.56 -11.17
C PRO A 10 -2.70 11.28 -9.80
N TYR A 11 -3.55 11.08 -8.80
CA TYR A 11 -3.10 10.81 -7.45
C TYR A 11 -2.13 9.62 -7.42
N THR A 12 -1.17 9.67 -6.51
CA THR A 12 -0.18 8.60 -6.37
C THR A 12 -0.08 8.12 -4.92
N PRO A 13 -0.86 7.09 -4.55
CA PRO A 13 -0.84 6.54 -3.19
C PRO A 13 0.56 6.19 -2.72
N CYS A 14 0.69 5.93 -1.42
CA CYS A 14 1.96 5.56 -0.78
C CYS A 14 3.17 6.29 -1.39
N SER A 15 3.74 7.25 -0.65
CA SER A 15 4.90 7.98 -1.14
C SER A 15 6.17 7.32 -0.62
N GLY A 16 6.96 6.78 -1.52
CA GLY A 16 8.16 6.09 -1.13
C GLY A 16 8.84 5.36 -2.27
N LEU A 17 9.76 4.49 -1.90
CA LEU A 17 10.48 3.66 -2.84
C LEU A 17 9.51 2.75 -3.59
N TYR A 18 8.50 2.29 -2.89
CA TYR A 18 7.51 1.37 -3.46
C TYR A 18 6.44 2.11 -4.27
N GLY A 19 6.07 3.28 -3.80
CA GLY A 19 5.11 4.14 -4.49
C GLY A 19 3.73 3.53 -4.72
N THR A 20 3.56 2.22 -4.51
CA THR A 20 2.25 1.60 -4.74
C THR A 20 1.57 1.14 -3.46
N ALA A 21 0.33 1.58 -3.27
CA ALA A 21 -0.44 1.22 -2.08
C ALA A 21 -1.36 0.04 -2.36
N GLN A 22 -0.95 -1.15 -1.92
CA GLN A 22 -1.73 -2.36 -2.14
C GLN A 22 -1.95 -3.11 -0.83
N CYS A 23 -2.56 -4.30 -0.93
CA CYS A 23 -2.82 -5.14 0.23
C CYS A 23 -2.45 -6.58 -0.07
N CYS A 24 -1.45 -7.09 0.62
CA CYS A 24 -1.00 -8.47 0.42
C CYS A 24 -0.85 -9.21 1.75
N ALA A 25 -0.83 -10.53 1.67
CA ALA A 25 -0.70 -11.37 2.85
C ALA A 25 0.77 -11.61 3.18
N THR A 26 1.03 -12.11 4.38
CA THR A 26 2.39 -12.38 4.81
C THR A 26 2.56 -13.78 5.39
N ASP A 27 3.79 -14.28 5.38
CA ASP A 27 4.09 -15.61 5.89
C ASP A 27 4.23 -15.60 7.41
N VAL A 28 4.71 -16.71 7.96
CA VAL A 28 4.88 -16.85 9.39
C VAL A 28 5.90 -15.85 9.96
N LEU A 29 7.04 -15.72 9.31
CA LEU A 29 8.09 -14.80 9.78
C LEU A 29 7.75 -13.35 9.45
N GLY A 30 6.86 -13.14 8.49
CA GLY A 30 6.48 -11.79 8.11
C GLY A 30 7.00 -11.38 6.74
N VAL A 31 7.91 -12.16 6.17
CA VAL A 31 8.46 -11.86 4.86
C VAL A 31 7.80 -12.72 3.78
N ALA A 32 6.97 -12.07 2.96
CA ALA A 32 6.28 -12.78 1.88
C ALA A 32 5.26 -11.89 1.19
N ASP A 33 4.98 -12.20 -0.07
CA ASP A 33 4.01 -11.45 -0.86
C ASP A 33 2.93 -12.39 -1.39
N LEU A 34 2.12 -12.93 -0.48
CA LEU A 34 1.07 -13.88 -0.84
C LEU A 34 -0.24 -13.16 -1.13
N ASP A 35 -0.90 -13.57 -2.20
CA ASP A 35 -2.17 -12.97 -2.60
C ASP A 35 -2.06 -11.45 -2.69
N CYS A 36 -1.59 -10.96 -3.83
CA CYS A 36 -1.44 -9.52 -4.05
C CYS A 36 -2.48 -9.03 -5.06
N ALA A 37 -3.13 -7.91 -4.74
CA ALA A 37 -4.14 -7.35 -5.62
C ALA A 37 -4.40 -5.88 -5.30
N ASN A 38 -5.34 -5.28 -6.02
CA ASN A 38 -5.69 -3.88 -5.81
C ASN A 38 -6.66 -3.73 -4.63
N PRO A 39 -6.43 -2.73 -3.77
CA PRO A 39 -7.27 -2.49 -2.60
C PRO A 39 -8.43 -1.53 -2.89
N PRO A 40 -9.68 -2.00 -2.78
CA PRO A 40 -10.85 -1.16 -3.03
C PRO A 40 -11.35 -0.46 -1.76
N ALA A 41 -11.22 0.86 -1.74
CA ALA A 41 -11.67 1.65 -0.59
C ALA A 41 -11.51 3.14 -0.87
N THR A 42 -11.85 3.95 0.12
CA THR A 42 -11.70 5.39 0.00
C THR A 42 -10.57 5.84 0.92
N LEU A 43 -9.35 5.82 0.41
CA LEU A 43 -8.17 6.19 1.19
C LEU A 43 -8.24 7.66 1.64
N ALA A 44 -8.14 7.86 2.95
CA ALA A 44 -8.18 9.21 3.51
C ALA A 44 -6.88 9.54 4.23
N ASN A 45 -6.33 8.56 4.94
CA ASN A 45 -5.08 8.75 5.67
C ASN A 45 -4.31 7.44 5.79
N ALA A 46 -3.28 7.44 6.63
CA ALA A 46 -2.46 6.25 6.84
C ALA A 46 -3.26 5.14 7.53
N THR A 47 -4.01 5.53 8.56
CA THR A 47 -4.83 4.58 9.30
C THR A 47 -5.97 4.06 8.43
N HIS A 48 -6.56 4.95 7.64
CA HIS A 48 -7.64 4.57 6.75
C HIS A 48 -7.17 3.51 5.78
N PHE A 49 -5.91 3.61 5.37
CA PHE A 49 -5.32 2.65 4.44
C PHE A 49 -5.17 1.30 5.12
N GLU A 50 -4.79 1.33 6.40
CA GLU A 50 -4.63 0.10 7.18
C GLU A 50 -5.97 -0.63 7.26
N SER A 51 -7.03 0.16 7.43
CA SER A 51 -8.37 -0.36 7.53
C SER A 51 -8.84 -0.94 6.19
N THR A 52 -8.23 -0.47 5.11
CA THR A 52 -8.59 -0.93 3.77
C THR A 52 -8.16 -2.39 3.56
N CYS A 53 -6.96 -2.71 4.01
CA CYS A 53 -6.43 -4.06 3.85
C CYS A 53 -7.03 -5.00 4.91
N ALA A 54 -7.42 -4.44 6.04
CA ALA A 54 -8.00 -5.22 7.13
C ALA A 54 -9.43 -5.58 6.81
N ALA A 55 -10.02 -4.82 5.90
CA ALA A 55 -11.38 -5.02 5.47
C ALA A 55 -11.59 -6.36 4.80
N ILE A 56 -10.60 -6.78 4.02
CA ILE A 56 -10.68 -8.06 3.29
C ILE A 56 -9.82 -9.16 3.92
N GLY A 57 -9.27 -8.88 5.10
CA GLY A 57 -8.46 -9.89 5.78
C GLY A 57 -6.98 -9.86 5.41
N GLN A 58 -6.40 -8.67 5.31
CA GLN A 58 -4.99 -8.53 4.97
C GLN A 58 -4.36 -7.32 5.65
N ARG A 59 -3.08 -7.08 5.39
CA ARG A 59 -2.36 -5.95 5.98
C ARG A 59 -1.82 -5.01 4.90
N ALA A 60 -1.66 -3.73 5.26
CA ALA A 60 -1.15 -2.72 4.33
C ALA A 60 0.30 -2.96 3.98
N ARG A 61 0.56 -3.22 2.70
CA ARG A 61 1.93 -3.46 2.22
C ARG A 61 2.20 -2.70 0.92
N CYS A 62 3.12 -1.75 0.99
CA CYS A 62 3.49 -0.96 -0.17
C CYS A 62 4.70 -1.59 -0.88
N CYS A 63 4.47 -2.17 -2.05
CA CYS A 63 5.53 -2.86 -2.80
C CYS A 63 6.04 -2.04 -3.98
N VAL A 64 7.32 -2.23 -4.28
CA VAL A 64 7.99 -1.53 -5.39
C VAL A 64 8.08 -2.44 -6.61
N LEU A 65 8.03 -1.82 -7.80
CA LEU A 65 8.09 -2.55 -9.05
C LEU A 65 9.26 -3.54 -9.08
N PRO A 66 9.05 -4.75 -9.65
CA PRO A 66 10.09 -5.78 -9.72
C PRO A 66 11.33 -5.31 -10.47
N ILE A 67 12.50 -5.65 -9.96
CA ILE A 67 13.77 -5.27 -10.58
C ILE A 67 14.70 -6.47 -10.66
N LEU A 68 14.90 -6.98 -11.87
CA LEU A 68 15.77 -8.13 -12.10
C LEU A 68 17.14 -7.93 -11.47
N GLY A 69 17.51 -8.83 -10.57
CA GLY A 69 18.80 -8.74 -9.91
C GLY A 69 18.68 -8.47 -8.41
N GLN A 70 17.45 -8.27 -7.95
CA GLN A 70 17.19 -8.00 -6.54
C GLN A 70 15.83 -8.55 -6.13
N ASP A 71 15.64 -8.63 -4.82
CA ASP A 71 14.40 -9.12 -4.24
C ASP A 71 13.33 -8.04 -4.23
N ILE A 72 12.10 -8.42 -3.92
CA ILE A 72 11.00 -7.47 -3.87
C ILE A 72 10.97 -6.75 -2.52
N LEU A 73 11.03 -5.42 -2.56
CA LEU A 73 11.03 -4.61 -1.35
C LEU A 73 9.61 -4.23 -0.94
N CYS A 74 9.15 -4.80 0.18
CA CYS A 74 7.81 -4.52 0.68
C CYS A 74 7.82 -4.35 2.20
N GLN A 75 7.17 -3.28 2.69
CA GLN A 75 7.10 -3.00 4.12
C GLN A 75 5.89 -2.13 4.44
N THR A 76 5.58 -1.99 5.73
CA THR A 76 4.45 -1.19 6.17
C THR A 76 4.92 0.21 6.58
N PRO A 77 4.17 1.26 6.20
CA PRO A 77 4.52 2.64 6.53
C PRO A 77 4.06 3.06 7.91
N ALA A 78 4.91 3.81 8.61
CA ALA A 78 4.61 4.29 9.96
C ALA A 78 4.42 3.15 10.96
N GLY A 79 4.62 1.92 10.49
CA GLY A 79 4.48 0.77 11.36
C GLY A 79 3.04 0.55 11.78
N LEU A 80 2.13 0.77 10.84
CA LEU A 80 0.69 0.59 11.09
C LEU A 80 0.41 -0.78 11.70
N SER A 1 3.24 19.83 -11.16
CA SER A 1 2.16 19.72 -12.17
C SER A 1 0.81 20.08 -11.56
N PRO A 2 0.55 21.39 -11.35
CA PRO A 2 -0.71 21.85 -10.75
C PRO A 2 -1.93 21.42 -11.57
N ALA A 3 -2.63 20.41 -11.09
CA ALA A 3 -3.82 19.90 -11.75
C ALA A 3 -4.85 19.42 -10.74
N ALA A 4 -5.63 20.36 -10.21
CA ALA A 4 -6.66 20.05 -9.23
C ALA A 4 -8.06 20.24 -9.80
N MET A 5 -8.22 21.22 -10.68
CA MET A 5 -9.50 21.52 -11.29
C MET A 5 -9.56 20.98 -12.71
N GLU A 6 -8.43 21.10 -13.42
CA GLU A 6 -8.34 20.64 -14.80
C GLU A 6 -8.18 19.13 -14.85
N ARG A 7 -7.72 18.62 -15.99
CA ARG A 7 -7.51 17.19 -16.18
C ARG A 7 -6.79 16.57 -15.00
N GLN A 8 -7.42 15.58 -14.39
CA GLN A 8 -6.85 14.87 -13.24
C GLN A 8 -5.44 14.38 -13.53
N VAL A 9 -4.56 14.49 -12.54
CA VAL A 9 -3.18 14.05 -12.69
C VAL A 9 -2.98 12.66 -12.09
N PRO A 10 -1.99 11.90 -12.59
CA PRO A 10 -1.68 10.55 -12.11
C PRO A 10 -1.61 10.48 -10.58
N TYR A 11 -2.43 9.62 -10.00
CA TYR A 11 -2.45 9.45 -8.55
C TYR A 11 -1.17 8.82 -8.06
N THR A 12 -0.77 9.17 -6.84
CA THR A 12 0.46 8.63 -6.24
C THR A 12 0.20 8.16 -4.81
N PRO A 13 -0.19 6.88 -4.63
CA PRO A 13 -0.44 6.33 -3.31
C PRO A 13 0.85 6.03 -2.56
N CYS A 14 0.74 5.78 -1.26
CA CYS A 14 1.90 5.52 -0.42
C CYS A 14 2.99 6.55 -0.64
N SER A 15 4.19 6.23 -0.21
CA SER A 15 5.32 7.13 -0.33
C SER A 15 6.40 6.59 -1.26
N GLY A 16 7.63 7.10 -1.03
CA GLY A 16 8.85 6.78 -1.77
C GLY A 16 8.88 5.50 -2.62
N LEU A 17 10.08 4.93 -2.70
CA LEU A 17 10.41 3.74 -3.50
C LEU A 17 9.21 2.83 -3.82
N TYR A 18 8.32 2.59 -2.87
CA TYR A 18 7.21 1.68 -3.14
C TYR A 18 6.23 2.28 -4.16
N GLY A 19 6.03 3.59 -4.08
CA GLY A 19 5.18 4.28 -5.04
C GLY A 19 3.74 3.79 -5.13
N THR A 20 3.43 2.62 -4.55
CA THR A 20 2.07 2.08 -4.65
C THR A 20 1.59 1.50 -3.33
N ALA A 21 0.30 1.69 -3.06
CA ALA A 21 -0.33 1.18 -1.84
C ALA A 21 -1.29 0.05 -2.17
N GLN A 22 -0.89 -1.18 -1.85
CA GLN A 22 -1.72 -2.36 -2.12
C GLN A 22 -1.93 -3.20 -0.87
N CYS A 23 -2.62 -4.32 -1.02
CA CYS A 23 -2.89 -5.22 0.09
C CYS A 23 -2.39 -6.63 -0.24
N CYS A 24 -1.36 -7.06 0.48
CA CYS A 24 -0.77 -8.37 0.25
C CYS A 24 -0.66 -9.17 1.54
N ALA A 25 -0.67 -10.49 1.41
CA ALA A 25 -0.56 -11.40 2.54
C ALA A 25 0.90 -11.63 2.91
N THR A 26 1.12 -12.21 4.09
CA THR A 26 2.48 -12.47 4.55
C THR A 26 2.62 -13.88 5.11
N ASP A 27 3.85 -14.38 5.14
CA ASP A 27 4.13 -15.71 5.64
C ASP A 27 4.13 -15.76 7.16
N VAL A 28 4.58 -16.88 7.71
CA VAL A 28 4.63 -17.08 9.16
C VAL A 28 5.59 -16.11 9.85
N LEU A 29 6.80 -15.97 9.31
CA LEU A 29 7.80 -15.09 9.90
C LEU A 29 7.50 -13.61 9.62
N GLY A 30 6.68 -13.35 8.61
CA GLY A 30 6.32 -11.98 8.28
C GLY A 30 6.93 -11.48 6.99
N VAL A 31 7.94 -12.19 6.48
CA VAL A 31 8.58 -11.79 5.22
C VAL A 31 8.08 -12.65 4.06
N ALA A 32 7.28 -12.03 3.19
CA ALA A 32 6.73 -12.71 2.02
C ALA A 32 5.77 -11.81 1.25
N ASP A 33 5.57 -12.14 -0.03
CA ASP A 33 4.66 -11.38 -0.88
C ASP A 33 3.65 -12.33 -1.54
N LEU A 34 2.53 -12.54 -0.87
CA LEU A 34 1.50 -13.45 -1.36
C LEU A 34 0.19 -12.72 -1.66
N ASP A 35 -0.47 -13.12 -2.74
CA ASP A 35 -1.75 -12.53 -3.14
C ASP A 35 -1.67 -11.00 -3.15
N CYS A 36 -1.18 -10.45 -4.25
CA CYS A 36 -1.07 -9.00 -4.40
C CYS A 36 -2.02 -8.49 -5.48
N ALA A 37 -2.78 -7.44 -5.15
CA ALA A 37 -3.73 -6.86 -6.10
C ALA A 37 -4.13 -5.46 -5.67
N ASN A 38 -5.00 -4.84 -6.46
CA ASN A 38 -5.48 -3.49 -6.16
C ASN A 38 -6.45 -3.51 -4.98
N PRO A 39 -6.28 -2.61 -4.00
CA PRO A 39 -7.15 -2.55 -2.83
C PRO A 39 -8.34 -1.62 -3.05
N PRO A 40 -9.58 -2.12 -2.86
CA PRO A 40 -10.77 -1.32 -3.05
C PRO A 40 -11.21 -0.62 -1.76
N ALA A 41 -11.12 0.71 -1.76
CA ALA A 41 -11.52 1.49 -0.60
C ALA A 41 -11.40 2.98 -0.90
N THR A 42 -11.73 3.81 0.07
CA THR A 42 -11.62 5.24 -0.06
C THR A 42 -10.48 5.72 0.83
N LEU A 43 -9.26 5.72 0.28
CA LEU A 43 -8.09 6.13 1.05
C LEU A 43 -8.19 7.58 1.50
N ALA A 44 -8.14 7.79 2.82
CA ALA A 44 -8.25 9.13 3.38
C ALA A 44 -7.01 9.50 4.20
N ASN A 45 -6.41 8.51 4.85
CA ASN A 45 -5.23 8.75 5.67
C ASN A 45 -4.53 7.43 6.02
N ALA A 46 -3.43 7.53 6.79
CA ALA A 46 -2.65 6.36 7.19
C ALA A 46 -3.54 5.25 7.75
N THR A 47 -4.24 5.55 8.83
CA THR A 47 -5.12 4.58 9.47
C THR A 47 -6.18 4.11 8.51
N HIS A 48 -6.68 5.02 7.69
CA HIS A 48 -7.71 4.70 6.72
C HIS A 48 -7.18 3.66 5.73
N PHE A 49 -5.88 3.74 5.46
CA PHE A 49 -5.23 2.81 4.55
C PHE A 49 -5.16 1.42 5.18
N GLU A 50 -4.89 1.39 6.49
CA GLU A 50 -4.83 0.13 7.22
C GLU A 50 -6.19 -0.55 7.21
N SER A 51 -7.24 0.25 7.32
CA SER A 51 -8.60 -0.23 7.32
C SER A 51 -8.98 -0.81 5.96
N THR A 52 -8.19 -0.51 4.94
CA THR A 52 -8.44 -0.99 3.58
C THR A 52 -7.98 -2.43 3.41
N CYS A 53 -6.83 -2.75 3.96
CA CYS A 53 -6.27 -4.11 3.86
C CYS A 53 -6.82 -5.01 4.96
N ALA A 54 -7.27 -4.41 6.05
CA ALA A 54 -7.80 -5.15 7.17
C ALA A 54 -9.24 -5.55 6.91
N ALA A 55 -9.85 -4.83 5.98
CA ALA A 55 -11.23 -5.06 5.60
C ALA A 55 -11.43 -6.45 4.98
N ILE A 56 -10.45 -6.87 4.18
CA ILE A 56 -10.53 -8.16 3.50
C ILE A 56 -9.64 -9.23 4.15
N GLY A 57 -9.11 -8.95 5.33
CA GLY A 57 -8.28 -9.91 6.03
C GLY A 57 -6.82 -9.90 5.61
N GLN A 58 -6.24 -8.70 5.48
CA GLN A 58 -4.83 -8.59 5.10
C GLN A 58 -4.17 -7.41 5.80
N ARG A 59 -2.88 -7.20 5.52
CA ARG A 59 -2.13 -6.11 6.14
C ARG A 59 -1.67 -5.10 5.09
N ALA A 60 -1.64 -3.82 5.47
CA ALA A 60 -1.23 -2.75 4.57
C ALA A 60 0.28 -2.79 4.32
N ARG A 61 0.67 -2.87 3.05
CA ARG A 61 2.09 -2.92 2.68
C ARG A 61 2.28 -2.42 1.25
N CYS A 62 3.16 -1.44 1.09
CA CYS A 62 3.44 -0.86 -0.22
C CYS A 62 4.58 -1.60 -0.89
N CYS A 63 4.25 -2.49 -1.82
CA CYS A 63 5.26 -3.27 -2.51
C CYS A 63 5.62 -2.69 -3.88
N VAL A 64 6.87 -2.26 -4.00
CA VAL A 64 7.39 -1.68 -5.24
C VAL A 64 7.42 -2.75 -6.35
N LEU A 65 7.19 -2.31 -7.58
CA LEU A 65 7.18 -3.21 -8.73
C LEU A 65 8.44 -4.08 -8.75
N PRO A 66 8.29 -5.40 -9.01
CA PRO A 66 9.42 -6.33 -9.05
C PRO A 66 10.42 -5.99 -10.15
N ILE A 67 11.70 -6.05 -9.81
CA ILE A 67 12.77 -5.76 -10.77
C ILE A 67 13.79 -6.90 -10.79
N LEU A 68 13.75 -7.71 -11.84
CA LEU A 68 14.67 -8.83 -11.97
C LEU A 68 16.11 -8.40 -11.67
N GLY A 69 16.70 -9.03 -10.66
CA GLY A 69 18.06 -8.70 -10.28
C GLY A 69 18.15 -8.19 -8.85
N GLN A 70 17.01 -7.87 -8.26
CA GLN A 70 16.96 -7.37 -6.89
C GLN A 70 15.87 -8.04 -6.09
N ASP A 71 15.91 -7.81 -4.79
CA ASP A 71 14.94 -8.38 -3.87
C ASP A 71 13.67 -7.52 -3.85
N ILE A 72 12.59 -8.06 -3.28
CA ILE A 72 11.33 -7.33 -3.22
C ILE A 72 11.30 -6.38 -2.02
N LEU A 73 11.05 -5.11 -2.28
CA LEU A 73 11.00 -4.09 -1.23
C LEU A 73 9.55 -3.76 -0.86
N CYS A 74 9.11 -4.18 0.33
CA CYS A 74 7.75 -3.90 0.75
C CYS A 74 7.58 -4.04 2.26
N GLN A 75 6.93 -3.06 2.88
CA GLN A 75 6.71 -3.09 4.32
C GLN A 75 5.57 -2.16 4.71
N THR A 76 5.17 -2.22 5.99
CA THR A 76 4.10 -1.38 6.50
C THR A 76 4.61 0.04 6.76
N PRO A 77 3.83 1.07 6.39
CA PRO A 77 4.23 2.46 6.59
C PRO A 77 3.90 2.99 7.98
N ALA A 78 4.87 3.68 8.59
CA ALA A 78 4.70 4.25 9.93
C ALA A 78 4.48 3.17 10.99
N GLY A 79 4.53 1.90 10.57
CA GLY A 79 4.34 0.81 11.50
C GLY A 79 2.89 0.67 11.94
N LEU A 80 1.98 0.80 10.99
CA LEU A 80 0.55 0.68 11.27
C LEU A 80 0.23 -0.64 11.97
N SER A 1 -8.74 12.23 -17.04
CA SER A 1 -9.29 12.23 -15.66
C SER A 1 -9.75 13.64 -15.25
N PRO A 2 -10.89 14.10 -15.81
CA PRO A 2 -11.43 15.43 -15.50
C PRO A 2 -11.74 15.60 -14.02
N ALA A 3 -10.76 16.08 -13.26
CA ALA A 3 -10.93 16.29 -11.83
C ALA A 3 -11.38 17.72 -11.53
N ALA A 4 -12.69 17.91 -11.49
CA ALA A 4 -13.26 19.23 -11.23
C ALA A 4 -13.75 19.35 -9.79
N MET A 5 -14.28 18.24 -9.25
CA MET A 5 -14.79 18.23 -7.89
C MET A 5 -13.89 17.38 -6.98
N GLU A 6 -13.25 16.38 -7.57
CA GLU A 6 -12.38 15.49 -6.82
C GLU A 6 -11.04 16.16 -6.51
N ARG A 7 -10.06 15.36 -6.10
CA ARG A 7 -8.73 15.88 -5.76
C ARG A 7 -8.22 16.83 -6.85
N GLN A 8 -8.10 18.10 -6.49
CA GLN A 8 -7.62 19.13 -7.41
C GLN A 8 -6.28 18.75 -8.02
N VAL A 9 -5.35 18.32 -7.18
CA VAL A 9 -4.02 17.92 -7.65
C VAL A 9 -3.93 16.41 -7.83
N PRO A 10 -3.05 15.94 -8.73
CA PRO A 10 -2.85 14.51 -8.99
C PRO A 10 -2.64 13.71 -7.71
N TYR A 11 -3.48 12.70 -7.52
CA TYR A 11 -3.38 11.84 -6.34
C TYR A 11 -2.11 11.02 -6.38
N THR A 12 -1.61 10.64 -5.21
CA THR A 12 -0.40 9.83 -5.11
C THR A 12 -0.36 9.04 -3.80
N PRO A 13 -0.66 7.73 -3.86
CA PRO A 13 -0.66 6.86 -2.67
C PRO A 13 0.75 6.48 -2.24
N CYS A 14 0.86 5.94 -1.02
CA CYS A 14 2.14 5.50 -0.43
C CYS A 14 3.35 6.13 -1.14
N SER A 15 3.99 7.09 -0.50
CA SER A 15 5.16 7.75 -1.10
C SER A 15 6.42 7.05 -0.64
N GLY A 16 7.14 6.47 -1.59
CA GLY A 16 8.34 5.74 -1.28
C GLY A 16 8.90 4.99 -2.47
N LEU A 17 9.82 4.10 -2.15
CA LEU A 17 10.45 3.25 -3.15
C LEU A 17 9.41 2.41 -3.90
N TYR A 18 8.39 1.98 -3.16
CA TYR A 18 7.34 1.13 -3.74
C TYR A 18 6.28 1.94 -4.47
N GLY A 19 5.97 3.10 -3.92
CA GLY A 19 5.03 4.03 -4.51
C GLY A 19 3.62 3.47 -4.76
N THR A 20 3.42 2.15 -4.65
CA THR A 20 2.10 1.58 -4.90
C THR A 20 1.45 1.08 -3.62
N ALA A 21 0.24 1.58 -3.36
CA ALA A 21 -0.50 1.20 -2.16
C ALA A 21 -1.42 0.02 -2.44
N GLN A 22 -1.02 -1.17 -2.01
CA GLN A 22 -1.81 -2.38 -2.24
C GLN A 22 -2.01 -3.14 -0.93
N CYS A 23 -2.62 -4.33 -1.05
CA CYS A 23 -2.88 -5.19 0.10
C CYS A 23 -2.35 -6.60 -0.18
N CYS A 24 -1.36 -7.02 0.61
CA CYS A 24 -0.78 -8.35 0.43
C CYS A 24 -0.72 -9.11 1.75
N ALA A 25 -0.64 -10.44 1.63
CA ALA A 25 -0.57 -11.31 2.79
C ALA A 25 0.87 -11.60 3.17
N THR A 26 1.08 -12.14 4.37
CA THR A 26 2.42 -12.45 4.84
C THR A 26 2.54 -13.91 5.27
N ASP A 27 3.76 -14.43 5.27
CA ASP A 27 4.03 -15.81 5.66
C ASP A 27 4.09 -15.96 7.18
N VAL A 28 4.52 -17.13 7.62
CA VAL A 28 4.62 -17.42 9.05
C VAL A 28 5.61 -16.52 9.77
N LEU A 29 6.80 -16.34 9.19
CA LEU A 29 7.84 -15.52 9.81
C LEU A 29 7.56 -14.03 9.59
N GLY A 30 6.74 -13.71 8.58
CA GLY A 30 6.40 -12.33 8.31
C GLY A 30 7.03 -11.78 7.04
N VAL A 31 8.05 -12.46 6.53
CA VAL A 31 8.71 -12.01 5.31
C VAL A 31 8.25 -12.84 4.10
N ALA A 32 7.46 -12.22 3.23
CA ALA A 32 6.95 -12.89 2.03
C ALA A 32 5.99 -11.99 1.26
N ASP A 33 5.61 -12.43 0.07
CA ASP A 33 4.67 -11.69 -0.78
C ASP A 33 3.63 -12.65 -1.33
N LEU A 34 2.48 -12.73 -0.65
CA LEU A 34 1.41 -13.65 -1.05
C LEU A 34 0.12 -12.90 -1.35
N ASP A 35 -0.58 -13.33 -2.39
CA ASP A 35 -1.86 -12.72 -2.77
C ASP A 35 -1.76 -11.20 -2.83
N CYS A 36 -1.27 -10.68 -3.94
CA CYS A 36 -1.14 -9.24 -4.12
C CYS A 36 -2.08 -8.73 -5.21
N ALA A 37 -2.85 -7.69 -4.90
CA ALA A 37 -3.80 -7.14 -5.86
C ALA A 37 -4.16 -5.70 -5.48
N ASN A 38 -5.04 -5.10 -6.26
CA ASN A 38 -5.47 -3.73 -6.01
C ASN A 38 -6.42 -3.67 -4.81
N PRO A 39 -6.23 -2.67 -3.91
CA PRO A 39 -7.07 -2.51 -2.73
C PRO A 39 -8.29 -1.63 -2.99
N PRO A 40 -9.51 -2.20 -2.86
CA PRO A 40 -10.73 -1.43 -3.11
C PRO A 40 -11.26 -0.75 -1.84
N ALA A 41 -11.21 0.58 -1.83
CA ALA A 41 -11.69 1.36 -0.70
C ALA A 41 -11.59 2.85 -1.00
N THR A 42 -11.94 3.67 -0.01
CA THR A 42 -11.84 5.10 -0.14
C THR A 42 -10.72 5.61 0.76
N LEU A 43 -9.51 5.63 0.23
CA LEU A 43 -8.34 6.08 1.01
C LEU A 43 -8.47 7.53 1.44
N ALA A 44 -8.37 7.77 2.74
CA ALA A 44 -8.47 9.12 3.29
C ALA A 44 -7.22 9.52 4.06
N ASN A 45 -6.58 8.55 4.71
CA ASN A 45 -5.37 8.82 5.47
C ASN A 45 -4.61 7.52 5.77
N ALA A 46 -3.50 7.65 6.50
CA ALA A 46 -2.67 6.49 6.85
C ALA A 46 -3.50 5.37 7.47
N THR A 47 -4.14 5.66 8.59
CA THR A 47 -4.96 4.69 9.29
C THR A 47 -6.10 4.20 8.41
N HIS A 48 -6.65 5.10 7.61
CA HIS A 48 -7.74 4.75 6.71
C HIS A 48 -7.27 3.71 5.71
N PHE A 49 -6.00 3.79 5.34
CA PHE A 49 -5.41 2.85 4.39
C PHE A 49 -5.27 1.47 5.05
N GLU A 50 -4.89 1.47 6.32
CA GLU A 50 -4.74 0.22 7.07
C GLU A 50 -6.08 -0.50 7.12
N SER A 51 -7.15 0.28 7.24
CA SER A 51 -8.50 -0.23 7.30
C SER A 51 -8.91 -0.85 5.97
N THR A 52 -8.25 -0.45 4.89
CA THR A 52 -8.55 -0.96 3.56
C THR A 52 -8.13 -2.42 3.41
N CYS A 53 -6.93 -2.74 3.90
CA CYS A 53 -6.40 -4.09 3.81
C CYS A 53 -6.94 -4.97 4.94
N ALA A 54 -7.32 -4.33 6.05
CA ALA A 54 -7.85 -5.06 7.19
C ALA A 54 -9.29 -5.48 6.94
N ALA A 55 -9.90 -4.80 5.98
CA ALA A 55 -11.28 -5.06 5.60
C ALA A 55 -11.45 -6.45 5.00
N ILE A 56 -10.48 -6.87 4.20
CA ILE A 56 -10.55 -8.18 3.55
C ILE A 56 -9.68 -9.23 4.23
N GLY A 57 -9.16 -8.90 5.41
CA GLY A 57 -8.36 -9.86 6.16
C GLY A 57 -6.87 -9.81 5.84
N GLN A 58 -6.33 -8.61 5.65
CA GLN A 58 -4.91 -8.45 5.34
C GLN A 58 -4.35 -7.17 5.96
N ARG A 59 -3.08 -6.90 5.69
CA ARG A 59 -2.42 -5.70 6.22
C ARG A 59 -1.91 -4.83 5.07
N ALA A 60 -1.77 -3.53 5.34
CA ALA A 60 -1.30 -2.57 4.34
C ALA A 60 0.15 -2.85 3.96
N ARG A 61 0.37 -3.13 2.67
CA ARG A 61 1.71 -3.41 2.18
C ARG A 61 1.97 -2.69 0.86
N CYS A 62 2.96 -1.81 0.86
CA CYS A 62 3.34 -1.06 -0.33
C CYS A 62 4.51 -1.76 -1.02
N CYS A 63 4.24 -2.41 -2.15
CA CYS A 63 5.28 -3.15 -2.87
C CYS A 63 5.79 -2.40 -4.10
N VAL A 64 7.07 -2.58 -4.37
CA VAL A 64 7.74 -1.94 -5.50
C VAL A 64 7.81 -2.90 -6.70
N LEU A 65 7.67 -2.34 -7.90
CA LEU A 65 7.70 -3.14 -9.12
C LEU A 65 8.93 -4.06 -9.15
N PRO A 66 8.75 -5.31 -9.63
CA PRO A 66 9.84 -6.28 -9.69
C PRO A 66 11.01 -5.80 -10.55
N ILE A 67 12.22 -5.94 -10.02
CA ILE A 67 13.42 -5.53 -10.73
C ILE A 67 14.46 -6.64 -10.75
N LEU A 68 14.63 -7.27 -11.91
CA LEU A 68 15.59 -8.35 -12.06
C LEU A 68 16.97 -7.96 -11.56
N GLY A 69 17.46 -8.70 -10.57
CA GLY A 69 18.77 -8.41 -10.00
C GLY A 69 18.71 -8.06 -8.53
N GLN A 70 17.51 -7.82 -8.03
CA GLN A 70 17.31 -7.48 -6.62
C GLN A 70 16.15 -8.24 -6.02
N ASP A 71 16.07 -8.18 -4.70
CA ASP A 71 15.02 -8.86 -3.96
C ASP A 71 13.76 -7.99 -3.95
N ILE A 72 12.65 -8.56 -3.49
CA ILE A 72 11.38 -7.85 -3.44
C ILE A 72 11.30 -6.98 -2.18
N LEU A 73 11.04 -5.68 -2.37
CA LEU A 73 10.94 -4.75 -1.25
C LEU A 73 9.48 -4.45 -0.91
N CYS A 74 9.05 -4.89 0.27
CA CYS A 74 7.67 -4.66 0.71
C CYS A 74 7.61 -4.47 2.22
N GLN A 75 6.95 -3.39 2.67
CA GLN A 75 6.81 -3.13 4.10
C GLN A 75 5.67 -2.16 4.36
N THR A 76 5.32 -1.99 5.63
CA THR A 76 4.25 -1.09 6.04
C THR A 76 4.79 0.30 6.37
N PRO A 77 4.11 1.38 5.90
CA PRO A 77 4.53 2.75 6.16
C PRO A 77 4.00 3.30 7.47
N ALA A 78 4.81 4.12 8.14
CA ALA A 78 4.43 4.73 9.40
C ALA A 78 4.32 3.70 10.52
N GLY A 79 4.56 2.44 10.19
CA GLY A 79 4.50 1.38 11.17
C GLY A 79 3.08 1.09 11.62
N LEU A 80 2.15 1.19 10.68
CA LEU A 80 0.74 0.93 10.97
C LEU A 80 0.55 -0.42 11.64
N SER A 1 -25.16 8.63 4.20
CA SER A 1 -24.75 9.89 4.87
C SER A 1 -24.41 10.97 3.84
N PRO A 2 -25.34 11.92 3.59
CA PRO A 2 -25.14 13.00 2.64
C PRO A 2 -23.73 13.59 2.70
N ALA A 3 -23.17 13.90 1.53
CA ALA A 3 -21.83 14.47 1.46
C ALA A 3 -21.82 15.74 0.61
N ALA A 4 -22.01 16.88 1.27
CA ALA A 4 -22.01 18.17 0.58
C ALA A 4 -20.65 18.85 0.71
N MET A 5 -20.03 18.71 1.88
CA MET A 5 -18.73 19.31 2.13
C MET A 5 -17.65 18.24 2.23
N GLU A 6 -18.07 16.98 2.23
CA GLU A 6 -17.14 15.86 2.31
C GLU A 6 -16.48 15.60 0.95
N ARG A 7 -16.79 14.43 0.35
CA ARG A 7 -16.23 14.05 -0.95
C ARG A 7 -14.75 14.37 -1.01
N GLN A 8 -13.98 13.45 -0.45
CA GLN A 8 -12.53 13.57 -0.42
C GLN A 8 -11.90 12.87 -1.62
N VAL A 9 -11.17 13.63 -2.43
CA VAL A 9 -10.52 13.09 -3.61
C VAL A 9 -9.43 12.09 -3.22
N PRO A 10 -9.12 11.13 -4.12
CA PRO A 10 -8.09 10.11 -3.86
C PRO A 10 -6.79 10.70 -3.34
N TYR A 11 -6.39 10.26 -2.16
CA TYR A 11 -5.16 10.74 -1.53
C TYR A 11 -3.94 10.06 -2.16
N THR A 12 -2.82 10.76 -2.14
CA THR A 12 -1.57 10.23 -2.70
C THR A 12 -1.17 8.94 -1.98
N PRO A 13 -1.22 7.79 -2.69
CA PRO A 13 -0.85 6.50 -2.11
C PRO A 13 0.54 6.49 -1.50
N CYS A 14 0.91 5.36 -0.90
CA CYS A 14 2.21 5.20 -0.26
C CYS A 14 3.33 5.87 -1.08
N SER A 15 3.94 6.90 -0.52
CA SER A 15 5.02 7.62 -1.18
C SER A 15 6.35 7.10 -0.67
N GLY A 16 7.12 6.51 -1.58
CA GLY A 16 8.38 5.94 -1.22
C GLY A 16 9.03 5.18 -2.36
N LEU A 17 9.89 4.23 -2.01
CA LEU A 17 10.57 3.39 -2.98
C LEU A 17 9.58 2.53 -3.78
N TYR A 18 8.58 1.99 -3.09
CA TYR A 18 7.59 1.12 -3.72
C TYR A 18 6.55 1.93 -4.49
N GLY A 19 6.17 3.05 -3.91
CA GLY A 19 5.22 3.97 -4.53
C GLY A 19 3.86 3.37 -4.88
N THR A 20 3.70 2.05 -4.76
CA THR A 20 2.43 1.43 -5.12
C THR A 20 1.70 0.85 -3.90
N ALA A 21 0.47 1.32 -3.69
CA ALA A 21 -0.35 0.86 -2.58
C ALA A 21 -1.16 -0.39 -2.96
N GLN A 22 -0.90 -1.49 -2.25
CA GLN A 22 -1.60 -2.74 -2.52
C GLN A 22 -1.81 -3.54 -1.24
N CYS A 23 -2.64 -4.57 -1.30
CA CYS A 23 -2.92 -5.41 -0.14
C CYS A 23 -2.47 -6.83 -0.42
N CYS A 24 -1.45 -7.29 0.31
CA CYS A 24 -0.92 -8.63 0.13
C CYS A 24 -0.69 -9.32 1.47
N ALA A 25 -0.69 -10.66 1.44
CA ALA A 25 -0.47 -11.45 2.64
C ALA A 25 1.01 -11.55 2.97
N THR A 26 1.33 -12.01 4.18
CA THR A 26 2.71 -12.13 4.60
C THR A 26 3.00 -13.51 5.21
N ASP A 27 4.27 -13.89 5.20
CA ASP A 27 4.69 -15.18 5.75
C ASP A 27 4.85 -15.11 7.27
N VAL A 28 5.42 -16.17 7.83
CA VAL A 28 5.64 -16.26 9.27
C VAL A 28 6.56 -15.16 9.80
N LEU A 29 7.69 -14.94 9.11
CA LEU A 29 8.65 -13.94 9.54
C LEU A 29 8.21 -12.52 9.16
N GLY A 30 7.30 -12.43 8.20
CA GLY A 30 6.80 -11.12 7.78
C GLY A 30 7.28 -10.71 6.39
N VAL A 31 8.31 -11.38 5.87
CA VAL A 31 8.83 -11.05 4.56
C VAL A 31 8.34 -12.04 3.51
N ALA A 32 7.44 -11.57 2.65
CA ALA A 32 6.89 -12.41 1.57
C ALA A 32 5.83 -11.65 0.77
N ASP A 33 5.45 -12.23 -0.36
CA ASP A 33 4.44 -11.64 -1.23
C ASP A 33 3.44 -12.70 -1.67
N LEU A 34 2.38 -12.85 -0.87
CA LEU A 34 1.36 -13.87 -1.15
C LEU A 34 0.00 -13.23 -1.40
N ASP A 35 -0.71 -13.72 -2.42
CA ASP A 35 -2.03 -13.21 -2.76
C ASP A 35 -2.02 -11.68 -2.89
N CYS A 36 -1.64 -11.20 -4.07
CA CYS A 36 -1.60 -9.76 -4.33
C CYS A 36 -2.72 -9.35 -5.28
N ALA A 37 -3.40 -8.25 -4.95
CA ALA A 37 -4.50 -7.76 -5.78
C ALA A 37 -4.76 -6.28 -5.51
N ASN A 38 -5.49 -5.64 -6.42
CA ASN A 38 -5.83 -4.23 -6.29
C ASN A 38 -6.63 -3.97 -5.01
N PRO A 39 -6.29 -2.90 -4.25
CA PRO A 39 -6.99 -2.56 -3.02
C PRO A 39 -8.16 -1.62 -3.26
N PRO A 40 -9.41 -2.10 -3.10
CA PRO A 40 -10.59 -1.27 -3.31
C PRO A 40 -11.06 -0.59 -2.03
N ALA A 41 -10.97 0.74 -2.02
CA ALA A 41 -11.41 1.53 -0.87
C ALA A 41 -11.29 3.02 -1.17
N THR A 42 -11.62 3.84 -0.18
CA THR A 42 -11.51 5.29 -0.31
C THR A 42 -10.35 5.79 0.54
N LEU A 43 -9.15 5.80 -0.04
CA LEU A 43 -7.96 6.24 0.69
C LEU A 43 -8.05 7.71 1.06
N ALA A 44 -7.99 7.99 2.36
CA ALA A 44 -8.05 9.35 2.86
C ALA A 44 -6.76 9.71 3.58
N ASN A 45 -6.23 8.77 4.36
CA ASN A 45 -4.99 8.99 5.11
C ASN A 45 -4.26 7.68 5.34
N ALA A 46 -3.24 7.72 6.20
CA ALA A 46 -2.45 6.53 6.51
C ALA A 46 -3.30 5.46 7.18
N THR A 47 -4.05 5.86 8.20
CA THR A 47 -4.90 4.94 8.93
C THR A 47 -6.02 4.42 8.05
N HIS A 48 -6.61 5.32 7.27
CA HIS A 48 -7.68 4.95 6.36
C HIS A 48 -7.19 3.90 5.37
N PHE A 49 -5.91 4.01 5.02
CA PHE A 49 -5.29 3.07 4.10
C PHE A 49 -5.18 1.70 4.75
N GLU A 50 -4.85 1.69 6.04
CA GLU A 50 -4.74 0.45 6.79
C GLU A 50 -6.09 -0.26 6.82
N SER A 51 -7.16 0.53 6.93
CA SER A 51 -8.50 0.03 6.96
C SER A 51 -8.93 -0.55 5.61
N THR A 52 -8.15 -0.25 4.58
CA THR A 52 -8.45 -0.74 3.23
C THR A 52 -8.12 -2.22 3.09
N CYS A 53 -6.96 -2.61 3.59
CA CYS A 53 -6.53 -4.01 3.50
C CYS A 53 -7.10 -4.83 4.66
N ALA A 54 -7.41 -4.16 5.76
CA ALA A 54 -7.94 -4.82 6.93
C ALA A 54 -9.41 -5.17 6.70
N ALA A 55 -10.00 -4.47 5.74
CA ALA A 55 -11.39 -4.65 5.38
C ALA A 55 -11.65 -6.03 4.78
N ILE A 56 -10.70 -6.52 3.98
CA ILE A 56 -10.86 -7.83 3.33
C ILE A 56 -10.07 -8.93 4.03
N GLY A 57 -9.35 -8.59 5.09
CA GLY A 57 -8.60 -9.61 5.83
C GLY A 57 -7.11 -9.61 5.52
N GLN A 58 -6.51 -8.42 5.38
CA GLN A 58 -5.08 -8.31 5.09
C GLN A 58 -4.51 -7.02 5.69
N ARG A 59 -3.23 -6.78 5.45
CA ARG A 59 -2.57 -5.58 5.96
C ARG A 59 -2.04 -4.73 4.80
N ALA A 60 -1.90 -3.42 5.06
CA ALA A 60 -1.42 -2.49 4.05
C ALA A 60 0.06 -2.71 3.76
N ARG A 61 0.36 -3.10 2.51
CA ARG A 61 1.74 -3.35 2.11
C ARG A 61 2.04 -2.67 0.77
N CYS A 62 2.99 -1.74 0.78
CA CYS A 62 3.41 -1.04 -0.42
C CYS A 62 4.61 -1.75 -1.05
N CYS A 63 4.39 -2.41 -2.19
CA CYS A 63 5.46 -3.16 -2.85
C CYS A 63 5.98 -2.46 -4.09
N VAL A 64 7.28 -2.61 -4.33
CA VAL A 64 7.95 -2.01 -5.48
C VAL A 64 8.03 -3.01 -6.63
N LEU A 65 7.95 -2.49 -7.85
CA LEU A 65 8.00 -3.32 -9.05
C LEU A 65 9.17 -4.31 -9.01
N PRO A 66 8.93 -5.57 -9.38
CA PRO A 66 9.97 -6.62 -9.37
C PRO A 66 11.11 -6.30 -10.33
N ILE A 67 12.34 -6.51 -9.87
CA ILE A 67 13.52 -6.26 -10.68
C ILE A 67 14.45 -7.46 -10.66
N LEU A 68 14.53 -8.17 -11.78
CA LEU A 68 15.37 -9.36 -11.90
C LEU A 68 16.79 -9.07 -11.42
N GLY A 69 17.15 -9.64 -10.28
CA GLY A 69 18.49 -9.44 -9.73
C GLY A 69 18.47 -9.00 -8.29
N GLN A 70 17.29 -8.63 -7.78
CA GLN A 70 17.16 -8.18 -6.39
C GLN A 70 15.95 -8.81 -5.73
N ASP A 71 15.90 -8.66 -4.42
CA ASP A 71 14.79 -9.18 -3.62
C ASP A 71 13.60 -8.23 -3.68
N ILE A 72 12.45 -8.71 -3.22
CA ILE A 72 11.24 -7.89 -3.23
C ILE A 72 11.19 -6.99 -1.99
N LEU A 73 11.07 -5.68 -2.23
CA LEU A 73 11.02 -4.71 -1.14
C LEU A 73 9.58 -4.33 -0.80
N CYS A 74 9.12 -4.76 0.38
CA CYS A 74 7.76 -4.46 0.83
C CYS A 74 7.75 -4.17 2.34
N GLN A 75 7.12 -3.06 2.73
CA GLN A 75 7.05 -2.68 4.14
C GLN A 75 5.82 -1.80 4.41
N THR A 76 5.43 -1.71 5.68
CA THR A 76 4.28 -0.91 6.08
C THR A 76 4.72 0.44 6.66
N PRO A 77 4.23 1.56 6.08
CA PRO A 77 4.58 2.91 6.55
C PRO A 77 4.03 3.21 7.94
N ALA A 78 4.83 3.90 8.75
CA ALA A 78 4.43 4.28 10.11
C ALA A 78 4.19 3.05 10.99
N GLY A 79 4.42 1.86 10.44
CA GLY A 79 4.24 0.64 11.19
C GLY A 79 2.77 0.37 11.48
N LEU A 80 1.91 0.72 10.53
CA LEU A 80 0.47 0.51 10.68
C LEU A 80 0.17 -0.93 11.05
N SER A 1 -0.33 28.05 -4.12
CA SER A 1 -1.70 28.39 -3.68
C SER A 1 -2.34 27.22 -2.92
N PRO A 2 -2.04 27.08 -1.62
CA PRO A 2 -2.58 26.00 -0.80
C PRO A 2 -4.11 26.00 -0.77
N ALA A 3 -4.70 24.93 -1.28
CA ALA A 3 -6.15 24.81 -1.32
C ALA A 3 -6.60 23.40 -0.98
N ALA A 4 -6.86 23.16 0.31
CA ALA A 4 -7.30 21.85 0.76
C ALA A 4 -8.82 21.80 0.95
N MET A 5 -9.41 22.97 1.15
CA MET A 5 -10.86 23.09 1.35
C MET A 5 -11.53 23.61 0.09
N GLU A 6 -10.83 24.49 -0.61
CA GLU A 6 -11.34 25.09 -1.83
C GLU A 6 -11.61 24.02 -2.89
N ARG A 7 -10.62 23.18 -3.15
CA ARG A 7 -10.76 22.11 -4.13
C ARG A 7 -9.65 21.08 -3.97
N GLN A 8 -9.94 20.05 -3.16
CA GLN A 8 -8.99 18.97 -2.90
C GLN A 8 -8.40 18.43 -4.20
N VAL A 9 -7.13 18.04 -4.14
CA VAL A 9 -6.44 17.50 -5.31
C VAL A 9 -6.45 15.97 -5.29
N PRO A 10 -6.33 15.32 -6.47
CA PRO A 10 -6.32 13.86 -6.58
C PRO A 10 -5.43 13.20 -5.53
N TYR A 11 -5.97 12.19 -4.86
CA TYR A 11 -5.24 11.46 -3.83
C TYR A 11 -3.91 10.93 -4.37
N THR A 12 -2.92 10.82 -3.50
CA THR A 12 -1.60 10.34 -3.89
C THR A 12 -1.16 9.16 -3.01
N PRO A 13 -1.32 7.91 -3.52
CA PRO A 13 -0.93 6.70 -2.78
C PRO A 13 0.50 6.73 -2.28
N CYS A 14 0.88 5.69 -1.55
CA CYS A 14 2.22 5.55 -0.98
C CYS A 14 3.27 6.23 -1.85
N SER A 15 3.86 7.30 -1.33
CA SER A 15 4.89 8.02 -2.07
C SER A 15 6.26 7.55 -1.60
N GLY A 16 6.99 6.92 -2.52
CA GLY A 16 8.28 6.38 -2.18
C GLY A 16 8.86 5.55 -3.31
N LEU A 17 9.75 4.62 -2.94
CA LEU A 17 10.37 3.71 -3.88
C LEU A 17 9.34 2.75 -4.46
N TYR A 18 8.43 2.27 -3.61
CA TYR A 18 7.40 1.32 -4.03
C TYR A 18 6.30 2.01 -4.84
N GLY A 19 5.98 3.22 -4.42
CA GLY A 19 4.99 4.04 -5.11
C GLY A 19 3.61 3.41 -5.24
N THR A 20 3.47 2.12 -4.92
CA THR A 20 2.18 1.46 -5.05
C THR A 20 1.55 1.14 -3.70
N ALA A 21 0.22 1.28 -3.64
CA ALA A 21 -0.54 1.01 -2.43
C ALA A 21 -1.46 -0.20 -2.62
N GLN A 22 -1.02 -1.36 -2.12
CA GLN A 22 -1.80 -2.59 -2.27
C GLN A 22 -1.89 -3.35 -0.95
N CYS A 23 -2.55 -4.52 -0.99
CA CYS A 23 -2.67 -5.37 0.19
C CYS A 23 -2.18 -6.77 -0.13
N CYS A 24 -1.01 -7.12 0.40
CA CYS A 24 -0.40 -8.42 0.15
C CYS A 24 -0.44 -9.30 1.39
N ALA A 25 -0.42 -10.62 1.17
CA ALA A 25 -0.43 -11.58 2.26
C ALA A 25 1.00 -11.92 2.66
N THR A 26 1.16 -12.58 3.80
CA THR A 26 2.49 -12.93 4.27
C THR A 26 2.59 -14.39 4.71
N ASP A 27 3.81 -14.92 4.73
CA ASP A 27 4.05 -16.30 5.10
C ASP A 27 4.06 -16.46 6.62
N VAL A 28 4.48 -17.63 7.07
CA VAL A 28 4.53 -17.94 8.49
C VAL A 28 5.51 -17.03 9.26
N LEU A 29 6.71 -16.87 8.71
CA LEU A 29 7.74 -16.06 9.36
C LEU A 29 7.47 -14.56 9.21
N GLY A 30 6.64 -14.20 8.23
CA GLY A 30 6.32 -12.79 8.02
C GLY A 30 6.93 -12.22 6.75
N VAL A 31 7.87 -12.94 6.15
CA VAL A 31 8.51 -12.47 4.93
C VAL A 31 7.93 -13.18 3.71
N ALA A 32 7.14 -12.45 2.91
CA ALA A 32 6.54 -13.00 1.71
C ALA A 32 5.61 -11.98 1.04
N ASP A 33 5.28 -12.24 -0.22
CA ASP A 33 4.40 -11.36 -1.00
C ASP A 33 3.37 -12.22 -1.74
N LEU A 34 2.49 -12.87 -0.97
CA LEU A 34 1.48 -13.76 -1.53
C LEU A 34 0.15 -13.05 -1.77
N ASP A 35 -0.47 -13.34 -2.90
CA ASP A 35 -1.77 -12.78 -3.25
C ASP A 35 -1.82 -11.29 -2.96
N CYS A 36 -1.33 -10.48 -3.88
CA CYS A 36 -1.35 -9.03 -3.71
C CYS A 36 -1.84 -8.34 -4.98
N ALA A 37 -2.71 -7.35 -4.79
CA ALA A 37 -3.29 -6.61 -5.92
C ALA A 37 -3.93 -5.30 -5.46
N ASN A 38 -4.58 -4.63 -6.41
CA ASN A 38 -5.24 -3.35 -6.11
C ASN A 38 -6.30 -3.54 -5.02
N PRO A 39 -6.24 -2.74 -3.94
CA PRO A 39 -7.20 -2.82 -2.85
C PRO A 39 -8.39 -1.89 -3.06
N PRO A 40 -9.63 -2.38 -2.82
CA PRO A 40 -10.84 -1.59 -3.00
C PRO A 40 -11.26 -0.88 -1.72
N ALA A 41 -11.20 0.45 -1.74
CA ALA A 41 -11.60 1.26 -0.60
C ALA A 41 -11.52 2.75 -0.92
N THR A 42 -11.83 3.57 0.06
CA THR A 42 -11.76 5.01 -0.08
C THR A 42 -10.61 5.55 0.77
N LEU A 43 -9.41 5.58 0.18
CA LEU A 43 -8.23 6.04 0.91
C LEU A 43 -8.34 7.51 1.29
N ALA A 44 -8.28 7.77 2.59
CA ALA A 44 -8.37 9.14 3.10
C ALA A 44 -7.07 9.54 3.78
N ASN A 45 -6.49 8.62 4.54
CA ASN A 45 -5.24 8.88 5.24
C ASN A 45 -4.46 7.58 5.44
N ALA A 46 -3.41 7.64 6.26
CA ALA A 46 -2.59 6.47 6.55
C ALA A 46 -3.38 5.39 7.28
N THR A 47 -4.20 5.83 8.24
CA THR A 47 -5.00 4.91 9.02
C THR A 47 -6.13 4.33 8.18
N HIS A 48 -6.78 5.18 7.41
CA HIS A 48 -7.86 4.74 6.55
C HIS A 48 -7.35 3.69 5.57
N PHE A 49 -6.09 3.86 5.15
CA PHE A 49 -5.46 2.92 4.25
C PHE A 49 -5.25 1.58 4.96
N GLU A 50 -4.91 1.64 6.24
CA GLU A 50 -4.72 0.44 7.04
C GLU A 50 -6.01 -0.36 7.09
N SER A 51 -7.12 0.37 7.23
CA SER A 51 -8.42 -0.21 7.30
C SER A 51 -8.82 -0.86 5.97
N THR A 52 -8.20 -0.41 4.89
CA THR A 52 -8.48 -0.94 3.55
C THR A 52 -8.09 -2.41 3.44
N CYS A 53 -6.90 -2.74 3.94
CA CYS A 53 -6.42 -4.11 3.89
C CYS A 53 -7.02 -4.95 5.01
N ALA A 54 -7.35 -4.30 6.12
CA ALA A 54 -7.93 -5.01 7.27
C ALA A 54 -9.35 -5.43 6.96
N ALA A 55 -9.92 -4.76 5.97
CA ALA A 55 -11.27 -5.02 5.54
C ALA A 55 -11.42 -6.43 4.95
N ILE A 56 -10.39 -6.88 4.25
CA ILE A 56 -10.42 -8.20 3.62
C ILE A 56 -9.49 -9.21 4.32
N GLY A 57 -8.82 -8.78 5.37
CA GLY A 57 -7.94 -9.69 6.10
C GLY A 57 -6.46 -9.57 5.74
N GLN A 58 -5.96 -8.34 5.61
CA GLN A 58 -4.55 -8.13 5.28
C GLN A 58 -4.05 -6.82 5.91
N ARG A 59 -2.74 -6.57 5.77
CA ARG A 59 -2.14 -5.36 6.34
C ARG A 59 -1.52 -4.48 5.24
N ALA A 60 -1.66 -3.16 5.39
CA ALA A 60 -1.14 -2.20 4.43
C ALA A 60 0.37 -2.32 4.25
N ARG A 61 0.81 -2.49 3.00
CA ARG A 61 2.24 -2.60 2.69
C ARG A 61 2.49 -2.15 1.25
N CYS A 62 3.44 -1.23 1.08
CA CYS A 62 3.77 -0.67 -0.22
C CYS A 62 4.95 -1.43 -0.82
N CYS A 63 4.68 -2.28 -1.81
CA CYS A 63 5.74 -3.07 -2.43
C CYS A 63 6.09 -2.55 -3.82
N VAL A 64 7.39 -2.48 -4.10
CA VAL A 64 7.90 -2.00 -5.39
C VAL A 64 7.94 -3.13 -6.41
N LEU A 65 7.74 -2.79 -7.68
CA LEU A 65 7.75 -3.75 -8.77
C LEU A 65 8.98 -4.65 -8.71
N PRO A 66 8.81 -5.98 -8.93
CA PRO A 66 9.92 -6.93 -8.89
C PRO A 66 11.00 -6.61 -9.92
N ILE A 67 12.26 -6.71 -9.50
CA ILE A 67 13.39 -6.46 -10.37
C ILE A 67 14.40 -7.61 -10.32
N LEU A 68 14.43 -8.41 -11.39
CA LEU A 68 15.33 -9.54 -11.46
C LEU A 68 16.76 -9.16 -11.06
N GLY A 69 17.27 -9.82 -10.03
CA GLY A 69 18.61 -9.53 -9.55
C GLY A 69 18.63 -8.97 -8.14
N GLN A 70 17.45 -8.59 -7.63
CA GLN A 70 17.33 -8.05 -6.29
C GLN A 70 16.11 -8.60 -5.57
N ASP A 71 16.05 -8.33 -4.28
CA ASP A 71 14.95 -8.77 -3.45
C ASP A 71 13.80 -7.78 -3.55
N ILE A 72 12.61 -8.19 -3.09
CA ILE A 72 11.44 -7.32 -3.15
C ILE A 72 11.42 -6.37 -1.96
N LEU A 73 11.38 -5.06 -2.25
CA LEU A 73 11.36 -4.04 -1.20
C LEU A 73 9.92 -3.66 -0.87
N CYS A 74 9.50 -3.93 0.36
CA CYS A 74 8.14 -3.59 0.78
C CYS A 74 8.01 -3.55 2.30
N GLN A 75 7.29 -2.55 2.79
CA GLN A 75 7.09 -2.39 4.23
C GLN A 75 5.89 -1.50 4.53
N THR A 76 5.46 -1.50 5.79
CA THR A 76 4.33 -0.69 6.22
C THR A 76 4.78 0.71 6.63
N PRO A 77 4.03 1.76 6.23
CA PRO A 77 4.39 3.14 6.56
C PRO A 77 3.88 3.58 7.93
N ALA A 78 4.71 4.35 8.64
CA ALA A 78 4.37 4.84 9.96
C ALA A 78 4.22 3.71 10.98
N GLY A 79 4.43 2.48 10.52
CA GLY A 79 4.31 1.34 11.41
C GLY A 79 2.88 1.05 11.80
N LEU A 80 1.96 1.24 10.84
CA LEU A 80 0.54 1.00 11.07
C LEU A 80 0.30 -0.38 11.68
N SER A 1 -4.22 27.98 -5.06
CA SER A 1 -5.64 27.83 -4.65
C SER A 1 -5.76 27.12 -3.30
N PRO A 2 -5.48 27.84 -2.20
CA PRO A 2 -5.56 27.28 -0.85
C PRO A 2 -6.95 26.78 -0.52
N ALA A 3 -7.19 25.50 -0.80
CA ALA A 3 -8.49 24.88 -0.54
C ALA A 3 -8.37 23.83 0.57
N ALA A 4 -8.56 24.27 1.81
CA ALA A 4 -8.46 23.37 2.96
C ALA A 4 -9.85 22.93 3.41
N MET A 5 -10.78 23.89 3.49
CA MET A 5 -12.15 23.58 3.92
C MET A 5 -13.10 23.56 2.73
N GLU A 6 -12.58 23.84 1.54
CA GLU A 6 -13.40 23.86 0.34
C GLU A 6 -13.49 22.46 -0.28
N ARG A 7 -12.40 22.00 -0.87
CA ARG A 7 -12.36 20.69 -1.49
C ARG A 7 -10.99 20.05 -1.34
N GLN A 8 -10.94 18.92 -0.63
CA GLN A 8 -9.69 18.21 -0.41
C GLN A 8 -9.01 17.86 -1.73
N VAL A 9 -7.69 17.87 -1.75
CA VAL A 9 -6.94 17.56 -2.96
C VAL A 9 -6.76 16.04 -3.10
N PRO A 10 -6.60 15.55 -4.34
CA PRO A 10 -6.43 14.12 -4.62
C PRO A 10 -5.44 13.45 -3.65
N TYR A 11 -5.88 12.37 -3.02
CA TYR A 11 -5.05 11.64 -2.08
C TYR A 11 -3.71 11.27 -2.69
N THR A 12 -2.70 11.12 -1.83
CA THR A 12 -1.36 10.77 -2.28
C THR A 12 -0.91 9.43 -1.68
N PRO A 13 -1.08 8.32 -2.42
CA PRO A 13 -0.69 6.98 -1.96
C PRO A 13 0.75 6.91 -1.48
N CYS A 14 1.13 5.74 -0.98
CA CYS A 14 2.48 5.48 -0.47
C CYS A 14 3.54 6.20 -1.30
N SER A 15 4.14 7.24 -0.72
CA SER A 15 5.19 7.99 -1.41
C SER A 15 6.55 7.43 -0.99
N GLY A 16 7.25 6.86 -1.94
CA GLY A 16 8.53 6.26 -1.65
C GLY A 16 9.11 5.50 -2.83
N LEU A 17 9.96 4.53 -2.52
CA LEU A 17 10.58 3.68 -3.51
C LEU A 17 9.53 2.80 -4.21
N TYR A 18 8.59 2.28 -3.43
CA TYR A 18 7.54 1.40 -3.96
C TYR A 18 6.49 2.20 -4.71
N GLY A 19 6.20 3.37 -4.17
CA GLY A 19 5.25 4.29 -4.78
C GLY A 19 3.85 3.73 -5.00
N THR A 20 3.66 2.42 -4.79
CA THR A 20 2.36 1.81 -5.02
C THR A 20 1.67 1.41 -3.71
N ALA A 21 0.35 1.59 -3.68
CA ALA A 21 -0.45 1.26 -2.51
C ALA A 21 -1.27 -0.01 -2.80
N GLN A 22 -0.81 -1.15 -2.28
CA GLN A 22 -1.51 -2.42 -2.49
C GLN A 22 -1.81 -3.12 -1.17
N CYS A 23 -2.43 -4.30 -1.28
CA CYS A 23 -2.77 -5.09 -0.11
C CYS A 23 -2.38 -6.54 -0.34
N CYS A 24 -1.46 -7.05 0.48
CA CYS A 24 -1.00 -8.44 0.34
C CYS A 24 -0.96 -9.13 1.69
N ALA A 25 -0.54 -10.39 1.68
CA ALA A 25 -0.45 -11.19 2.91
C ALA A 25 1.01 -11.46 3.27
N THR A 26 1.22 -11.92 4.50
CA THR A 26 2.57 -12.21 4.96
C THR A 26 2.66 -13.60 5.60
N ASP A 27 3.89 -14.15 5.62
CA ASP A 27 4.11 -15.48 6.18
C ASP A 27 4.27 -15.41 7.70
N VAL A 28 4.68 -16.52 8.28
CA VAL A 28 4.86 -16.61 9.73
C VAL A 28 5.93 -15.64 10.24
N LEU A 29 7.07 -15.59 9.57
CA LEU A 29 8.17 -14.72 9.98
C LEU A 29 7.92 -13.26 9.59
N GLY A 30 7.02 -13.05 8.63
CA GLY A 30 6.70 -11.69 8.21
C GLY A 30 7.22 -11.36 6.82
N VAL A 31 8.11 -12.19 6.28
CA VAL A 31 8.65 -11.96 4.95
C VAL A 31 7.97 -12.84 3.91
N ALA A 32 7.14 -12.23 3.07
CA ALA A 32 6.41 -12.96 2.03
C ALA A 32 5.43 -12.04 1.29
N ASP A 33 5.13 -12.39 0.05
CA ASP A 33 4.19 -11.61 -0.75
C ASP A 33 3.06 -12.52 -1.23
N LEU A 34 2.33 -13.11 -0.27
CA LEU A 34 1.23 -14.01 -0.58
C LEU A 34 -0.06 -13.26 -0.92
N ASP A 35 -0.73 -13.72 -1.96
CA ASP A 35 -1.98 -13.11 -2.39
C ASP A 35 -1.86 -11.59 -2.56
N CYS A 36 -1.36 -11.16 -3.70
CA CYS A 36 -1.21 -9.73 -3.97
C CYS A 36 -2.22 -9.28 -5.04
N ALA A 37 -2.91 -8.17 -4.77
CA ALA A 37 -3.91 -7.66 -5.71
C ALA A 37 -4.17 -6.17 -5.49
N ASN A 38 -5.11 -5.63 -6.26
CA ASN A 38 -5.47 -4.22 -6.15
C ASN A 38 -6.37 -3.99 -4.93
N PRO A 39 -6.12 -2.91 -4.17
CA PRO A 39 -6.90 -2.58 -2.97
C PRO A 39 -8.10 -1.69 -3.27
N PRO A 40 -9.33 -2.23 -3.14
CA PRO A 40 -10.54 -1.45 -3.39
C PRO A 40 -11.06 -0.79 -2.12
N ALA A 41 -11.02 0.54 -2.09
CA ALA A 41 -11.51 1.30 -0.95
C ALA A 41 -11.45 2.80 -1.22
N THR A 42 -11.84 3.58 -0.22
CA THR A 42 -11.80 5.02 -0.32
C THR A 42 -10.72 5.56 0.60
N LEU A 43 -9.49 5.65 0.08
CA LEU A 43 -8.36 6.12 0.88
C LEU A 43 -8.56 7.57 1.32
N ALA A 44 -8.53 7.79 2.64
CA ALA A 44 -8.71 9.13 3.19
C ALA A 44 -7.50 9.57 4.02
N ASN A 45 -6.86 8.62 4.69
CA ASN A 45 -5.69 8.91 5.52
C ASN A 45 -4.90 7.63 5.81
N ALA A 46 -3.83 7.77 6.61
CA ALA A 46 -2.98 6.65 6.97
C ALA A 46 -3.78 5.47 7.51
N THR A 47 -4.48 5.69 8.62
CA THR A 47 -5.28 4.65 9.24
C THR A 47 -6.36 4.16 8.30
N HIS A 48 -6.91 5.08 7.50
CA HIS A 48 -7.95 4.72 6.54
C HIS A 48 -7.41 3.74 5.52
N PHE A 49 -6.12 3.87 5.21
CA PHE A 49 -5.46 2.99 4.26
C PHE A 49 -5.29 1.60 4.87
N GLU A 50 -4.93 1.55 6.15
CA GLU A 50 -4.76 0.29 6.85
C GLU A 50 -6.07 -0.48 6.85
N SER A 51 -7.17 0.26 6.95
CA SER A 51 -8.49 -0.30 6.97
C SER A 51 -8.85 -0.91 5.61
N THR A 52 -8.20 -0.42 4.56
CA THR A 52 -8.45 -0.90 3.21
C THR A 52 -8.04 -2.37 3.05
N CYS A 53 -6.87 -2.70 3.56
CA CYS A 53 -6.36 -4.07 3.47
C CYS A 53 -6.97 -4.95 4.56
N ALA A 54 -7.36 -4.33 5.67
CA ALA A 54 -7.93 -5.06 6.80
C ALA A 54 -9.36 -5.46 6.47
N ALA A 55 -9.94 -4.76 5.51
CA ALA A 55 -11.29 -5.01 5.08
C ALA A 55 -11.47 -6.39 4.48
N ILE A 56 -10.45 -6.85 3.75
CA ILE A 56 -10.50 -8.16 3.10
C ILE A 56 -9.61 -9.20 3.78
N GLY A 57 -9.14 -8.88 5.00
CA GLY A 57 -8.31 -9.82 5.72
C GLY A 57 -6.84 -9.76 5.34
N GLN A 58 -6.31 -8.55 5.16
CA GLN A 58 -4.91 -8.37 4.79
C GLN A 58 -4.32 -7.14 5.47
N ARG A 59 -3.05 -6.85 5.19
CA ARG A 59 -2.37 -5.71 5.78
C ARG A 59 -1.81 -4.76 4.71
N ALA A 60 -1.71 -3.48 5.04
CA ALA A 60 -1.21 -2.47 4.12
C ALA A 60 0.27 -2.70 3.82
N ARG A 61 0.58 -2.91 2.54
CA ARG A 61 1.96 -3.14 2.12
C ARG A 61 2.27 -2.40 0.81
N CYS A 62 3.32 -1.59 0.83
CA CYS A 62 3.75 -0.84 -0.35
C CYS A 62 4.90 -1.57 -1.00
N CYS A 63 4.63 -2.32 -2.06
CA CYS A 63 5.66 -3.10 -2.73
C CYS A 63 6.11 -2.47 -4.05
N VAL A 64 7.41 -2.55 -4.31
CA VAL A 64 8.01 -2.01 -5.53
C VAL A 64 8.19 -3.12 -6.55
N LEU A 65 8.00 -2.79 -7.83
CA LEU A 65 8.14 -3.76 -8.91
C LEU A 65 9.51 -4.46 -8.82
N PRO A 66 9.55 -5.79 -8.98
CA PRO A 66 10.80 -6.55 -8.92
C PRO A 66 11.74 -6.24 -10.09
N ILE A 67 13.04 -6.18 -9.79
CA ILE A 67 14.05 -5.90 -10.80
C ILE A 67 14.92 -7.16 -10.99
N LEU A 68 14.67 -7.89 -12.08
CA LEU A 68 15.42 -9.11 -12.39
C LEU A 68 16.85 -9.04 -11.85
N GLY A 69 17.11 -9.82 -10.80
CA GLY A 69 18.44 -9.83 -10.20
C GLY A 69 18.40 -9.46 -8.73
N GLN A 70 17.23 -9.01 -8.25
CA GLN A 70 17.08 -8.62 -6.86
C GLN A 70 15.78 -9.16 -6.28
N ASP A 71 15.66 -9.03 -4.97
CA ASP A 71 14.49 -9.48 -4.25
C ASP A 71 13.41 -8.41 -4.27
N ILE A 72 12.21 -8.77 -3.83
CA ILE A 72 11.09 -7.83 -3.79
C ILE A 72 11.14 -6.97 -2.54
N LEU A 73 11.09 -5.64 -2.71
CA LEU A 73 11.13 -4.71 -1.61
C LEU A 73 9.71 -4.25 -1.27
N CYS A 74 9.27 -4.50 -0.05
CA CYS A 74 7.93 -4.10 0.37
C CYS A 74 7.79 -4.08 1.89
N GLN A 75 7.13 -3.05 2.41
CA GLN A 75 6.93 -2.91 3.85
C GLN A 75 5.79 -1.94 4.15
N THR A 76 5.39 -1.89 5.41
CA THR A 76 4.31 -1.01 5.84
C THR A 76 4.85 0.37 6.24
N PRO A 77 4.17 1.45 5.83
CA PRO A 77 4.59 2.82 6.15
C PRO A 77 4.06 3.30 7.49
N ALA A 78 4.89 4.07 8.21
CA ALA A 78 4.52 4.62 9.51
C ALA A 78 4.35 3.52 10.57
N GLY A 79 4.51 2.27 10.15
CA GLY A 79 4.37 1.17 11.07
C GLY A 79 2.93 0.93 11.48
N LEU A 80 2.02 1.13 10.53
CA LEU A 80 0.59 0.94 10.78
C LEU A 80 0.32 -0.42 11.43
N SER A 1 -5.52 21.31 -9.39
CA SER A 1 -6.35 22.20 -8.54
C SER A 1 -5.75 22.34 -7.15
N PRO A 2 -4.66 23.10 -7.01
CA PRO A 2 -3.99 23.30 -5.72
C PRO A 2 -4.93 23.87 -4.67
N ALA A 3 -5.22 23.08 -3.64
CA ALA A 3 -6.10 23.50 -2.56
C ALA A 3 -5.67 22.92 -1.22
N ALA A 4 -5.06 23.76 -0.39
CA ALA A 4 -4.59 23.32 0.92
C ALA A 4 -5.63 23.65 1.99
N MET A 5 -6.41 24.71 1.76
CA MET A 5 -7.43 25.13 2.71
C MET A 5 -8.82 24.87 2.12
N GLU A 6 -8.90 24.93 0.79
CA GLU A 6 -10.16 24.71 0.09
C GLU A 6 -10.44 23.22 -0.05
N ARG A 7 -11.28 22.87 -1.02
CA ARG A 7 -11.63 21.47 -1.26
C ARG A 7 -10.38 20.59 -1.33
N GLN A 8 -10.30 19.62 -0.42
CA GLN A 8 -9.18 18.71 -0.38
C GLN A 8 -8.91 18.09 -1.75
N VAL A 9 -7.64 17.97 -2.11
CA VAL A 9 -7.26 17.40 -3.40
C VAL A 9 -7.08 15.89 -3.29
N PRO A 10 -7.25 15.16 -4.41
CA PRO A 10 -7.10 13.70 -4.45
C PRO A 10 -5.89 13.21 -3.66
N TYR A 11 -6.13 12.33 -2.71
CA TYR A 11 -5.07 11.78 -1.88
C TYR A 11 -4.00 11.10 -2.73
N THR A 12 -2.80 10.98 -2.18
CA THR A 12 -1.69 10.35 -2.88
C THR A 12 -1.22 9.09 -2.16
N PRO A 13 -1.16 7.95 -2.87
CA PRO A 13 -0.72 6.67 -2.27
C PRO A 13 0.69 6.77 -1.69
N CYS A 14 1.14 5.67 -1.08
CA CYS A 14 2.47 5.60 -0.47
C CYS A 14 3.51 6.25 -1.36
N SER A 15 4.26 7.20 -0.81
CA SER A 15 5.30 7.89 -1.56
C SER A 15 6.66 7.35 -1.12
N GLY A 16 7.35 6.71 -2.06
CA GLY A 16 8.62 6.12 -1.75
C GLY A 16 9.17 5.31 -2.91
N LEU A 17 10.02 4.35 -2.56
CA LEU A 17 10.63 3.45 -3.53
C LEU A 17 9.58 2.57 -4.19
N TYR A 18 8.62 2.08 -3.39
CA TYR A 18 7.57 1.19 -3.90
C TYR A 18 6.50 1.96 -4.66
N GLY A 19 6.17 3.13 -4.14
CA GLY A 19 5.22 4.03 -4.77
C GLY A 19 3.83 3.46 -5.02
N THR A 20 3.64 2.14 -4.91
CA THR A 20 2.33 1.54 -5.18
C THR A 20 1.67 1.01 -3.93
N ALA A 21 0.41 1.42 -3.73
CA ALA A 21 -0.37 0.98 -2.58
C ALA A 21 -1.18 -0.27 -2.92
N GLN A 22 -0.87 -1.37 -2.24
CA GLN A 22 -1.57 -2.64 -2.48
C GLN A 22 -1.93 -3.33 -1.17
N CYS A 23 -2.54 -4.50 -1.30
CA CYS A 23 -2.93 -5.31 -0.14
C CYS A 23 -2.61 -6.77 -0.38
N CYS A 24 -1.50 -7.24 0.19
CA CYS A 24 -1.07 -8.62 0.01
C CYS A 24 -1.02 -9.34 1.36
N ALA A 25 -0.68 -10.63 1.31
CA ALA A 25 -0.60 -11.44 2.52
C ALA A 25 0.85 -11.67 2.91
N THR A 26 1.05 -12.16 4.13
CA THR A 26 2.39 -12.42 4.64
C THR A 26 2.52 -13.82 5.20
N ASP A 27 3.75 -14.32 5.26
CA ASP A 27 4.02 -15.66 5.77
C ASP A 27 3.97 -15.69 7.30
N VAL A 28 4.40 -16.79 7.86
CA VAL A 28 4.41 -16.97 9.31
C VAL A 28 5.36 -16.01 10.00
N LEU A 29 6.57 -15.88 9.47
CA LEU A 29 7.58 -15.01 10.06
C LEU A 29 7.31 -13.53 9.78
N GLY A 30 6.50 -13.25 8.76
CA GLY A 30 6.17 -11.88 8.43
C GLY A 30 6.78 -11.39 7.13
N VAL A 31 7.79 -12.10 6.62
CA VAL A 31 8.43 -11.71 5.37
C VAL A 31 7.94 -12.58 4.21
N ALA A 32 7.12 -11.98 3.34
CA ALA A 32 6.58 -12.68 2.17
C ALA A 32 5.60 -11.81 1.41
N ASP A 33 5.24 -12.26 0.20
CA ASP A 33 4.31 -11.55 -0.65
C ASP A 33 3.30 -12.53 -1.24
N LEU A 34 2.47 -13.11 -0.36
CA LEU A 34 1.48 -14.10 -0.78
C LEU A 34 0.17 -13.45 -1.19
N ASP A 35 -0.36 -13.87 -2.33
CA ASP A 35 -1.63 -13.35 -2.83
C ASP A 35 -1.63 -11.82 -2.86
N CYS A 36 -1.10 -11.24 -3.92
CA CYS A 36 -1.06 -9.79 -4.06
C CYS A 36 -2.05 -9.33 -5.13
N ALA A 37 -2.88 -8.34 -4.78
CA ALA A 37 -3.89 -7.84 -5.72
C ALA A 37 -4.15 -6.35 -5.49
N ASN A 38 -5.07 -5.79 -6.28
CA ASN A 38 -5.42 -4.38 -6.16
C ASN A 38 -6.27 -4.13 -4.91
N PRO A 39 -5.99 -3.03 -4.19
CA PRO A 39 -6.72 -2.68 -2.97
C PRO A 39 -7.93 -1.77 -3.25
N PRO A 40 -9.16 -2.29 -3.11
CA PRO A 40 -10.36 -1.51 -3.36
C PRO A 40 -10.86 -0.81 -2.10
N ALA A 41 -10.80 0.52 -2.10
CA ALA A 41 -11.27 1.32 -0.97
C ALA A 41 -11.19 2.81 -1.29
N THR A 42 -11.64 3.62 -0.34
CA THR A 42 -11.57 5.06 -0.49
C THR A 42 -10.49 5.60 0.43
N LEU A 43 -9.27 5.65 -0.07
CA LEU A 43 -8.13 6.11 0.74
C LEU A 43 -8.31 7.57 1.17
N ALA A 44 -8.29 7.80 2.48
CA ALA A 44 -8.46 9.15 3.02
C ALA A 44 -7.26 9.59 3.84
N ASN A 45 -6.59 8.64 4.49
CA ASN A 45 -5.43 8.95 5.32
C ASN A 45 -4.64 7.69 5.68
N ALA A 46 -3.57 7.87 6.45
CA ALA A 46 -2.71 6.76 6.87
C ALA A 46 -3.53 5.61 7.47
N THR A 47 -4.26 5.91 8.54
CA THR A 47 -5.07 4.91 9.20
C THR A 47 -6.11 4.34 8.26
N HIS A 48 -6.65 5.20 7.40
CA HIS A 48 -7.64 4.78 6.42
C HIS A 48 -7.04 3.74 5.48
N PHE A 49 -5.75 3.91 5.19
CA PHE A 49 -5.03 2.98 4.32
C PHE A 49 -4.88 1.63 4.99
N GLU A 50 -4.71 1.64 6.32
CA GLU A 50 -4.57 0.42 7.08
C GLU A 50 -5.89 -0.34 7.14
N SER A 51 -6.99 0.38 6.95
CA SER A 51 -8.32 -0.22 6.99
C SER A 51 -8.71 -0.79 5.62
N THR A 52 -7.94 -0.43 4.59
CA THR A 52 -8.21 -0.90 3.24
C THR A 52 -7.87 -2.39 3.08
N CYS A 53 -6.71 -2.78 3.62
CA CYS A 53 -6.27 -4.15 3.54
C CYS A 53 -6.87 -4.99 4.66
N ALA A 54 -7.22 -4.34 5.77
CA ALA A 54 -7.79 -5.02 6.92
C ALA A 54 -9.25 -5.36 6.64
N ALA A 55 -9.81 -4.65 5.68
CA ALA A 55 -11.19 -4.83 5.29
C ALA A 55 -11.45 -6.23 4.75
N ILE A 56 -10.48 -6.78 4.03
CA ILE A 56 -10.62 -8.10 3.44
C ILE A 56 -9.82 -9.16 4.18
N GLY A 57 -9.04 -8.76 5.18
CA GLY A 57 -8.26 -9.73 5.94
C GLY A 57 -6.79 -9.76 5.61
N GLN A 58 -6.19 -8.59 5.38
CA GLN A 58 -4.76 -8.50 5.06
C GLN A 58 -4.14 -7.26 5.68
N ARG A 59 -2.84 -7.07 5.43
CA ARG A 59 -2.11 -5.92 5.97
C ARG A 59 -1.64 -4.98 4.86
N ALA A 60 -1.55 -3.69 5.18
CA ALA A 60 -1.13 -2.69 4.21
C ALA A 60 0.39 -2.72 3.99
N ARG A 61 0.79 -2.94 2.74
CA ARG A 61 2.21 -2.98 2.38
C ARG A 61 2.43 -2.41 0.98
N CYS A 62 3.32 -1.42 0.88
CA CYS A 62 3.64 -0.79 -0.40
C CYS A 62 4.78 -1.55 -1.08
N CYS A 63 4.51 -2.11 -2.27
CA CYS A 63 5.52 -2.89 -2.99
C CYS A 63 6.02 -2.17 -4.25
N VAL A 64 7.29 -2.42 -4.57
CA VAL A 64 7.96 -1.83 -5.73
C VAL A 64 7.99 -2.82 -6.90
N LEU A 65 7.96 -2.27 -8.11
CA LEU A 65 7.98 -3.07 -9.34
C LEU A 65 9.11 -4.10 -9.30
N PRO A 66 8.83 -5.35 -9.73
CA PRO A 66 9.83 -6.42 -9.74
C PRO A 66 11.00 -6.13 -10.68
N ILE A 67 12.21 -6.34 -10.19
CA ILE A 67 13.43 -6.11 -10.97
C ILE A 67 14.34 -7.32 -10.92
N LEU A 68 14.40 -8.06 -12.04
CA LEU A 68 15.24 -9.25 -12.12
C LEU A 68 16.67 -8.96 -11.68
N GLY A 69 17.05 -9.54 -10.53
CA GLY A 69 18.38 -9.35 -10.00
C GLY A 69 18.39 -8.91 -8.55
N GLN A 70 17.23 -8.46 -8.07
CA GLN A 70 17.10 -8.00 -6.69
C GLN A 70 15.87 -8.61 -6.03
N ASP A 71 15.80 -8.44 -4.73
CA ASP A 71 14.69 -8.95 -3.94
C ASP A 71 13.53 -7.96 -3.95
N ILE A 72 12.36 -8.40 -3.51
CA ILE A 72 11.19 -7.53 -3.47
C ILE A 72 11.18 -6.66 -2.23
N LEU A 73 11.09 -5.34 -2.43
CA LEU A 73 11.09 -4.39 -1.32
C LEU A 73 9.66 -4.00 -0.94
N CYS A 74 9.23 -4.45 0.25
CA CYS A 74 7.88 -4.14 0.73
C CYS A 74 7.86 -3.97 2.25
N GLN A 75 7.17 -2.94 2.73
CA GLN A 75 7.06 -2.68 4.16
C GLN A 75 5.86 -1.80 4.49
N THR A 76 5.50 -1.73 5.76
CA THR A 76 4.37 -0.92 6.19
C THR A 76 4.82 0.49 6.59
N PRO A 77 4.08 1.53 6.16
CA PRO A 77 4.41 2.93 6.46
C PRO A 77 3.81 3.40 7.78
N ALA A 78 4.57 4.24 8.49
CA ALA A 78 4.13 4.79 9.77
C ALA A 78 3.96 3.71 10.84
N GLY A 79 4.31 2.47 10.47
CA GLY A 79 4.19 1.38 11.40
C GLY A 79 2.75 1.00 11.68
N LEU A 80 1.91 1.14 10.67
CA LEU A 80 0.49 0.82 10.80
C LEU A 80 0.30 -0.60 11.30
N SER A 1 4.62 27.55 -8.94
CA SER A 1 3.20 27.55 -9.38
C SER A 1 2.41 26.46 -8.64
N PRO A 2 2.01 26.72 -7.39
CA PRO A 2 1.25 25.76 -6.59
C PRO A 2 -0.05 25.33 -7.27
N ALA A 3 -0.04 24.14 -7.86
CA ALA A 3 -1.22 23.63 -8.56
C ALA A 3 -2.22 23.03 -7.57
N ALA A 4 -3.16 23.85 -7.11
CA ALA A 4 -4.17 23.41 -6.17
C ALA A 4 -5.42 22.93 -6.90
N MET A 5 -5.95 23.76 -7.79
CA MET A 5 -7.14 23.41 -8.56
C MET A 5 -6.76 23.26 -10.03
N GLU A 6 -5.52 23.63 -10.30
CA GLU A 6 -4.96 23.59 -11.65
C GLU A 6 -4.85 22.15 -12.14
N ARG A 7 -4.08 21.95 -13.21
CA ARG A 7 -3.89 20.61 -13.77
C ARG A 7 -3.48 19.62 -12.70
N GLN A 8 -4.30 18.60 -12.48
CA GLN A 8 -4.01 17.58 -11.49
C GLN A 8 -2.63 16.97 -11.72
N VAL A 9 -1.86 16.84 -10.64
CA VAL A 9 -0.52 16.27 -10.74
C VAL A 9 -0.55 14.78 -10.43
N PRO A 10 0.26 14.00 -11.19
CA PRO A 10 0.34 12.54 -11.05
C PRO A 10 0.12 12.06 -9.62
N TYR A 11 -0.88 11.22 -9.43
CA TYR A 11 -1.19 10.68 -8.11
C TYR A 11 -0.29 9.49 -7.79
N THR A 12 0.14 9.42 -6.55
CA THR A 12 1.02 8.33 -6.10
C THR A 12 0.63 7.84 -4.71
N PRO A 13 -0.11 6.72 -4.62
CA PRO A 13 -0.52 6.15 -3.34
C PRO A 13 0.67 5.88 -2.43
N CYS A 14 0.40 5.54 -1.18
CA CYS A 14 1.45 5.26 -0.20
C CYS A 14 2.54 6.30 -0.26
N SER A 15 3.72 5.92 0.15
CA SER A 15 4.86 6.83 0.17
C SER A 15 5.97 6.44 -0.82
N GLY A 16 7.16 6.95 -0.50
CA GLY A 16 8.41 6.77 -1.25
C GLY A 16 8.52 5.62 -2.25
N LEU A 17 9.77 5.16 -2.39
CA LEU A 17 10.19 4.11 -3.32
C LEU A 17 9.09 3.14 -3.78
N TYR A 18 8.20 2.72 -2.89
CA TYR A 18 7.17 1.74 -3.29
C TYR A 18 6.16 2.37 -4.26
N GLY A 19 5.85 3.64 -4.04
CA GLY A 19 4.97 4.41 -4.92
C GLY A 19 3.56 3.86 -5.17
N THR A 20 3.28 2.57 -4.94
CA THR A 20 1.93 2.06 -5.23
C THR A 20 1.33 1.26 -4.08
N ALA A 21 0.19 1.73 -3.61
CA ALA A 21 -0.52 1.09 -2.50
C ALA A 21 -1.09 -0.26 -2.91
N GLN A 22 -0.68 -1.32 -2.22
CA GLN A 22 -1.16 -2.65 -2.53
C GLN A 22 -1.44 -3.43 -1.25
N CYS A 23 -1.79 -4.71 -1.40
CA CYS A 23 -2.10 -5.56 -0.26
C CYS A 23 -1.66 -6.99 -0.53
N CYS A 24 -0.99 -7.61 0.44
CA CYS A 24 -0.50 -8.98 0.30
C CYS A 24 -0.49 -9.70 1.64
N ALA A 25 -0.43 -11.03 1.57
CA ALA A 25 -0.39 -11.87 2.76
C ALA A 25 1.04 -12.23 3.12
N THR A 26 1.23 -12.82 4.28
CA THR A 26 2.56 -13.21 4.73
C THR A 26 2.60 -14.66 5.21
N ASP A 27 3.80 -15.24 5.20
CA ASP A 27 3.97 -16.62 5.63
C ASP A 27 4.07 -16.72 7.14
N VAL A 28 4.44 -17.91 7.62
CA VAL A 28 4.57 -18.16 9.05
C VAL A 28 5.65 -17.29 9.70
N LEU A 29 6.79 -17.18 9.05
CA LEU A 29 7.91 -16.40 9.59
C LEU A 29 7.71 -14.90 9.40
N GLY A 30 6.84 -14.53 8.46
CA GLY A 30 6.56 -13.12 8.21
C GLY A 30 7.11 -12.63 6.89
N VAL A 31 8.00 -13.41 6.26
CA VAL A 31 8.57 -13.02 4.98
C VAL A 31 7.90 -13.78 3.83
N ALA A 32 7.08 -13.07 3.05
CA ALA A 32 6.39 -13.66 1.91
C ALA A 32 5.45 -12.64 1.25
N ASP A 33 5.33 -12.75 -0.07
CA ASP A 33 4.46 -11.85 -0.84
C ASP A 33 3.35 -12.66 -1.49
N LEU A 34 2.53 -13.32 -0.68
CA LEU A 34 1.44 -14.15 -1.15
C LEU A 34 0.18 -13.32 -1.43
N ASP A 35 -0.65 -13.81 -2.34
CA ASP A 35 -1.90 -13.14 -2.68
C ASP A 35 -1.74 -11.63 -2.78
N CYS A 36 -1.21 -11.17 -3.90
CA CYS A 36 -1.00 -9.73 -4.11
C CYS A 36 -1.98 -9.20 -5.16
N ALA A 37 -2.64 -8.10 -4.84
CA ALA A 37 -3.61 -7.50 -5.76
C ALA A 37 -3.90 -6.05 -5.39
N ASN A 38 -4.86 -5.45 -6.09
CA ASN A 38 -5.24 -4.07 -5.84
C ASN A 38 -6.17 -3.96 -4.62
N PRO A 39 -5.89 -3.01 -3.71
CA PRO A 39 -6.70 -2.82 -2.51
C PRO A 39 -7.90 -1.90 -2.78
N PRO A 40 -9.14 -2.42 -2.61
CA PRO A 40 -10.35 -1.64 -2.87
C PRO A 40 -10.85 -0.92 -1.63
N ALA A 41 -10.81 0.41 -1.67
CA ALA A 41 -11.30 1.24 -0.57
C ALA A 41 -11.23 2.72 -0.92
N THR A 42 -11.68 3.55 0.00
CA THR A 42 -11.63 4.99 -0.20
C THR A 42 -10.55 5.58 0.70
N LEU A 43 -9.33 5.63 0.18
CA LEU A 43 -8.19 6.14 0.94
C LEU A 43 -8.36 7.61 1.30
N ALA A 44 -8.29 7.90 2.59
CA ALA A 44 -8.42 9.27 3.07
C ALA A 44 -7.17 9.71 3.81
N ASN A 45 -6.61 8.81 4.62
CA ASN A 45 -5.41 9.09 5.38
C ASN A 45 -4.60 7.81 5.64
N ALA A 46 -3.63 7.91 6.54
CA ALA A 46 -2.79 6.76 6.88
C ALA A 46 -3.58 5.67 7.59
N THR A 47 -4.40 6.08 8.56
CA THR A 47 -5.21 5.14 9.31
C THR A 47 -6.28 4.53 8.42
N HIS A 48 -6.88 5.35 7.57
CA HIS A 48 -7.90 4.89 6.66
C HIS A 48 -7.31 3.84 5.72
N PHE A 49 -6.03 4.01 5.41
CA PHE A 49 -5.32 3.07 4.54
C PHE A 49 -5.14 1.73 5.25
N GLU A 50 -4.90 1.79 6.56
CA GLU A 50 -4.71 0.58 7.36
C GLU A 50 -6.02 -0.20 7.45
N SER A 51 -7.13 0.51 7.33
CA SER A 51 -8.45 -0.11 7.40
C SER A 51 -8.84 -0.70 6.05
N THR A 52 -8.11 -0.33 5.00
CA THR A 52 -8.37 -0.82 3.66
C THR A 52 -8.02 -2.30 3.54
N CYS A 53 -6.92 -2.68 4.15
CA CYS A 53 -6.46 -4.07 4.10
C CYS A 53 -7.07 -4.89 5.23
N ALA A 54 -7.35 -4.23 6.35
CA ALA A 54 -7.93 -4.91 7.50
C ALA A 54 -9.37 -5.28 7.20
N ALA A 55 -9.92 -4.60 6.21
CA ALA A 55 -11.29 -4.82 5.77
C ALA A 55 -11.47 -6.21 5.18
N ILE A 56 -10.47 -6.67 4.44
CA ILE A 56 -10.53 -7.99 3.81
C ILE A 56 -9.72 -9.05 4.54
N GLY A 57 -9.04 -8.65 5.63
CA GLY A 57 -8.25 -9.60 6.39
C GLY A 57 -6.78 -9.62 6.00
N GLN A 58 -6.18 -8.44 5.83
CA GLN A 58 -4.77 -8.36 5.45
C GLN A 58 -4.11 -7.13 6.08
N ARG A 59 -2.85 -6.86 5.70
CA ARG A 59 -2.12 -5.72 6.26
C ARG A 59 -1.72 -4.72 5.17
N ALA A 60 -1.79 -3.42 5.51
CA ALA A 60 -1.43 -2.35 4.57
C ALA A 60 0.08 -2.30 4.33
N ARG A 61 0.49 -2.42 3.08
CA ARG A 61 1.91 -2.38 2.73
C ARG A 61 2.08 -2.01 1.26
N CYS A 62 2.88 -0.98 1.01
CA CYS A 62 3.11 -0.51 -0.36
C CYS A 62 4.25 -1.31 -1.00
N CYS A 63 4.13 -1.55 -2.30
CA CYS A 63 5.14 -2.31 -3.03
C CYS A 63 5.68 -1.54 -4.22
N VAL A 64 6.94 -1.77 -4.51
CA VAL A 64 7.63 -1.13 -5.63
C VAL A 64 7.72 -2.10 -6.81
N LEU A 65 7.67 -1.55 -8.02
CA LEU A 65 7.74 -2.35 -9.24
C LEU A 65 8.91 -3.33 -9.19
N PRO A 66 8.68 -4.61 -9.54
CA PRO A 66 9.73 -5.64 -9.52
C PRO A 66 10.85 -5.35 -10.51
N ILE A 67 12.08 -5.60 -10.09
CA ILE A 67 13.25 -5.37 -10.94
C ILE A 67 14.17 -6.58 -10.91
N LEU A 68 14.23 -7.29 -12.03
CA LEU A 68 15.07 -8.49 -12.14
C LEU A 68 16.49 -8.20 -11.65
N GLY A 69 16.84 -8.78 -10.50
CA GLY A 69 18.16 -8.57 -9.95
C GLY A 69 18.13 -8.15 -8.48
N GLN A 70 16.95 -7.76 -8.02
CA GLN A 70 16.78 -7.33 -6.63
C GLN A 70 15.57 -7.98 -5.99
N ASP A 71 15.49 -7.85 -4.67
CA ASP A 71 14.38 -8.40 -3.91
C ASP A 71 13.20 -7.43 -3.93
N ILE A 72 12.04 -7.90 -3.48
CA ILE A 72 10.85 -7.07 -3.44
C ILE A 72 10.83 -6.19 -2.19
N LEU A 73 10.69 -4.88 -2.38
CA LEU A 73 10.68 -3.93 -1.27
C LEU A 73 9.25 -3.55 -0.88
N CYS A 74 8.78 -4.09 0.24
CA CYS A 74 7.43 -3.81 0.72
C CYS A 74 7.37 -3.80 2.25
N GLN A 75 6.74 -2.78 2.83
CA GLN A 75 6.61 -2.67 4.28
C GLN A 75 5.47 -1.72 4.66
N THR A 76 5.08 -1.76 5.93
CA THR A 76 4.01 -0.91 6.44
C THR A 76 4.53 0.51 6.71
N PRO A 77 3.74 1.54 6.33
CA PRO A 77 4.13 2.93 6.53
C PRO A 77 3.66 3.49 7.88
N ALA A 78 4.50 4.31 8.50
CA ALA A 78 4.19 4.93 9.78
C ALA A 78 4.03 3.88 10.88
N GLY A 79 4.30 2.62 10.54
CA GLY A 79 4.20 1.55 11.50
C GLY A 79 2.76 1.22 11.85
N LEU A 80 1.88 1.29 10.86
CA LEU A 80 0.47 1.00 11.05
C LEU A 80 0.27 -0.43 11.57
N SER A 1 -15.69 12.27 2.87
CA SER A 1 -14.83 13.21 2.12
C SER A 1 -14.80 12.86 0.63
N PRO A 2 -15.93 13.06 -0.07
CA PRO A 2 -16.04 12.76 -1.51
C PRO A 2 -15.01 13.54 -2.33
N ALA A 3 -14.15 12.80 -3.03
CA ALA A 3 -13.11 13.41 -3.86
C ALA A 3 -13.36 13.11 -5.34
N ALA A 4 -14.15 13.97 -5.99
CA ALA A 4 -14.47 13.81 -7.39
C ALA A 4 -13.74 14.84 -8.25
N MET A 5 -13.81 16.11 -7.84
CA MET A 5 -13.17 17.18 -8.58
C MET A 5 -12.02 17.73 -7.76
N GLU A 6 -11.80 17.09 -6.62
CA GLU A 6 -10.78 17.48 -5.69
C GLU A 6 -9.39 17.07 -6.19
N ARG A 7 -9.32 15.93 -6.87
CA ARG A 7 -8.05 15.44 -7.42
C ARG A 7 -8.20 15.18 -8.89
N GLN A 8 -8.50 16.24 -9.58
CA GLN A 8 -8.69 16.23 -11.02
C GLN A 8 -7.59 15.43 -11.73
N VAL A 9 -6.34 15.73 -11.40
CA VAL A 9 -5.20 15.05 -11.99
C VAL A 9 -5.05 13.63 -11.41
N PRO A 10 -4.42 12.71 -12.16
CA PRO A 10 -4.21 11.33 -11.72
C PRO A 10 -3.71 11.26 -10.28
N TYR A 11 -4.44 10.52 -9.45
CA TYR A 11 -4.08 10.35 -8.04
C TYR A 11 -2.74 9.63 -7.91
N THR A 12 -2.07 9.84 -6.78
CA THR A 12 -0.79 9.22 -6.52
C THR A 12 -0.69 8.70 -5.08
N PRO A 13 -1.08 7.43 -4.86
CA PRO A 13 -1.04 6.81 -3.53
C PRO A 13 0.37 6.45 -3.07
N CYS A 14 0.50 6.08 -1.80
CA CYS A 14 1.78 5.70 -1.19
C CYS A 14 2.97 6.43 -1.80
N SER A 15 3.53 7.42 -1.08
CA SER A 15 4.68 8.16 -1.58
C SER A 15 5.95 7.54 -1.00
N GLY A 16 6.78 6.99 -1.86
CA GLY A 16 7.98 6.34 -1.41
C GLY A 16 8.70 5.58 -2.50
N LEU A 17 9.64 4.75 -2.08
CA LEU A 17 10.40 3.90 -2.98
C LEU A 17 9.46 2.96 -3.73
N TYR A 18 8.44 2.49 -3.04
CA TYR A 18 7.47 1.55 -3.62
C TYR A 18 6.45 2.27 -4.49
N GLY A 19 6.08 3.47 -4.06
CA GLY A 19 5.15 4.31 -4.80
C GLY A 19 3.78 3.71 -5.06
N THR A 20 3.60 2.41 -4.82
CA THR A 20 2.29 1.79 -5.08
C THR A 20 1.68 1.20 -3.82
N ALA A 21 0.49 1.68 -3.48
CA ALA A 21 -0.23 1.22 -2.30
C ALA A 21 -1.08 0.00 -2.65
N GLN A 22 -0.63 -1.17 -2.18
CA GLN A 22 -1.35 -2.42 -2.47
C GLN A 22 -1.69 -3.18 -1.20
N CYS A 23 -2.14 -4.42 -1.37
CA CYS A 23 -2.51 -5.28 -0.26
C CYS A 23 -2.12 -6.72 -0.57
N CYS A 24 -1.58 -7.42 0.41
CA CYS A 24 -1.15 -8.79 0.22
C CYS A 24 -1.10 -9.55 1.55
N ALA A 25 -0.86 -10.85 1.46
CA ALA A 25 -0.77 -11.70 2.64
C ALA A 25 0.68 -11.92 3.06
N THR A 26 0.88 -12.43 4.26
CA THR A 26 2.22 -12.66 4.77
C THR A 26 2.40 -14.10 5.23
N ASP A 27 3.66 -14.56 5.25
CA ASP A 27 3.97 -15.92 5.67
C ASP A 27 4.10 -16.03 7.18
N VAL A 28 4.58 -17.17 7.65
CA VAL A 28 4.75 -17.42 9.07
C VAL A 28 5.71 -16.44 9.73
N LEU A 29 6.85 -16.18 9.08
CA LEU A 29 7.85 -15.28 9.63
C LEU A 29 7.49 -13.82 9.38
N GLY A 30 6.61 -13.57 8.42
CA GLY A 30 6.19 -12.21 8.12
C GLY A 30 6.73 -11.68 6.80
N VAL A 31 7.74 -12.35 6.24
CA VAL A 31 8.32 -11.92 4.98
C VAL A 31 7.81 -12.78 3.82
N ALA A 32 6.96 -12.20 2.98
CA ALA A 32 6.41 -12.91 1.83
C ALA A 32 5.45 -12.03 1.04
N ASP A 33 5.08 -12.49 -0.16
CA ASP A 33 4.17 -11.78 -1.02
C ASP A 33 3.10 -12.74 -1.56
N LEU A 34 2.29 -13.28 -0.64
CA LEU A 34 1.25 -14.23 -1.01
C LEU A 34 -0.08 -13.53 -1.30
N ASP A 35 -0.68 -13.89 -2.42
CA ASP A 35 -1.96 -13.29 -2.82
C ASP A 35 -1.88 -11.77 -2.80
N CYS A 36 -1.36 -11.19 -3.88
CA CYS A 36 -1.24 -9.74 -3.99
C CYS A 36 -2.25 -9.19 -4.99
N ALA A 37 -2.96 -8.14 -4.59
CA ALA A 37 -3.97 -7.53 -5.46
C ALA A 37 -4.17 -6.06 -5.12
N ASN A 38 -5.10 -5.43 -5.83
CA ASN A 38 -5.40 -4.01 -5.61
C ASN A 38 -6.27 -3.84 -4.36
N PRO A 39 -6.00 -2.78 -3.56
CA PRO A 39 -6.76 -2.51 -2.34
C PRO A 39 -7.95 -1.59 -2.61
N PRO A 40 -9.19 -2.09 -2.51
CA PRO A 40 -10.37 -1.29 -2.76
C PRO A 40 -10.91 -0.60 -1.50
N ALA A 41 -10.83 0.73 -1.49
CA ALA A 41 -11.31 1.53 -0.37
C ALA A 41 -11.19 3.02 -0.67
N THR A 42 -11.58 3.84 0.28
CA THR A 42 -11.45 5.29 0.14
C THR A 42 -10.31 5.78 1.02
N LEU A 43 -9.11 5.78 0.48
CA LEU A 43 -7.93 6.19 1.24
C LEU A 43 -8.02 7.66 1.66
N ALA A 44 -7.93 7.89 2.97
CA ALA A 44 -8.01 9.25 3.52
C ALA A 44 -6.75 9.62 4.29
N ASN A 45 -6.14 8.63 4.96
CA ASN A 45 -4.93 8.87 5.74
C ASN A 45 -4.22 7.55 6.06
N ALA A 46 -3.10 7.65 6.78
CA ALA A 46 -2.31 6.47 7.14
C ALA A 46 -3.17 5.37 7.75
N THR A 47 -3.83 5.68 8.86
CA THR A 47 -4.68 4.72 9.55
C THR A 47 -5.79 4.24 8.63
N HIS A 48 -6.33 5.16 7.83
CA HIS A 48 -7.40 4.83 6.90
C HIS A 48 -6.92 3.79 5.90
N PHE A 49 -5.63 3.85 5.57
CA PHE A 49 -5.01 2.91 4.65
C PHE A 49 -4.94 1.52 5.29
N GLU A 50 -4.75 1.50 6.60
CA GLU A 50 -4.68 0.25 7.34
C GLU A 50 -6.05 -0.41 7.38
N SER A 51 -7.08 0.41 7.59
CA SER A 51 -8.44 -0.04 7.65
C SER A 51 -8.89 -0.62 6.31
N THR A 52 -8.16 -0.29 5.25
CA THR A 52 -8.48 -0.76 3.90
C THR A 52 -8.19 -2.25 3.76
N CYS A 53 -7.07 -2.70 4.31
CA CYS A 53 -6.68 -4.09 4.22
C CYS A 53 -7.32 -4.93 5.33
N ALA A 54 -7.58 -4.31 6.47
CA ALA A 54 -8.19 -5.01 7.59
C ALA A 54 -9.64 -5.32 7.27
N ALA A 55 -10.15 -4.59 6.30
CA ALA A 55 -11.52 -4.74 5.84
C ALA A 55 -11.75 -6.07 5.12
N ILE A 56 -10.78 -6.49 4.31
CA ILE A 56 -10.91 -7.74 3.57
C ILE A 56 -10.15 -8.89 4.21
N GLY A 57 -9.51 -8.64 5.36
CA GLY A 57 -8.78 -9.70 6.04
C GLY A 57 -7.32 -9.79 5.64
N GLN A 58 -6.67 -8.65 5.45
CA GLN A 58 -5.26 -8.61 5.07
C GLN A 58 -4.56 -7.40 5.70
N ARG A 59 -3.31 -7.18 5.32
CA ARG A 59 -2.52 -6.07 5.87
C ARG A 59 -2.07 -5.12 4.76
N ALA A 60 -1.80 -3.87 5.14
CA ALA A 60 -1.39 -2.85 4.18
C ALA A 60 0.13 -2.89 3.95
N ARG A 61 0.53 -3.05 2.68
CA ARG A 61 1.95 -3.09 2.34
C ARG A 61 2.19 -2.43 0.98
N CYS A 62 3.15 -1.52 0.94
CA CYS A 62 3.48 -0.80 -0.28
C CYS A 62 4.69 -1.45 -0.95
N CYS A 63 4.48 -2.12 -2.09
CA CYS A 63 5.56 -2.81 -2.78
C CYS A 63 6.08 -2.02 -3.98
N VAL A 64 7.38 -2.14 -4.22
CA VAL A 64 8.05 -1.46 -5.33
C VAL A 64 8.16 -2.38 -6.54
N LEU A 65 8.11 -1.78 -7.72
CA LEU A 65 8.18 -2.51 -8.98
C LEU A 65 9.34 -3.51 -8.98
N PRO A 66 9.13 -4.72 -9.54
CA PRO A 66 10.16 -5.76 -9.60
C PRO A 66 11.40 -5.30 -10.36
N ILE A 67 12.58 -5.67 -9.85
CA ILE A 67 13.84 -5.29 -10.48
C ILE A 67 14.76 -6.51 -10.62
N LEU A 68 14.96 -6.96 -11.84
CA LEU A 68 15.81 -8.12 -12.12
C LEU A 68 17.20 -7.94 -11.50
N GLY A 69 17.51 -8.75 -10.47
CA GLY A 69 18.81 -8.65 -9.82
C GLY A 69 18.72 -8.38 -8.33
N GLN A 70 17.49 -8.21 -7.84
CA GLN A 70 17.27 -7.93 -6.42
C GLN A 70 15.93 -8.49 -5.96
N ASP A 71 15.78 -8.56 -4.65
CA ASP A 71 14.56 -9.08 -4.04
C ASP A 71 13.46 -8.01 -4.06
N ILE A 72 12.23 -8.42 -3.73
CA ILE A 72 11.11 -7.49 -3.70
C ILE A 72 11.08 -6.72 -2.39
N LEU A 73 11.14 -5.40 -2.49
CA LEU A 73 11.12 -4.53 -1.32
C LEU A 73 9.70 -4.15 -0.96
N CYS A 74 9.31 -4.42 0.29
CA CYS A 74 7.96 -4.10 0.76
C CYS A 74 7.91 -4.05 2.29
N GLN A 75 7.24 -3.04 2.83
CA GLN A 75 7.11 -2.90 4.27
C GLN A 75 5.93 -1.99 4.63
N THR A 76 5.48 -2.07 5.88
CA THR A 76 4.37 -1.26 6.34
C THR A 76 4.83 0.14 6.74
N PRO A 77 4.07 1.19 6.34
CA PRO A 77 4.43 2.57 6.66
C PRO A 77 3.91 3.01 8.01
N ALA A 78 4.72 3.78 8.73
CA ALA A 78 4.36 4.28 10.06
C ALA A 78 4.17 3.15 11.05
N GLY A 79 4.42 1.92 10.62
CA GLY A 79 4.27 0.78 11.49
C GLY A 79 2.82 0.45 11.78
N LEU A 80 1.98 0.60 10.77
CA LEU A 80 0.55 0.33 10.91
C LEU A 80 0.31 -1.12 11.35
N SER A 1 -2.52 25.31 -11.90
CA SER A 1 -2.09 24.17 -11.04
C SER A 1 -2.74 24.22 -9.66
N PRO A 2 -2.63 25.35 -8.91
CA PRO A 2 -3.22 25.48 -7.58
C PRO A 2 -4.73 25.28 -7.59
N ALA A 3 -5.18 24.18 -6.99
CA ALA A 3 -6.61 23.88 -6.93
C ALA A 3 -6.98 23.19 -5.62
N ALA A 4 -7.50 23.96 -4.68
CA ALA A 4 -7.89 23.43 -3.38
C ALA A 4 -9.40 23.34 -3.26
N MET A 5 -10.11 24.24 -3.94
CA MET A 5 -11.56 24.26 -3.91
C MET A 5 -12.14 23.81 -5.26
N GLU A 6 -11.25 23.56 -6.22
CA GLU A 6 -11.67 23.11 -7.55
C GLU A 6 -11.54 21.59 -7.66
N ARG A 7 -11.57 21.09 -8.90
CA ARG A 7 -11.46 19.65 -9.15
C ARG A 7 -10.27 19.06 -8.43
N GLN A 8 -10.54 18.10 -7.54
CA GLN A 8 -9.50 17.43 -6.77
C GLN A 8 -8.41 16.89 -7.68
N VAL A 9 -7.17 16.92 -7.20
CA VAL A 9 -6.03 16.43 -7.96
C VAL A 9 -5.78 14.95 -7.69
N PRO A 10 -5.15 14.24 -8.65
CA PRO A 10 -4.84 12.81 -8.52
C PRO A 10 -4.25 12.47 -7.15
N TYR A 11 -4.87 11.49 -6.48
CA TYR A 11 -4.41 11.06 -5.17
C TYR A 11 -2.94 10.66 -5.21
N THR A 12 -2.29 10.70 -4.05
CA THR A 12 -0.88 10.34 -3.96
C THR A 12 -0.64 9.34 -2.82
N PRO A 13 -0.68 8.03 -3.12
CA PRO A 13 -0.46 6.97 -2.12
C PRO A 13 1.00 6.86 -1.70
N CYS A 14 1.26 5.96 -0.75
CA CYS A 14 2.61 5.71 -0.21
C CYS A 14 3.69 6.30 -1.10
N SER A 15 4.41 7.28 -0.56
CA SER A 15 5.48 7.93 -1.31
C SER A 15 6.81 7.28 -0.95
N GLY A 16 7.45 6.69 -1.94
CA GLY A 16 8.69 5.99 -1.71
C GLY A 16 9.19 5.23 -2.91
N LEU A 17 10.16 4.37 -2.66
CA LEU A 17 10.73 3.51 -3.69
C LEU A 17 9.64 2.67 -4.34
N TYR A 18 8.68 2.22 -3.54
CA TYR A 18 7.59 1.37 -4.03
C TYR A 18 6.51 2.20 -4.72
N GLY A 19 6.24 3.35 -4.13
CA GLY A 19 5.28 4.30 -4.68
C GLY A 19 3.87 3.77 -4.91
N THR A 20 3.65 2.46 -4.76
CA THR A 20 2.32 1.91 -5.01
C THR A 20 1.67 1.32 -3.76
N ALA A 21 0.47 1.78 -3.47
CA ALA A 21 -0.30 1.30 -2.33
C ALA A 21 -1.11 0.08 -2.72
N GLN A 22 -0.66 -1.10 -2.28
CA GLN A 22 -1.33 -2.35 -2.61
C GLN A 22 -1.62 -3.18 -1.37
N CYS A 23 -2.04 -4.42 -1.58
CA CYS A 23 -2.36 -5.34 -0.51
C CYS A 23 -1.84 -6.73 -0.84
N CYS A 24 -1.31 -7.41 0.17
CA CYS A 24 -0.77 -8.75 -0.03
C CYS A 24 -0.64 -9.50 1.29
N ALA A 25 -0.64 -10.83 1.21
CA ALA A 25 -0.53 -11.68 2.38
C ALA A 25 0.93 -11.79 2.82
N THR A 26 1.15 -12.30 4.03
CA THR A 26 2.49 -12.44 4.56
C THR A 26 2.72 -13.80 5.20
N ASP A 27 3.99 -14.19 5.30
CA ASP A 27 4.37 -15.47 5.89
C ASP A 27 4.28 -15.42 7.42
N VAL A 28 4.81 -16.45 8.05
CA VAL A 28 4.79 -16.55 9.51
C VAL A 28 5.63 -15.46 10.18
N LEU A 29 6.83 -15.22 9.66
CA LEU A 29 7.73 -14.22 10.23
C LEU A 29 7.33 -12.79 9.84
N GLY A 30 6.54 -12.67 8.77
CA GLY A 30 6.10 -11.35 8.33
C GLY A 30 6.73 -10.89 7.03
N VAL A 31 7.80 -11.56 6.61
CA VAL A 31 8.47 -11.21 5.35
C VAL A 31 8.08 -12.17 4.23
N ALA A 32 7.28 -11.69 3.29
CA ALA A 32 6.84 -12.50 2.16
C ALA A 32 5.91 -11.71 1.24
N ASP A 33 5.61 -12.31 0.08
CA ASP A 33 4.72 -11.69 -0.90
C ASP A 33 3.80 -12.75 -1.48
N LEU A 34 2.61 -12.88 -0.90
CA LEU A 34 1.63 -13.87 -1.35
C LEU A 34 0.30 -13.23 -1.67
N ASP A 35 -0.28 -13.61 -2.81
CA ASP A 35 -1.57 -13.08 -3.23
C ASP A 35 -1.56 -11.56 -3.23
N CYS A 36 -1.13 -10.97 -4.34
CA CYS A 36 -1.08 -9.52 -4.47
C CYS A 36 -2.15 -9.02 -5.43
N ALA A 37 -2.86 -7.97 -5.03
CA ALA A 37 -3.92 -7.39 -5.85
C ALA A 37 -4.17 -5.94 -5.48
N ASN A 38 -5.14 -5.32 -6.13
CA ASN A 38 -5.48 -3.93 -5.86
C ASN A 38 -6.42 -3.82 -4.65
N PRO A 39 -6.19 -2.83 -3.77
CA PRO A 39 -7.01 -2.63 -2.58
C PRO A 39 -8.17 -1.69 -2.86
N PRO A 40 -9.43 -2.17 -2.80
CA PRO A 40 -10.60 -1.35 -3.05
C PRO A 40 -11.14 -0.68 -1.80
N ALA A 41 -11.05 0.65 -1.77
CA ALA A 41 -11.55 1.43 -0.64
C ALA A 41 -11.41 2.92 -0.92
N THR A 42 -11.81 3.74 0.04
CA THR A 42 -11.70 5.18 -0.09
C THR A 42 -10.60 5.68 0.85
N LEU A 43 -9.36 5.68 0.35
CA LEU A 43 -8.22 6.10 1.15
C LEU A 43 -8.36 7.54 1.60
N ALA A 44 -8.31 7.76 2.91
CA ALA A 44 -8.42 9.10 3.47
C ALA A 44 -7.17 9.47 4.26
N ASN A 45 -6.64 8.50 5.01
CA ASN A 45 -5.45 8.72 5.82
C ASN A 45 -4.69 7.41 6.02
N ALA A 46 -3.71 7.43 6.93
CA ALA A 46 -2.91 6.25 7.23
C ALA A 46 -3.76 5.15 7.85
N THR A 47 -4.61 5.52 8.80
CA THR A 47 -5.48 4.57 9.46
C THR A 47 -6.55 4.05 8.51
N HIS A 48 -7.12 4.96 7.73
CA HIS A 48 -8.15 4.59 6.77
C HIS A 48 -7.60 3.58 5.78
N PHE A 49 -6.32 3.73 5.45
CA PHE A 49 -5.64 2.83 4.53
C PHE A 49 -5.48 1.46 5.16
N GLU A 50 -5.24 1.43 6.47
CA GLU A 50 -5.09 0.18 7.20
C GLU A 50 -6.41 -0.58 7.22
N SER A 51 -7.50 0.17 7.24
CA SER A 51 -8.84 -0.41 7.25
C SER A 51 -9.22 -0.95 5.87
N THR A 52 -8.44 -0.56 4.87
CA THR A 52 -8.69 -0.99 3.50
C THR A 52 -8.30 -2.46 3.31
N CYS A 53 -7.18 -2.85 3.90
CA CYS A 53 -6.70 -4.22 3.80
C CYS A 53 -7.31 -5.11 4.87
N ALA A 54 -7.60 -4.54 6.02
CA ALA A 54 -8.19 -5.29 7.11
C ALA A 54 -9.61 -5.68 6.78
N ALA A 55 -10.16 -4.95 5.82
CA ALA A 55 -11.52 -5.15 5.36
C ALA A 55 -11.69 -6.52 4.68
N ILE A 56 -10.68 -6.92 3.91
CA ILE A 56 -10.73 -8.19 3.19
C ILE A 56 -9.88 -9.28 3.87
N GLY A 57 -9.24 -8.94 4.98
CA GLY A 57 -8.42 -9.92 5.69
C GLY A 57 -6.95 -9.84 5.36
N GLN A 58 -6.40 -8.63 5.29
CA GLN A 58 -4.98 -8.44 4.99
C GLN A 58 -4.45 -7.16 5.65
N ARG A 59 -3.19 -6.83 5.35
CA ARG A 59 -2.58 -5.63 5.93
C ARG A 59 -2.13 -4.66 4.85
N ALA A 60 -2.05 -3.37 5.20
CA ALA A 60 -1.66 -2.33 4.27
C ALA A 60 -0.15 -2.33 4.05
N ARG A 61 0.29 -2.40 2.79
CA ARG A 61 1.72 -2.40 2.47
C ARG A 61 1.97 -1.76 1.11
N CYS A 62 3.18 -1.25 0.94
CA CYS A 62 3.58 -0.60 -0.31
C CYS A 62 4.80 -1.32 -0.89
N CYS A 63 4.58 -2.11 -1.94
CA CYS A 63 5.65 -2.88 -2.56
C CYS A 63 6.03 -2.35 -3.93
N VAL A 64 7.32 -2.43 -4.25
CA VAL A 64 7.85 -1.96 -5.53
C VAL A 64 7.85 -3.10 -6.57
N LEU A 65 7.61 -2.73 -7.83
CA LEU A 65 7.57 -3.70 -8.92
C LEU A 65 8.79 -4.61 -8.90
N PRO A 66 8.59 -5.92 -9.16
CA PRO A 66 9.69 -6.91 -9.18
C PRO A 66 10.72 -6.61 -10.26
N ILE A 67 11.99 -6.78 -9.92
CA ILE A 67 13.08 -6.54 -10.86
C ILE A 67 14.07 -7.71 -10.85
N LEU A 68 14.04 -8.49 -11.93
CA LEU A 68 14.92 -9.65 -12.06
C LEU A 68 16.37 -9.28 -11.74
N GLY A 69 16.87 -9.79 -10.61
CA GLY A 69 18.24 -9.51 -10.21
C GLY A 69 18.34 -8.98 -8.81
N GLN A 70 17.21 -8.60 -8.22
CA GLN A 70 17.17 -8.07 -6.86
C GLN A 70 16.01 -8.66 -6.07
N ASP A 71 16.05 -8.41 -4.78
CA ASP A 71 15.01 -8.88 -3.88
C ASP A 71 13.81 -7.94 -3.91
N ILE A 72 12.68 -8.37 -3.34
CA ILE A 72 11.48 -7.56 -3.32
C ILE A 72 11.52 -6.57 -2.15
N LEU A 73 11.36 -5.28 -2.45
CA LEU A 73 11.38 -4.24 -1.43
C LEU A 73 9.96 -3.83 -1.07
N CYS A 74 9.55 -4.10 0.17
CA CYS A 74 8.21 -3.73 0.61
C CYS A 74 8.09 -3.71 2.13
N GLN A 75 7.40 -2.71 2.66
CA GLN A 75 7.21 -2.57 4.10
C GLN A 75 6.01 -1.67 4.41
N THR A 76 5.53 -1.74 5.64
CA THR A 76 4.39 -0.94 6.07
C THR A 76 4.84 0.41 6.65
N PRO A 77 4.29 1.54 6.13
CA PRO A 77 4.67 2.88 6.59
C PRO A 77 4.52 3.05 8.12
N ALA A 78 5.66 3.14 8.80
CA ALA A 78 5.68 3.32 10.26
C ALA A 78 4.87 2.26 10.99
N GLY A 79 4.84 1.04 10.47
CA GLY A 79 4.09 -0.03 11.10
C GLY A 79 2.61 0.27 11.17
N LEU A 80 2.18 1.17 10.29
CA LEU A 80 0.79 1.58 10.21
C LEU A 80 -0.12 0.38 9.97
N SER A 1 -0.42 28.45 1.28
CA SER A 1 -1.90 28.45 1.13
C SER A 1 -2.41 27.08 0.67
N PRO A 2 -2.39 26.08 1.58
CA PRO A 2 -2.86 24.73 1.26
C PRO A 2 -4.30 24.71 0.76
N ALA A 3 -4.48 24.41 -0.52
CA ALA A 3 -5.80 24.36 -1.12
C ALA A 3 -6.29 22.93 -1.28
N ALA A 4 -7.13 22.49 -0.36
CA ALA A 4 -7.67 21.14 -0.39
C ALA A 4 -9.06 21.13 -1.05
N MET A 5 -9.71 22.28 -1.04
CA MET A 5 -11.04 22.41 -1.64
C MET A 5 -10.98 23.27 -2.89
N GLU A 6 -10.17 24.31 -2.85
CA GLU A 6 -10.02 25.23 -3.97
C GLU A 6 -9.43 24.51 -5.19
N ARG A 7 -8.43 23.67 -4.96
CA ARG A 7 -7.78 22.94 -6.03
C ARG A 7 -6.90 21.83 -5.47
N GLN A 8 -7.52 20.68 -5.24
CA GLN A 8 -6.82 19.51 -4.71
C GLN A 8 -5.57 19.21 -5.52
N VAL A 9 -4.52 18.75 -4.84
CA VAL A 9 -3.26 18.42 -5.51
C VAL A 9 -3.29 16.99 -6.05
N PRO A 10 -2.70 16.79 -7.24
CA PRO A 10 -2.63 15.50 -7.91
C PRO A 10 -2.58 14.32 -6.95
N TYR A 11 -3.56 13.43 -7.07
CA TYR A 11 -3.64 12.25 -6.21
C TYR A 11 -2.29 11.52 -6.15
N THR A 12 -1.98 10.96 -4.98
CA THR A 12 -0.73 10.25 -4.79
C THR A 12 -0.82 9.25 -3.64
N PRO A 13 -1.07 7.96 -3.96
CA PRO A 13 -1.18 6.90 -2.95
C PRO A 13 0.18 6.45 -2.44
N CYS A 14 0.17 5.70 -1.33
CA CYS A 14 1.40 5.20 -0.73
C CYS A 14 2.46 6.27 -0.61
N SER A 15 3.70 5.83 -0.40
CA SER A 15 4.81 6.76 -0.25
C SER A 15 6.03 6.36 -1.09
N GLY A 16 7.18 6.86 -0.64
CA GLY A 16 8.51 6.67 -1.24
C GLY A 16 8.72 5.50 -2.22
N LEU A 17 9.96 5.02 -2.20
CA LEU A 17 10.48 3.94 -3.07
C LEU A 17 9.42 2.99 -3.62
N TYR A 18 8.47 2.57 -2.81
CA TYR A 18 7.48 1.60 -3.27
C TYR A 18 6.54 2.20 -4.31
N GLY A 19 6.20 3.47 -4.15
CA GLY A 19 5.36 4.17 -5.11
C GLY A 19 4.00 3.54 -5.37
N THR A 20 3.75 2.32 -4.89
CA THR A 20 2.47 1.65 -5.16
C THR A 20 1.79 1.21 -3.87
N ALA A 21 0.46 1.26 -3.87
CA ALA A 21 -0.34 0.87 -2.72
C ALA A 21 -1.12 -0.39 -3.04
N GLN A 22 -0.73 -1.51 -2.42
CA GLN A 22 -1.38 -2.78 -2.68
C GLN A 22 -1.79 -3.48 -1.38
N CYS A 23 -2.24 -4.72 -1.52
CA CYS A 23 -2.67 -5.51 -0.37
C CYS A 23 -2.13 -6.93 -0.50
N CYS A 24 -1.11 -7.24 0.30
CA CYS A 24 -0.49 -8.56 0.24
C CYS A 24 -0.45 -9.22 1.62
N ALA A 25 -0.46 -10.56 1.62
CA ALA A 25 -0.41 -11.33 2.86
C ALA A 25 1.04 -11.60 3.23
N THR A 26 1.28 -12.05 4.46
CA THR A 26 2.62 -12.33 4.92
C THR A 26 2.79 -13.77 5.38
N ASP A 27 4.03 -14.25 5.37
CA ASP A 27 4.33 -15.62 5.75
C ASP A 27 4.54 -15.75 7.26
N VAL A 28 5.01 -16.91 7.69
CA VAL A 28 5.25 -17.18 9.10
C VAL A 28 6.27 -16.23 9.71
N LEU A 29 7.38 -16.00 9.00
CA LEU A 29 8.43 -15.13 9.50
C LEU A 29 8.09 -13.66 9.28
N GLY A 30 7.18 -13.39 8.35
CA GLY A 30 6.77 -12.02 8.06
C GLY A 30 7.28 -11.48 6.73
N VAL A 31 8.29 -12.13 6.16
CA VAL A 31 8.84 -11.69 4.87
C VAL A 31 8.34 -12.58 3.74
N ALA A 32 7.44 -12.03 2.92
CA ALA A 32 6.89 -12.77 1.77
C ALA A 32 5.79 -11.96 1.08
N ASP A 33 5.36 -12.46 -0.07
CA ASP A 33 4.31 -11.82 -0.86
C ASP A 33 3.28 -12.87 -1.28
N LEU A 34 2.32 -13.13 -0.40
CA LEU A 34 1.28 -14.13 -0.66
C LEU A 34 -0.08 -13.50 -0.92
N ASP A 35 -0.78 -14.01 -1.92
CA ASP A 35 -2.12 -13.52 -2.25
C ASP A 35 -2.18 -12.00 -2.19
N CYS A 36 -1.71 -11.34 -3.24
CA CYS A 36 -1.71 -9.88 -3.27
C CYS A 36 -2.38 -9.36 -4.54
N ALA A 37 -3.17 -8.29 -4.38
CA ALA A 37 -3.88 -7.68 -5.50
C ALA A 37 -4.20 -6.22 -5.22
N ASN A 38 -4.96 -5.61 -6.12
CA ASN A 38 -5.35 -4.21 -5.99
C ASN A 38 -6.24 -4.01 -4.75
N PRO A 39 -5.95 -2.98 -3.93
CA PRO A 39 -6.73 -2.68 -2.73
C PRO A 39 -7.87 -1.71 -3.02
N PRO A 40 -9.13 -2.17 -2.97
CA PRO A 40 -10.28 -1.33 -3.24
C PRO A 40 -10.84 -0.66 -2.00
N ALA A 41 -10.75 0.66 -1.96
CA ALA A 41 -11.27 1.45 -0.84
C ALA A 41 -11.14 2.94 -1.12
N THR A 42 -11.56 3.75 -0.15
CA THR A 42 -11.46 5.19 -0.26
C THR A 42 -10.34 5.68 0.63
N LEU A 43 -9.12 5.73 0.08
CA LEU A 43 -7.96 6.16 0.84
C LEU A 43 -8.04 7.63 1.22
N ALA A 44 -7.98 7.90 2.53
CA ALA A 44 -8.04 9.27 3.03
C ALA A 44 -6.77 9.62 3.79
N ASN A 45 -6.27 8.68 4.58
CA ASN A 45 -5.05 8.89 5.35
C ASN A 45 -4.31 7.57 5.59
N ALA A 46 -3.33 7.60 6.49
CA ALA A 46 -2.55 6.41 6.81
C ALA A 46 -3.41 5.32 7.43
N THR A 47 -4.18 5.70 8.45
CA THR A 47 -5.05 4.76 9.14
C THR A 47 -6.14 4.25 8.20
N HIS A 48 -6.69 5.15 7.39
CA HIS A 48 -7.73 4.77 6.44
C HIS A 48 -7.19 3.73 5.47
N PHE A 49 -5.90 3.84 5.18
CA PHE A 49 -5.25 2.89 4.27
C PHE A 49 -5.15 1.52 4.93
N GLU A 50 -4.88 1.52 6.24
CA GLU A 50 -4.80 0.28 6.99
C GLU A 50 -6.14 -0.43 6.99
N SER A 51 -7.20 0.35 7.15
CA SER A 51 -8.55 -0.15 7.16
C SER A 51 -8.94 -0.76 5.81
N THR A 52 -8.21 -0.38 4.77
CA THR A 52 -8.47 -0.88 3.42
C THR A 52 -8.12 -2.36 3.30
N CYS A 53 -7.02 -2.75 3.93
CA CYS A 53 -6.57 -4.14 3.86
C CYS A 53 -7.20 -4.99 4.96
N ALA A 54 -7.46 -4.38 6.11
CA ALA A 54 -8.06 -5.09 7.23
C ALA A 54 -9.50 -5.44 6.89
N ALA A 55 -10.03 -4.73 5.92
CA ALA A 55 -11.39 -4.91 5.46
C ALA A 55 -11.60 -6.27 4.80
N ILE A 56 -10.63 -6.73 4.02
CA ILE A 56 -10.75 -8.00 3.32
C ILE A 56 -9.90 -9.11 3.94
N GLY A 57 -9.22 -8.82 5.05
CA GLY A 57 -8.42 -9.85 5.71
C GLY A 57 -6.94 -9.79 5.36
N GLN A 58 -6.37 -8.58 5.33
CA GLN A 58 -4.96 -8.40 5.01
C GLN A 58 -4.41 -7.15 5.68
N ARG A 59 -3.16 -6.82 5.39
CA ARG A 59 -2.53 -5.63 5.97
C ARG A 59 -1.98 -4.72 4.87
N ALA A 60 -1.86 -3.43 5.18
CA ALA A 60 -1.37 -2.45 4.22
C ALA A 60 0.11 -2.68 3.93
N ARG A 61 0.42 -2.96 2.66
CA ARG A 61 1.80 -3.20 2.26
C ARG A 61 2.15 -2.36 1.03
N CYS A 62 3.19 -1.56 1.15
CA CYS A 62 3.64 -0.71 0.06
C CYS A 62 4.77 -1.40 -0.70
N CYS A 63 4.47 -1.88 -1.90
CA CYS A 63 5.46 -2.60 -2.70
C CYS A 63 6.00 -1.77 -3.86
N VAL A 64 7.23 -2.05 -4.23
CA VAL A 64 7.91 -1.37 -5.33
C VAL A 64 7.99 -2.29 -6.55
N LEU A 65 8.00 -1.66 -7.73
CA LEU A 65 8.06 -2.40 -8.99
C LEU A 65 9.19 -3.43 -8.98
N PRO A 66 8.87 -4.73 -9.21
CA PRO A 66 9.87 -5.80 -9.21
C PRO A 66 10.87 -5.67 -10.36
N ILE A 67 12.14 -5.94 -10.06
CA ILE A 67 13.20 -5.85 -11.06
C ILE A 67 14.06 -7.11 -11.03
N LEU A 68 13.98 -7.89 -12.11
CA LEU A 68 14.75 -9.13 -12.22
C LEU A 68 16.21 -8.89 -11.81
N GLY A 69 16.60 -9.42 -10.65
CA GLY A 69 17.96 -9.26 -10.17
C GLY A 69 18.01 -8.78 -8.74
N GLN A 70 16.88 -8.29 -8.23
CA GLN A 70 16.81 -7.80 -6.86
C GLN A 70 15.64 -8.42 -6.11
N ASP A 71 15.67 -8.25 -4.80
CA ASP A 71 14.63 -8.77 -3.93
C ASP A 71 13.43 -7.83 -3.91
N ILE A 72 12.28 -8.35 -3.46
CA ILE A 72 11.08 -7.54 -3.40
C ILE A 72 11.04 -6.71 -2.11
N LEU A 73 10.96 -5.38 -2.28
CA LEU A 73 10.93 -4.48 -1.14
C LEU A 73 9.49 -4.10 -0.78
N CYS A 74 9.02 -4.64 0.35
CA CYS A 74 7.67 -4.37 0.81
C CYS A 74 7.60 -4.29 2.34
N GLN A 75 6.99 -3.24 2.86
CA GLN A 75 6.86 -3.08 4.31
C GLN A 75 5.74 -2.10 4.65
N THR A 76 5.28 -2.15 5.89
CA THR A 76 4.21 -1.27 6.36
C THR A 76 4.76 0.08 6.83
N PRO A 77 4.12 1.20 6.43
CA PRO A 77 4.56 2.54 6.81
C PRO A 77 3.99 2.98 8.16
N ALA A 78 4.81 3.69 8.93
CA ALA A 78 4.40 4.19 10.25
C ALA A 78 4.13 3.05 11.23
N GLY A 79 4.33 1.82 10.77
CA GLY A 79 4.12 0.68 11.63
C GLY A 79 2.65 0.43 11.91
N LEU A 80 1.81 0.68 10.91
CA LEU A 80 0.37 0.49 11.04
C LEU A 80 0.04 -0.92 11.54
#